data_9MLA
#
_entry.id   9MLA
#
_cell.length_a   1.00
_cell.length_b   1.00
_cell.length_c   1.00
_cell.angle_alpha   90.00
_cell.angle_beta   90.00
_cell.angle_gamma   90.00
#
_symmetry.space_group_name_H-M   'P 1'
#
loop_
_entity.id
_entity.type
_entity.pdbx_description
1 polymer 'Surface protein'
2 polymer 'Transmembrane protein,Fibritin'
3 polymer 'Kenv-6 Fab heavy chain'
4 polymer 'Kenv-6 Fab light chain'
5 branched alpha-D-mannopyranose-(1-3)-[alpha-D-mannopyranose-(1-6)]beta-D-mannopyranose-(1-4)-2-acetamido-2-deoxy-beta-D-glucopyranose-(1-4)-2-acetamido-2-deoxy-beta-D-glucopyranose
6 branched 2-acetamido-2-deoxy-beta-D-glucopyranose-(1-4)-2-acetamido-2-deoxy-beta-D-glucopyranose
7 branched beta-D-mannopyranose-(1-4)-2-acetamido-2-deoxy-beta-D-glucopyranose-(1-4)-2-acetamido-2-deoxy-beta-D-glucopyranose
8 branched beta-D-mannopyranose-(1-4)-2-acetamido-2-deoxy-beta-D-glucopyranose-(1-4)-[alpha-L-fucopyranose-(1-6)]2-acetamido-2-deoxy-beta-D-glucopyranose
9 non-polymer 2-acetamido-2-deoxy-beta-D-glucopyranose
#
loop_
_entity_poly.entity_id
_entity_poly.type
_entity_poly.pdbx_seq_one_letter_code
_entity_poly.pdbx_strand_id
1 'polypeptide(L)'
;AAANYTYWAYVPFPPLIRAVTWMDNPIEVYVNDSVWVPGPIDDRCPAKPEEEGMMINISIGYRYPPICLGRAPGCLMPAV
QNWLVEVPTVSPISRFTYHMVSGMSLRPRVNYLQDFSYQRSLKFRPKGKPCPKEIPKESKNTEVLVWEECVANSAVILQN
NEFGTIIDWAPRGQFYHNCSGQTQSCPSAQVSPAVDSDLTESLDKHKHKKLQSFYPWEWGEKGISTPRPKIISPVSGPEH
PELWRLTVASHHIRIWSGNQTLETRDRKPFYTVDLNSSLTVPLQSCVKPPYMLVVGNIVIKPDSQTITCENCRLLTCIDS
TFNWQHRILLVRAREGVWIPCSMDRPWEASPSIHILTEVLKGVLNRRRR
;
A,B,C
2 'polypeptide(L)'
;FIFTLIAVIMGLIAVTATAAVAGVALHSSVQSCNFVNDWQKNSTRLWNSQSSIDQKLANQINDLRQTVIWMGDRLMSLEH
RFQLQCDWNTSDFCITPQIYNESEHHWDMVRRHLQGREDNLTLDISKLKEQIFEASKAHLNLVPGTEAIAGVADGLANLN
PVTWVKTDDDDKAGGSGGSGGSGGGYIPEAPRDGQAYVRKDGEWVLLSTFLASGLEVLFQGPGAGWSHPQFEKGGGSGGG
SGGGSWSHPQFEK
;
D,E,F
3 'polypeptide(L)'
;QIQLVQSGPELKKPGETVKISCKASGYTFTIYGMNWLKQAPGKGLKWMGWINTYTGEPTYADDFKGRFAFSLETSASTAY
LQVNNLKNEDTATYFCAKYYDGYYGWYFDVWGAGTTLTV
;
G,H,I
4 'polypeptide(L)'
;IVLTQSPASLAVTLGQRATISCRGSESVDSYGNSFMHWYQQKPGQPPKLLIYRASNLESGIPARFSGSGSRTDFTLTINP
VEADDVATYYCQQSYEDPYTFGGGTKL
;
J,K,L
#
loop_
_chem_comp.id
_chem_comp.type
_chem_comp.name
_chem_comp.formula
BMA D-saccharide, beta linking beta-D-mannopyranose 'C6 H12 O6'
FUC L-saccharide, alpha linking alpha-L-fucopyranose 'C6 H12 O5'
MAN D-saccharide, alpha linking alpha-D-mannopyranose 'C6 H12 O6'
NAG D-saccharide, beta linking 2-acetamido-2-deoxy-beta-D-glucopyranose 'C8 H15 N O6'
#
# COMPACT_ATOMS: atom_id res chain seq x y z
N ASN A 4 33.51 -32.06 -45.56
CA ASN A 4 34.06 -32.61 -44.34
C ASN A 4 32.97 -32.84 -43.30
N TYR A 5 31.72 -32.63 -43.72
CA TYR A 5 30.54 -32.86 -42.89
C TYR A 5 30.60 -32.00 -41.61
N THR A 6 30.56 -30.69 -41.83
CA THR A 6 30.37 -29.73 -40.76
C THR A 6 28.89 -29.41 -40.65
N TYR A 7 28.35 -29.50 -39.43
CA TYR A 7 26.93 -29.33 -39.20
C TYR A 7 26.71 -28.34 -38.07
N TRP A 8 25.51 -27.75 -38.06
CA TRP A 8 25.10 -26.87 -36.98
C TRP A 8 24.68 -27.71 -35.77
N ALA A 9 25.23 -27.38 -34.61
CA ALA A 9 24.89 -28.06 -33.37
C ALA A 9 24.32 -27.06 -32.38
N TYR A 10 23.41 -27.54 -31.54
CA TYR A 10 22.83 -26.74 -30.47
C TYR A 10 23.29 -27.29 -29.13
N VAL A 11 23.85 -26.43 -28.31
CA VAL A 11 24.34 -26.81 -26.98
C VAL A 11 23.46 -26.16 -25.92
N PRO A 12 22.56 -26.91 -25.30
CA PRO A 12 21.63 -26.29 -24.32
C PRO A 12 22.31 -25.71 -23.09
N PHE A 13 23.42 -26.28 -22.63
CA PHE A 13 24.08 -25.83 -21.40
C PHE A 13 25.57 -25.62 -21.64
N PRO A 14 25.94 -24.54 -22.33
CA PRO A 14 27.36 -24.26 -22.54
C PRO A 14 28.00 -23.71 -21.29
N PRO A 15 29.27 -24.02 -21.05
CA PRO A 15 30.01 -23.45 -19.91
C PRO A 15 30.42 -22.00 -20.15
N LEU A 16 29.45 -21.16 -20.53
CA LEU A 16 29.66 -19.76 -20.84
C LEU A 16 28.85 -18.90 -19.89
N ILE A 17 29.21 -17.62 -19.82
CA ILE A 17 28.52 -16.66 -18.98
C ILE A 17 28.16 -15.43 -19.80
N ARG A 18 27.16 -14.71 -19.32
CA ARG A 18 26.78 -13.42 -19.88
C ARG A 18 26.60 -12.43 -18.74
N ALA A 19 26.87 -11.16 -19.04
CA ALA A 19 26.79 -10.14 -18.00
C ALA A 19 25.34 -9.79 -17.69
N VAL A 20 25.08 -9.54 -16.41
CA VAL A 20 23.79 -9.01 -15.97
C VAL A 20 23.77 -7.50 -16.25
N THR A 21 22.71 -7.03 -16.88
CA THR A 21 22.62 -5.65 -17.31
C THR A 21 21.57 -4.88 -16.50
N TRP A 22 21.54 -3.57 -16.74
CA TRP A 22 20.57 -2.71 -16.06
C TRP A 22 19.15 -2.93 -16.56
N MET A 23 18.98 -3.61 -17.69
CA MET A 23 17.64 -3.93 -18.18
C MET A 23 17.11 -5.23 -17.61
N ASP A 24 17.90 -5.95 -16.83
CA ASP A 24 17.41 -7.12 -16.12
C ASP A 24 16.58 -6.70 -14.91
N ASN A 25 15.72 -7.60 -14.47
CA ASN A 25 14.99 -7.40 -13.23
C ASN A 25 15.87 -7.77 -12.04
N PRO A 26 15.57 -7.25 -10.85
CA PRO A 26 16.46 -7.45 -9.71
C PRO A 26 16.65 -8.93 -9.36
N ILE A 27 17.86 -9.25 -8.92
CA ILE A 27 18.22 -10.61 -8.51
C ILE A 27 18.28 -10.66 -6.99
N GLU A 28 18.46 -11.87 -6.47
CA GLU A 28 18.46 -12.10 -5.03
C GLU A 28 19.89 -12.09 -4.50
N VAL A 29 20.16 -11.24 -3.52
CA VAL A 29 21.43 -11.21 -2.80
C VAL A 29 21.13 -11.55 -1.34
N TYR A 30 21.83 -12.53 -0.80
CA TYR A 30 21.56 -13.06 0.53
C TYR A 30 22.62 -12.57 1.51
N VAL A 31 22.16 -12.02 2.63
CA VAL A 31 23.04 -11.62 3.72
C VAL A 31 22.80 -12.58 4.88
N ASN A 32 23.83 -12.75 5.71
CA ASN A 32 23.79 -13.74 6.78
C ASN A 32 23.38 -13.17 8.13
N ASP A 33 23.03 -11.89 8.22
CA ASP A 33 22.68 -11.26 9.49
C ASP A 33 21.40 -10.47 9.33
N SER A 34 20.32 -10.97 9.93
CA SER A 34 19.00 -10.35 9.78
C SER A 34 18.72 -9.28 10.83
N VAL A 35 19.56 -9.15 11.85
CA VAL A 35 19.31 -8.14 12.89
C VAL A 35 19.44 -6.74 12.32
N TRP A 36 20.42 -6.51 11.46
CA TRP A 36 20.73 -5.16 10.97
C TRP A 36 20.35 -4.93 9.52
N VAL A 37 20.09 -5.97 8.74
CA VAL A 37 19.84 -5.82 7.31
C VAL A 37 18.59 -6.60 6.94
N PRO A 38 17.71 -6.06 6.09
CA PRO A 38 16.52 -6.80 5.68
C PRO A 38 16.88 -8.03 4.83
N GLY A 39 15.86 -8.84 4.57
CA GLY A 39 16.04 -10.09 3.87
C GLY A 39 16.20 -9.88 2.38
N PRO A 40 16.39 -10.99 1.65
CA PRO A 40 16.43 -12.40 2.11
C PRO A 40 17.69 -12.78 2.87
N ILE A 41 17.58 -13.76 3.77
CA ILE A 41 18.64 -14.12 4.68
C ILE A 41 19.10 -15.55 4.40
N ASP A 42 20.41 -15.75 4.42
CA ASP A 42 20.99 -17.10 4.40
C ASP A 42 22.33 -17.05 5.09
N ASP A 43 22.48 -17.78 6.18
CA ASP A 43 23.72 -17.78 6.95
C ASP A 43 24.69 -18.88 6.54
N ARG A 44 24.31 -19.74 5.61
CA ARG A 44 25.17 -20.84 5.21
C ARG A 44 26.37 -20.32 4.41
N CYS A 45 27.47 -21.05 4.49
CA CYS A 45 28.61 -20.81 3.64
C CYS A 45 28.31 -21.28 2.22
N PRO A 46 29.07 -20.81 1.22
CA PRO A 46 28.87 -21.30 -0.15
C PRO A 46 29.06 -22.81 -0.23
N ALA A 47 28.32 -23.42 -1.15
CA ALA A 47 28.30 -24.88 -1.25
C ALA A 47 29.66 -25.46 -1.61
N LYS A 48 30.48 -24.70 -2.34
CA LYS A 48 31.82 -25.16 -2.77
C LYS A 48 32.84 -24.12 -2.35
N PRO A 49 33.18 -24.06 -1.05
CA PRO A 49 34.13 -23.04 -0.58
C PRO A 49 35.52 -23.17 -1.19
N GLU A 50 35.89 -24.33 -1.69
CA GLU A 50 37.21 -24.53 -2.28
C GLU A 50 37.28 -24.09 -3.74
N GLU A 51 36.17 -23.70 -4.34
CA GLU A 51 36.15 -23.22 -5.72
C GLU A 51 36.21 -21.70 -5.83
N GLU A 52 36.03 -20.98 -4.72
CA GLU A 52 36.03 -19.52 -4.76
C GLU A 52 37.40 -19.00 -5.16
N GLY A 53 37.40 -18.00 -6.04
CA GLY A 53 38.62 -17.37 -6.46
C GLY A 53 39.33 -18.01 -7.62
N MET A 54 38.65 -18.84 -8.41
CA MET A 54 39.26 -19.44 -9.58
C MET A 54 39.49 -18.39 -10.66
N MET A 55 40.69 -18.36 -11.22
CA MET A 55 41.04 -17.36 -12.20
C MET A 55 40.44 -17.67 -13.56
N ILE A 56 40.15 -16.61 -14.31
CA ILE A 56 39.52 -16.75 -15.62
C ILE A 56 39.79 -15.49 -16.42
N ASN A 57 40.00 -15.67 -17.72
CA ASN A 57 40.05 -14.57 -18.68
C ASN A 57 38.70 -14.47 -19.36
N ILE A 58 38.18 -13.25 -19.48
CA ILE A 58 36.84 -13.00 -19.98
C ILE A 58 36.91 -11.98 -21.10
N SER A 59 36.22 -12.27 -22.20
CA SER A 59 36.08 -11.32 -23.31
C SER A 59 34.68 -11.55 -23.91
N ILE A 60 33.71 -10.78 -23.46
CA ILE A 60 32.32 -10.97 -23.85
C ILE A 60 31.75 -9.64 -24.32
N GLY A 61 30.64 -9.73 -25.07
CA GLY A 61 29.89 -8.58 -25.47
C GLY A 61 28.64 -8.40 -24.62
N TYR A 62 27.89 -7.34 -24.93
CA TYR A 62 26.63 -7.08 -24.28
C TYR A 62 25.75 -6.25 -25.20
N ARG A 63 24.46 -6.25 -24.91
CA ARG A 63 23.50 -5.42 -25.62
C ARG A 63 23.11 -4.17 -24.83
N TYR A 64 22.88 -4.32 -23.54
CA TYR A 64 22.54 -3.26 -22.62
C TYR A 64 23.67 -3.08 -21.60
N PRO A 65 23.81 -1.89 -21.01
CA PRO A 65 24.98 -1.62 -20.16
C PRO A 65 25.07 -2.60 -19.01
N PRO A 66 26.24 -3.19 -18.80
CA PRO A 66 26.41 -4.16 -17.72
C PRO A 66 26.43 -3.48 -16.36
N ILE A 67 26.09 -4.26 -15.33
CA ILE A 67 26.08 -3.78 -13.95
C ILE A 67 27.43 -4.08 -13.33
N CYS A 68 28.19 -3.03 -13.01
CA CYS A 68 29.52 -3.15 -12.46
C CYS A 68 29.66 -2.22 -11.27
N LEU A 69 30.40 -2.66 -10.26
CA LEU A 69 30.68 -1.88 -9.07
C LEU A 69 32.19 -1.71 -8.91
N GLY A 70 32.61 -0.49 -8.60
CA GLY A 70 33.99 -0.20 -8.36
C GLY A 70 34.36 1.17 -8.90
N ARG A 71 35.65 1.43 -8.98
CA ARG A 71 36.18 2.72 -9.42
C ARG A 71 36.80 2.53 -10.80
N ALA A 72 35.95 2.62 -11.82
CA ALA A 72 36.36 2.45 -13.20
C ALA A 72 35.22 2.96 -14.08
N PRO A 73 35.52 3.33 -15.33
CA PRO A 73 34.45 3.78 -16.23
C PRO A 73 33.41 2.69 -16.44
N GLY A 74 32.14 3.05 -16.25
CA GLY A 74 31.04 2.13 -16.37
C GLY A 74 30.64 1.41 -15.10
N CYS A 75 31.38 1.60 -14.00
CA CYS A 75 31.08 0.95 -12.74
C CYS A 75 30.66 1.99 -11.71
N LEU A 76 29.69 1.63 -10.88
CA LEU A 76 29.20 2.53 -9.84
C LEU A 76 30.19 2.57 -8.68
N MET A 77 30.56 3.78 -8.27
CA MET A 77 31.51 3.99 -7.18
C MET A 77 30.84 3.73 -5.83
N PRO A 78 31.52 3.04 -4.92
CA PRO A 78 30.99 2.89 -3.56
C PRO A 78 31.43 4.00 -2.62
N ALA A 79 30.55 4.31 -1.66
CA ALA A 79 30.84 5.28 -0.62
C ALA A 79 29.95 5.00 0.58
N VAL A 80 30.34 5.57 1.72
CA VAL A 80 29.62 5.38 2.98
C VAL A 80 28.32 6.17 2.97
N GLN A 81 27.24 5.54 3.41
CA GLN A 81 25.96 6.19 3.63
C GLN A 81 25.57 6.06 5.11
N ASN A 82 24.86 7.07 5.61
CA ASN A 82 24.47 7.12 7.02
C ASN A 82 22.96 7.18 7.14
N TRP A 83 22.41 6.41 8.08
CA TRP A 83 20.99 6.42 8.41
C TRP A 83 20.83 6.79 9.87
N LEU A 84 19.98 7.76 10.16
CA LEU A 84 19.86 8.33 11.49
C LEU A 84 18.43 8.19 12.01
N VAL A 85 18.31 7.79 13.27
CA VAL A 85 17.04 7.76 13.99
C VAL A 85 17.09 8.85 15.04
N GLU A 86 16.11 9.75 15.02
CA GLU A 86 16.04 10.87 15.94
C GLU A 86 14.91 10.65 16.93
N VAL A 87 15.24 10.61 18.22
CA VAL A 87 14.28 10.45 19.29
C VAL A 87 14.19 11.78 20.04
N PRO A 88 13.05 12.47 20.00
CA PRO A 88 12.92 13.73 20.74
C PRO A 88 13.09 13.53 22.24
N THR A 89 13.75 14.48 22.88
CA THR A 89 14.04 14.42 24.30
C THR A 89 13.34 15.58 25.00
N VAL A 90 12.54 15.26 26.01
CA VAL A 90 11.82 16.28 26.78
C VAL A 90 12.76 16.71 27.89
N SER A 91 13.65 17.65 27.56
CA SER A 91 14.65 18.14 28.48
C SER A 91 15.16 19.48 27.97
N PRO A 92 15.65 20.36 28.85
CA PRO A 92 16.22 21.64 28.38
C PRO A 92 17.66 21.53 27.92
N ILE A 93 18.42 20.56 28.42
CA ILE A 93 19.83 20.44 28.06
C ILE A 93 20.01 19.59 26.80
N SER A 94 19.28 18.48 26.69
CA SER A 94 19.40 17.56 25.57
C SER A 94 18.13 17.62 24.73
N ARG A 95 18.28 17.86 23.43
CA ARG A 95 17.14 17.99 22.53
C ARG A 95 16.79 16.69 21.82
N PHE A 96 17.77 15.88 21.45
CA PHE A 96 17.52 14.61 20.77
C PHE A 96 18.52 13.58 21.25
N THR A 97 18.15 12.31 21.06
CA THR A 97 19.06 11.18 21.18
C THR A 97 19.08 10.44 19.85
N TYR A 98 20.28 10.01 19.44
CA TYR A 98 20.49 9.52 18.08
C TYR A 98 20.90 8.05 18.08
N HIS A 99 20.49 7.36 17.03
CA HIS A 99 20.99 6.03 16.69
C HIS A 99 21.32 6.04 15.19
N MET A 100 22.60 5.85 14.87
CA MET A 100 23.07 5.96 13.50
C MET A 100 23.72 4.66 13.05
N VAL A 101 23.54 4.34 11.77
CA VAL A 101 24.16 3.19 11.13
C VAL A 101 24.95 3.68 9.93
N SER A 102 26.20 3.28 9.84
CA SER A 102 27.07 3.62 8.71
C SER A 102 27.40 2.35 7.92
N GLY A 103 27.19 2.41 6.61
CA GLY A 103 27.49 1.28 5.76
C GLY A 103 27.97 1.72 4.39
N MET A 104 28.70 0.82 3.73
CA MET A 104 29.18 1.07 2.39
C MET A 104 28.03 0.97 1.40
N SER A 105 27.88 1.98 0.55
CA SER A 105 26.69 2.12 -0.29
C SER A 105 27.11 2.74 -1.61
N LEU A 106 26.14 3.25 -2.37
CA LEU A 106 26.40 3.83 -3.68
C LEU A 106 26.64 5.33 -3.57
N ARG A 107 27.64 5.81 -4.31
CA ARG A 107 28.11 7.19 -4.18
C ARG A 107 27.37 8.10 -5.15
N PRO A 108 26.70 9.15 -4.67
CA PRO A 108 26.15 10.16 -5.57
C PRO A 108 27.25 10.98 -6.24
N ARG A 109 26.92 11.52 -7.40
CA ARG A 109 27.81 12.46 -8.08
C ARG A 109 27.76 13.82 -7.40
N VAL A 110 28.85 14.57 -7.54
CA VAL A 110 29.08 15.79 -6.76
C VAL A 110 28.95 17.00 -7.67
N ASN A 111 28.20 18.00 -7.22
CA ASN A 111 28.19 19.32 -7.86
C ASN A 111 29.47 20.04 -7.49
N TYR A 112 30.47 19.98 -8.38
CA TYR A 112 31.69 20.73 -8.13
C TYR A 112 31.49 22.23 -8.33
N LEU A 113 30.40 22.62 -9.00
CA LEU A 113 30.08 24.05 -9.12
C LEU A 113 29.75 24.65 -7.75
N GLN A 114 28.97 23.92 -6.95
CA GLN A 114 28.58 24.36 -5.62
C GLN A 114 29.57 23.81 -4.60
N ASP A 115 29.22 23.91 -3.31
CA ASP A 115 30.08 23.44 -2.22
C ASP A 115 29.96 21.92 -2.07
N PHE A 116 30.25 21.23 -3.17
CA PHE A 116 30.27 19.77 -3.23
C PHE A 116 28.94 19.16 -2.77
N SER A 117 27.85 19.62 -3.37
CA SER A 117 26.55 19.03 -3.15
C SER A 117 26.27 17.95 -4.18
N TYR A 118 25.22 17.17 -3.94
CA TYR A 118 24.86 16.08 -4.83
C TYR A 118 24.17 16.60 -6.08
N GLN A 119 24.51 16.01 -7.23
CA GLN A 119 23.77 16.29 -8.45
C GLN A 119 22.39 15.65 -8.37
N ARG A 120 21.36 16.42 -8.69
CA ARG A 120 19.99 16.00 -8.50
C ARG A 120 19.26 15.93 -9.83
N SER A 121 18.20 15.12 -9.85
CA SER A 121 17.34 14.97 -11.02
C SER A 121 15.89 14.88 -10.56
N LEU A 122 14.98 15.25 -11.46
CA LEU A 122 13.54 15.20 -11.18
C LEU A 122 12.79 14.37 -12.21
N LYS A 123 13.50 13.55 -12.98
CA LYS A 123 12.89 12.80 -14.05
C LYS A 123 12.47 11.41 -13.58
N PHE A 124 11.31 10.96 -14.07
CA PHE A 124 10.79 9.62 -13.81
C PHE A 124 10.61 9.35 -12.31
N ARG A 125 9.82 10.21 -11.69
CA ARG A 125 9.53 10.05 -10.27
C ARG A 125 8.61 8.86 -10.06
N PRO A 126 8.97 7.90 -9.21
CA PRO A 126 8.14 6.71 -9.03
C PRO A 126 7.03 6.93 -8.01
N LYS A 127 6.05 6.03 -8.06
CA LYS A 127 5.01 5.98 -7.04
C LYS A 127 5.57 5.37 -5.76
N GLY A 128 5.01 5.79 -4.64
CA GLY A 128 5.43 5.27 -3.36
C GLY A 128 5.23 6.28 -2.26
N LYS A 129 5.46 5.83 -1.04
CA LYS A 129 5.29 6.69 0.12
C LYS A 129 6.36 7.77 0.14
N PRO A 130 5.99 9.04 0.27
CA PRO A 130 7.00 10.10 0.33
C PRO A 130 7.84 10.00 1.59
N CYS A 131 9.05 10.55 1.51
CA CYS A 131 9.92 10.56 2.67
C CYS A 131 9.42 11.55 3.72
N PRO A 132 9.46 11.20 5.00
CA PRO A 132 8.91 12.09 6.04
C PRO A 132 9.65 13.42 6.09
N LYS A 133 8.88 14.48 6.29
CA LYS A 133 9.45 15.81 6.41
C LYS A 133 9.68 16.23 7.86
N GLU A 134 9.05 15.54 8.80
CA GLU A 134 9.16 15.88 10.21
C GLU A 134 9.56 14.65 11.01
N ILE A 135 10.14 14.88 12.18
CA ILE A 135 10.58 13.79 13.05
C ILE A 135 9.35 13.15 13.69
N PRO A 136 9.18 11.82 13.59
CA PRO A 136 8.03 11.18 14.26
C PRO A 136 8.11 11.35 15.77
N LYS A 137 6.94 11.53 16.38
CA LYS A 137 6.84 11.64 17.83
C LYS A 137 6.58 10.30 18.51
N GLU A 138 6.39 9.23 17.74
CA GLU A 138 6.09 7.92 18.30
C GLU A 138 7.35 7.33 18.93
N SER A 139 7.14 6.35 19.81
CA SER A 139 8.23 5.75 20.59
C SER A 139 7.89 4.28 20.83
N LYS A 140 8.58 3.67 21.79
CA LYS A 140 8.40 2.28 22.19
C LYS A 140 8.93 1.31 21.14
N ASN A 141 9.38 0.13 21.58
CA ASN A 141 9.94 -0.88 20.70
C ASN A 141 11.13 -0.33 19.90
N THR A 142 11.94 0.48 20.56
CA THR A 142 13.10 1.09 19.91
C THR A 142 14.25 0.09 19.88
N GLU A 143 15.44 0.57 19.51
CA GLU A 143 16.68 -0.21 19.44
C GLU A 143 16.64 -1.18 18.26
N VAL A 144 15.48 -1.27 17.60
CA VAL A 144 15.30 -2.10 16.42
C VAL A 144 15.22 -1.17 15.22
N LEU A 145 16.13 -1.34 14.27
CA LEU A 145 16.13 -0.52 13.06
C LEU A 145 15.14 -1.09 12.07
N VAL A 146 14.18 -0.27 11.66
CA VAL A 146 13.12 -0.68 10.72
C VAL A 146 13.41 -0.04 9.38
N TRP A 147 13.66 -0.87 8.37
CA TRP A 147 13.92 -0.41 7.02
C TRP A 147 12.62 -0.29 6.26
N GLU A 148 12.39 0.88 5.64
CA GLU A 148 11.15 1.14 4.93
C GLU A 148 11.45 1.87 3.63
N GLU A 149 10.88 1.38 2.54
CA GLU A 149 11.03 2.04 1.24
C GLU A 149 10.45 3.45 1.29
N CYS A 150 11.15 4.39 0.67
CA CYS A 150 10.76 5.79 0.79
C CYS A 150 11.20 6.54 -0.45
N VAL A 151 10.32 7.39 -0.97
CA VAL A 151 10.59 8.15 -2.18
C VAL A 151 11.02 9.56 -1.78
N ALA A 152 12.21 9.96 -2.22
CA ALA A 152 12.78 11.25 -1.87
C ALA A 152 12.11 12.37 -2.67
N ASN A 153 12.36 13.60 -2.23
CA ASN A 153 11.86 14.77 -2.95
C ASN A 153 12.51 14.88 -4.33
N SER A 154 13.80 14.57 -4.41
CA SER A 154 14.54 14.60 -5.67
C SER A 154 15.44 13.38 -5.72
N ALA A 155 15.77 12.95 -6.95
CA ALA A 155 16.66 11.82 -7.14
C ALA A 155 18.12 12.29 -7.18
N VAL A 156 19.02 11.41 -6.77
CA VAL A 156 20.45 11.64 -6.87
C VAL A 156 20.97 10.97 -8.13
N ILE A 157 21.92 11.61 -8.80
CA ILE A 157 22.51 11.07 -10.01
C ILE A 157 23.76 10.28 -9.62
N LEU A 158 23.78 9.00 -9.98
CA LEU A 158 24.94 8.16 -9.70
C LEU A 158 25.90 8.10 -10.87
N GLN A 159 25.42 8.35 -12.08
CA GLN A 159 26.25 8.29 -13.28
C GLN A 159 25.55 9.08 -14.38
N ASN A 160 26.33 9.91 -15.09
CA ASN A 160 25.81 10.63 -16.25
C ASN A 160 26.97 10.80 -17.23
N ASN A 161 27.11 9.84 -18.14
CA ASN A 161 28.19 9.86 -19.12
C ASN A 161 27.82 8.95 -20.28
N GLU A 162 28.81 8.61 -21.11
CA GLU A 162 28.62 7.78 -22.29
C GLU A 162 28.26 6.33 -21.95
N PHE A 163 28.39 5.91 -20.70
CA PHE A 163 27.95 4.60 -20.28
C PHE A 163 26.49 4.55 -19.87
N GLY A 164 25.82 5.69 -19.82
CA GLY A 164 24.42 5.76 -19.44
C GLY A 164 24.20 6.62 -18.20
N THR A 165 22.93 6.94 -17.97
CA THR A 165 22.52 7.77 -16.85
C THR A 165 21.80 6.93 -15.83
N ILE A 166 22.34 6.87 -14.62
CA ILE A 166 21.76 6.12 -13.50
C ILE A 166 21.31 7.11 -12.45
N ILE A 167 20.05 7.00 -12.03
CA ILE A 167 19.49 7.88 -11.01
C ILE A 167 18.88 7.02 -9.90
N ASP A 168 18.71 7.63 -8.74
CA ASP A 168 18.25 6.92 -7.55
C ASP A 168 17.34 7.82 -6.75
N TRP A 169 16.10 7.37 -6.53
CA TRP A 169 15.09 8.15 -5.84
C TRP A 169 15.04 7.86 -4.34
N ALA A 170 15.95 7.05 -3.82
CA ALA A 170 16.04 6.83 -2.39
C ALA A 170 16.69 8.04 -1.72
N PRO A 171 16.29 8.36 -0.49
CA PRO A 171 16.84 9.54 0.19
C PRO A 171 18.28 9.34 0.64
N ARG A 172 19.00 10.44 0.75
CA ARG A 172 20.34 10.47 1.30
C ARG A 172 20.38 11.48 2.44
N GLY A 173 20.88 11.06 3.59
CA GLY A 173 20.84 11.86 4.81
C GLY A 173 22.17 12.54 5.10
N GLN A 174 22.08 13.78 5.57
CA GLN A 174 23.24 14.58 5.96
C GLN A 174 22.80 15.57 7.02
N PHE A 175 23.78 16.16 7.70
CA PHE A 175 23.53 17.23 8.66
C PHE A 175 23.67 18.58 7.98
N TYR A 176 22.74 19.49 8.30
CA TYR A 176 22.72 20.80 7.65
C TYR A 176 22.03 21.80 8.57
N HIS A 177 22.11 23.06 8.18
CA HIS A 177 21.41 24.15 8.85
C HIS A 177 20.37 24.74 7.90
N ASN A 178 19.18 25.03 8.45
CA ASN A 178 18.08 25.48 7.62
C ASN A 178 18.43 26.79 6.90
N CYS A 179 18.96 27.77 7.63
CA CYS A 179 19.49 29.03 7.12
C CYS A 179 18.42 29.95 6.55
N SER A 180 17.16 29.53 6.49
CA SER A 180 16.09 30.38 5.99
C SER A 180 15.53 31.21 7.14
N GLY A 181 15.43 32.51 6.93
CA GLY A 181 15.04 33.41 8.00
C GLY A 181 16.14 33.68 9.01
N GLN A 182 17.38 33.39 8.65
CA GLN A 182 18.53 33.58 9.54
C GLN A 182 19.40 34.72 9.02
N THR A 183 20.40 35.09 9.82
CA THR A 183 21.35 36.11 9.43
C THR A 183 22.33 35.54 8.41
N GLN A 184 23.34 36.34 8.05
CA GLN A 184 24.28 35.92 7.01
C GLN A 184 25.39 35.03 7.55
N SER A 185 25.39 34.72 8.84
CA SER A 185 26.40 33.85 9.43
C SER A 185 25.99 32.38 9.46
N CYS A 186 24.82 32.03 8.95
CA CYS A 186 24.37 30.64 8.96
C CYS A 186 25.07 29.86 7.87
N PRO A 187 25.86 28.83 8.20
CA PRO A 187 26.55 28.07 7.16
C PRO A 187 25.58 27.22 6.36
N SER A 188 25.80 27.18 5.04
CA SER A 188 24.93 26.45 4.13
C SER A 188 25.51 25.11 3.70
N ALA A 189 26.71 24.76 4.15
CA ALA A 189 27.32 23.50 3.77
C ALA A 189 26.69 22.33 4.52
N GLN A 190 26.63 21.18 3.86
CA GLN A 190 26.14 19.96 4.45
C GLN A 190 27.30 19.06 4.87
N VAL A 191 27.10 18.33 5.97
CA VAL A 191 28.16 17.60 6.64
C VAL A 191 27.80 16.12 6.69
N SER A 192 28.74 15.26 6.29
CA SER A 192 28.60 13.83 6.47
C SER A 192 29.21 13.44 7.81
N PRO A 193 28.45 12.80 8.71
CA PRO A 193 29.01 12.47 10.04
C PRO A 193 30.07 11.39 10.01
N ALA A 194 30.03 10.49 9.04
CA ALA A 194 30.99 9.39 8.96
C ALA A 194 31.60 9.33 7.58
N VAL A 195 32.88 8.96 7.53
CA VAL A 195 33.63 8.88 6.29
C VAL A 195 34.08 7.46 6.06
N ASP A 196 34.79 7.22 4.95
CA ASP A 196 35.20 5.87 4.58
C ASP A 196 36.12 5.25 5.63
N SER A 197 37.01 6.05 6.20
CA SER A 197 37.98 5.55 7.17
C SER A 197 37.32 5.08 8.46
N ASP A 198 36.09 5.52 8.75
CA ASP A 198 35.39 5.05 9.93
C ASP A 198 34.93 3.60 9.82
N LEU A 199 34.98 3.01 8.63
CA LEU A 199 34.59 1.62 8.45
C LEU A 199 35.78 0.69 8.30
N THR A 200 36.99 1.21 8.08
CA THR A 200 38.18 0.39 7.90
C THR A 200 39.20 0.61 9.02
N GLU A 201 39.63 1.84 9.24
CA GLU A 201 40.73 2.11 10.16
C GLU A 201 40.26 1.98 11.60
N SER A 202 41.03 1.25 12.40
CA SER A 202 40.85 1.15 13.85
C SER A 202 39.45 0.65 14.20
N LEU A 203 39.17 -0.60 13.79
CA LEU A 203 37.86 -1.18 14.05
C LEU A 203 37.62 -1.35 15.54
N ASP A 204 38.63 -1.81 16.29
CA ASP A 204 38.45 -2.04 17.72
C ASP A 204 38.44 -0.73 18.50
N LYS A 205 39.16 0.28 18.02
CA LYS A 205 39.24 1.56 18.71
C LYS A 205 37.89 2.27 18.71
N HIS A 206 37.61 2.98 19.80
CA HIS A 206 36.39 3.77 19.89
C HIS A 206 36.45 4.95 18.94
N LYS A 207 35.30 5.31 18.37
CA LYS A 207 35.19 6.42 17.44
C LYS A 207 34.30 7.49 18.04
N HIS A 208 34.69 8.75 17.87
CA HIS A 208 33.94 9.89 18.38
C HIS A 208 33.80 10.94 17.29
N LYS A 209 32.60 11.50 17.17
CA LYS A 209 32.34 12.57 16.21
C LYS A 209 31.66 13.71 16.94
N LYS A 210 32.18 14.93 16.76
CA LYS A 210 31.62 16.12 17.39
C LYS A 210 31.35 17.18 16.34
N LEU A 211 30.14 17.72 16.35
CA LEU A 211 29.74 18.80 15.44
C LEU A 211 29.21 19.96 16.28
N GLN A 212 29.86 21.12 16.16
CA GLN A 212 29.54 22.29 16.96
C GLN A 212 29.26 23.48 16.06
N SER A 213 28.15 24.18 16.32
CA SER A 213 27.82 25.38 15.56
C SER A 213 26.85 26.23 16.36
N PHE A 214 26.65 27.45 15.88
CA PHE A 214 25.74 28.41 16.48
C PHE A 214 24.29 28.20 16.04
N TYR A 215 24.04 27.22 15.18
CA TYR A 215 22.71 26.94 14.67
C TYR A 215 22.37 25.47 14.90
N PRO A 216 21.11 25.17 15.18
CA PRO A 216 20.74 23.76 15.42
C PRO A 216 20.97 22.90 14.19
N TRP A 217 21.33 21.65 14.44
CA TRP A 217 21.67 20.70 13.38
C TRP A 217 20.42 19.96 12.94
N GLU A 218 20.19 19.91 11.63
CA GLU A 218 19.06 19.20 11.06
C GLU A 218 19.56 18.02 10.22
N TRP A 219 18.75 16.98 10.16
CA TRP A 219 19.06 15.79 9.38
C TRP A 219 18.08 15.67 8.22
N GLY A 220 18.61 15.52 7.01
CA GLY A 220 17.79 15.34 5.83
C GLY A 220 18.57 14.84 4.64
N GLU A 221 17.96 14.06 3.76
CA GLU A 221 16.55 13.69 3.89
C GLU A 221 16.35 12.54 4.86
N LYS A 222 15.19 12.50 5.50
CA LYS A 222 14.87 11.48 6.48
C LYS A 222 14.37 10.21 5.78
N GLY A 223 14.40 9.12 6.53
CA GLY A 223 13.91 7.86 6.01
C GLY A 223 14.97 6.77 6.04
N ILE A 224 14.65 5.64 6.68
CA ILE A 224 15.57 4.50 6.73
C ILE A 224 15.29 3.69 5.47
N SER A 225 15.88 4.11 4.37
CA SER A 225 15.63 3.55 3.05
C SER A 225 16.96 3.35 2.33
N THR A 226 17.00 2.33 1.48
CA THR A 226 18.21 1.93 0.80
C THR A 226 18.15 2.28 -0.68
N PRO A 227 19.32 2.41 -1.33
CA PRO A 227 19.34 2.82 -2.74
C PRO A 227 18.55 1.88 -3.65
N ARG A 228 17.86 2.48 -4.62
CA ARG A 228 17.12 1.76 -5.65
C ARG A 228 17.45 2.35 -7.02
N PRO A 229 18.70 2.20 -7.49
CA PRO A 229 19.09 2.84 -8.74
C PRO A 229 18.42 2.21 -9.96
N LYS A 230 18.27 3.02 -11.00
CA LYS A 230 17.74 2.57 -12.28
C LYS A 230 18.37 3.37 -13.40
N ILE A 231 18.42 2.76 -14.58
CA ILE A 231 18.90 3.42 -15.79
C ILE A 231 17.74 4.12 -16.47
N ILE A 232 17.98 5.33 -16.96
CA ILE A 232 16.93 6.12 -17.62
C ILE A 232 17.40 6.55 -19.01
N SER A 233 18.69 6.36 -19.29
CA SER A 233 19.27 6.71 -20.57
C SER A 233 20.47 5.81 -20.83
N PRO A 234 20.65 5.32 -22.06
CA PRO A 234 19.81 5.52 -23.25
C PRO A 234 18.60 4.59 -23.29
N VAL A 235 18.45 3.74 -22.28
CA VAL A 235 17.32 2.82 -22.17
C VAL A 235 16.70 2.96 -20.79
N SER A 236 15.44 2.59 -20.68
CA SER A 236 14.67 2.71 -19.45
C SER A 236 14.53 1.32 -18.84
N GLY A 237 15.14 1.12 -17.67
CA GLY A 237 15.09 -0.16 -17.00
C GLY A 237 14.45 -0.07 -15.63
N PRO A 238 14.32 -1.21 -14.96
CA PRO A 238 13.72 -1.24 -13.63
C PRO A 238 14.73 -0.89 -12.54
N GLU A 239 14.20 -0.63 -11.35
CA GLU A 239 15.04 -0.34 -10.20
C GLU A 239 15.75 -1.59 -9.71
N HIS A 240 16.92 -1.39 -9.08
CA HIS A 240 17.76 -2.49 -8.61
C HIS A 240 18.08 -2.28 -7.13
N PRO A 241 17.17 -2.66 -6.24
CA PRO A 241 17.38 -2.41 -4.81
C PRO A 241 18.26 -3.43 -4.12
N GLU A 242 18.98 -4.26 -4.88
CA GLU A 242 19.84 -5.28 -4.31
C GLU A 242 21.33 -5.00 -4.47
N LEU A 243 21.71 -4.01 -5.28
CA LEU A 243 23.13 -3.73 -5.49
C LEU A 243 23.80 -3.20 -4.24
N TRP A 244 23.08 -2.45 -3.40
CA TRP A 244 23.65 -1.97 -2.16
C TRP A 244 24.01 -3.11 -1.21
N ARG A 245 23.34 -4.26 -1.35
CA ARG A 245 23.63 -5.40 -0.49
C ARG A 245 25.02 -5.96 -0.75
N LEU A 246 25.52 -5.83 -1.98
CA LEU A 246 26.87 -6.30 -2.29
C LEU A 246 27.93 -5.36 -1.71
N THR A 247 27.68 -4.04 -1.77
CA THR A 247 28.68 -3.10 -1.25
C THR A 247 28.72 -3.10 0.27
N VAL A 248 27.58 -3.30 0.94
CA VAL A 248 27.54 -3.15 2.39
C VAL A 248 28.33 -4.25 3.07
N ALA A 249 28.46 -5.43 2.44
CA ALA A 249 29.21 -6.52 3.03
C ALA A 249 30.71 -6.41 2.80
N SER A 250 31.16 -5.51 1.94
CA SER A 250 32.59 -5.33 1.70
C SER A 250 33.31 -4.66 2.86
N HIS A 251 32.58 -4.05 3.79
CA HIS A 251 33.16 -3.45 4.98
C HIS A 251 32.28 -3.78 6.17
N HIS A 252 32.84 -3.64 7.36
CA HIS A 252 32.03 -3.67 8.57
C HIS A 252 31.05 -2.51 8.57
N ILE A 253 29.89 -2.71 9.16
CA ILE A 253 28.95 -1.63 9.41
C ILE A 253 29.16 -1.11 10.84
N ARG A 254 29.10 0.20 11.00
CA ARG A 254 29.35 0.85 12.28
C ARG A 254 28.04 1.37 12.85
N ILE A 255 27.82 1.13 14.14
CA ILE A 255 26.63 1.57 14.85
C ILE A 255 27.04 2.64 15.83
N TRP A 256 26.37 3.78 15.78
CA TRP A 256 26.67 4.94 16.63
C TRP A 256 25.50 5.24 17.55
N SER A 257 25.80 5.94 18.63
CA SER A 257 24.80 6.52 19.51
C SER A 257 25.26 7.91 19.91
N GLY A 258 24.31 8.76 20.25
CA GLY A 258 24.66 10.11 20.64
C GLY A 258 23.45 10.99 20.87
N ASN A 259 23.69 12.30 20.88
CA ASN A 259 22.66 13.27 21.23
C ASN A 259 23.03 14.62 20.64
N GLN A 260 22.06 15.53 20.65
CA GLN A 260 22.29 16.95 20.39
C GLN A 260 21.93 17.74 21.64
N THR A 261 22.84 18.62 22.06
CA THR A 261 22.66 19.40 23.28
C THR A 261 22.75 20.89 23.01
N LEU A 262 22.08 21.67 23.85
CA LEU A 262 22.06 23.12 23.76
C LEU A 262 22.83 23.72 24.93
N GLU A 263 23.77 24.62 24.62
CA GLU A 263 24.49 25.38 25.63
C GLU A 263 24.57 26.83 25.15
N THR A 264 25.38 27.63 25.83
CA THR A 264 25.56 29.04 25.47
C THR A 264 27.04 29.32 25.30
N ARG A 265 27.39 29.92 24.16
CA ARG A 265 28.75 30.38 23.89
C ARG A 265 28.69 31.81 23.39
N ASP A 266 29.49 32.68 24.01
CA ASP A 266 29.54 34.10 23.66
C ASP A 266 28.16 34.75 23.77
N ARG A 267 27.38 34.31 24.75
CA ARG A 267 26.02 34.79 25.01
C ARG A 267 25.07 34.52 23.86
N LYS A 268 25.37 33.53 23.03
CA LYS A 268 24.48 33.10 21.95
C LYS A 268 24.24 31.60 22.08
N PRO A 269 23.10 31.10 21.59
CA PRO A 269 22.86 29.66 21.63
C PRO A 269 23.92 28.89 20.88
N PHE A 270 24.29 27.72 21.41
CA PHE A 270 25.30 26.87 20.83
C PHE A 270 24.81 25.43 20.84
N TYR A 271 24.91 24.77 19.69
CA TYR A 271 24.38 23.42 19.51
C TYR A 271 25.52 22.47 19.19
N THR A 272 25.57 21.35 19.91
CA THR A 272 26.62 20.34 19.73
C THR A 272 25.98 18.99 19.46
N VAL A 273 26.45 18.31 18.43
CA VAL A 273 26.07 16.94 18.13
C VAL A 273 27.26 16.06 18.49
N ASP A 274 27.04 15.13 19.42
CA ASP A 274 28.04 14.15 19.81
C ASP A 274 27.62 12.77 19.34
N LEU A 275 28.55 12.06 18.69
CA LEU A 275 28.32 10.70 18.24
C LEU A 275 29.52 9.85 18.63
N ASN A 276 29.27 8.69 19.21
CA ASN A 276 30.33 7.76 19.56
C ASN A 276 29.94 6.35 19.15
N SER A 277 30.95 5.52 18.89
CA SER A 277 30.73 4.16 18.45
C SER A 277 31.82 3.26 19.00
N SER A 278 31.42 2.09 19.49
CA SER A 278 32.34 1.03 19.85
C SER A 278 31.89 -0.32 19.30
N LEU A 279 30.99 -0.31 18.31
CA LEU A 279 30.40 -1.54 17.79
C LEU A 279 30.50 -1.57 16.28
N THR A 280 31.04 -2.67 15.75
CA THR A 280 31.02 -2.94 14.32
C THR A 280 30.47 -4.35 14.11
N VAL A 281 29.79 -4.55 12.98
CA VAL A 281 29.16 -5.82 12.65
C VAL A 281 29.70 -6.30 11.31
N PRO A 282 30.32 -7.48 11.24
CA PRO A 282 30.73 -8.03 9.95
C PRO A 282 29.58 -8.75 9.25
N LEU A 283 29.51 -8.58 7.93
CA LEU A 283 28.44 -9.17 7.13
C LEU A 283 29.03 -10.00 6.01
N GLN A 284 28.17 -10.83 5.41
CA GLN A 284 28.51 -11.61 4.23
C GLN A 284 27.35 -11.56 3.26
N SER A 285 27.62 -11.21 2.01
CA SER A 285 26.60 -11.13 0.96
C SER A 285 26.94 -12.10 -0.16
N CYS A 286 25.95 -12.90 -0.56
CA CYS A 286 26.17 -13.96 -1.54
C CYS A 286 25.08 -13.96 -2.59
N VAL A 287 25.45 -14.39 -3.80
CA VAL A 287 24.50 -14.74 -4.84
C VAL A 287 24.52 -16.26 -5.01
N LYS A 288 23.50 -16.78 -5.69
CA LYS A 288 23.40 -18.22 -5.85
C LYS A 288 23.39 -18.58 -7.33
N PRO A 289 23.81 -19.78 -7.69
CA PRO A 289 23.73 -20.21 -9.08
C PRO A 289 22.31 -20.09 -9.59
N PRO A 290 22.13 -19.73 -10.87
CA PRO A 290 23.15 -19.58 -11.91
C PRO A 290 23.84 -18.21 -11.96
N TYR A 291 23.95 -17.49 -10.85
CA TYR A 291 24.63 -16.20 -10.82
C TYR A 291 25.98 -16.32 -10.13
N MET A 292 26.93 -15.52 -10.60
CA MET A 292 28.27 -15.45 -10.02
C MET A 292 28.76 -14.01 -10.08
N LEU A 293 29.92 -13.78 -9.46
CA LEU A 293 30.56 -12.48 -9.45
C LEU A 293 31.95 -12.59 -10.08
N VAL A 294 32.28 -11.65 -10.95
CA VAL A 294 33.59 -11.56 -11.57
C VAL A 294 34.31 -10.38 -10.93
N VAL A 295 35.46 -10.65 -10.32
CA VAL A 295 36.19 -9.67 -9.52
C VAL A 295 37.59 -9.51 -10.09
N GLY A 296 37.95 -8.27 -10.41
CA GLY A 296 39.29 -8.00 -10.90
C GLY A 296 39.31 -6.68 -11.65
N ASN A 297 40.33 -6.53 -12.49
CA ASN A 297 40.49 -5.35 -13.34
C ASN A 297 39.57 -5.48 -14.55
N ILE A 298 38.33 -5.10 -14.37
CA ILE A 298 37.30 -5.21 -15.40
C ILE A 298 37.30 -3.93 -16.23
N VAL A 299 37.37 -4.09 -17.55
CA VAL A 299 37.38 -2.97 -18.48
C VAL A 299 36.14 -3.07 -19.37
N ILE A 300 35.41 -1.95 -19.48
CA ILE A 300 34.20 -1.87 -20.29
C ILE A 300 34.45 -0.86 -21.39
N LYS A 301 34.26 -1.29 -22.64
CA LYS A 301 34.40 -0.40 -23.79
C LYS A 301 33.01 -0.10 -24.35
N PRO A 302 32.50 1.13 -24.20
CA PRO A 302 31.13 1.39 -24.67
C PRO A 302 31.03 1.46 -26.19
N ASP A 303 32.11 1.79 -26.90
CA ASP A 303 32.03 1.93 -28.34
C ASP A 303 31.88 0.57 -29.03
N SER A 304 32.67 -0.41 -28.61
CA SER A 304 32.57 -1.76 -29.17
C SER A 304 31.66 -2.67 -28.36
N GLN A 305 31.16 -2.21 -27.20
CA GLN A 305 30.30 -2.99 -26.32
C GLN A 305 30.98 -4.30 -25.90
N THR A 306 32.17 -4.16 -25.34
CA THR A 306 33.01 -5.28 -24.96
C THR A 306 33.37 -5.18 -23.48
N ILE A 307 33.34 -6.32 -22.79
CA ILE A 307 33.83 -6.44 -21.43
C ILE A 307 35.02 -7.39 -21.46
N THR A 308 36.16 -6.92 -20.94
CA THR A 308 37.39 -7.69 -20.99
C THR A 308 38.05 -7.68 -19.62
N CYS A 309 38.62 -8.81 -19.23
CA CYS A 309 39.43 -8.88 -18.03
C CYS A 309 40.50 -9.95 -18.18
N GLU A 310 41.66 -9.67 -17.60
CA GLU A 310 42.74 -10.63 -17.47
C GLU A 310 42.90 -10.96 -15.99
N ASN A 311 42.83 -12.26 -15.68
CA ASN A 311 43.09 -12.77 -14.34
C ASN A 311 42.08 -12.26 -13.31
N CYS A 312 40.82 -12.13 -13.71
CA CYS A 312 39.76 -12.00 -12.72
C CYS A 312 39.50 -13.33 -12.02
N ARG A 313 38.83 -13.25 -10.88
CA ARG A 313 38.44 -14.40 -10.08
C ARG A 313 36.92 -14.54 -10.10
N LEU A 314 36.45 -15.78 -10.09
CA LEU A 314 35.02 -16.06 -9.98
C LEU A 314 34.68 -16.30 -8.52
N LEU A 315 33.68 -15.57 -8.03
CA LEU A 315 33.30 -15.63 -6.62
C LEU A 315 31.79 -15.75 -6.48
N THR A 316 31.40 -16.15 -5.29
CA THR A 316 30.00 -16.23 -4.87
C THR A 316 29.63 -15.23 -3.78
N CYS A 317 30.55 -14.94 -2.87
CA CYS A 317 30.25 -14.17 -1.68
C CYS A 317 31.23 -13.01 -1.53
N ILE A 318 30.71 -11.90 -0.98
CA ILE A 318 31.51 -10.73 -0.66
C ILE A 318 31.54 -10.56 0.85
N ASP A 319 32.74 -10.41 1.41
CA ASP A 319 32.86 -10.10 2.83
C ASP A 319 33.86 -8.97 3.05
N SER A 320 34.21 -8.69 4.31
CA SER A 320 35.02 -7.53 4.65
C SER A 320 36.48 -7.65 4.22
N THR A 321 36.93 -8.84 3.80
CA THR A 321 38.26 -8.99 3.26
C THR A 321 38.37 -8.48 1.83
N PHE A 322 37.28 -8.00 1.24
CA PHE A 322 37.28 -7.53 -0.13
C PHE A 322 38.16 -6.28 -0.29
N ASN A 323 38.82 -6.18 -1.43
CA ASN A 323 39.69 -5.07 -1.76
C ASN A 323 39.05 -4.26 -2.89
N TRP A 324 38.87 -2.96 -2.67
CA TRP A 324 38.18 -2.11 -3.64
C TRP A 324 39.11 -1.52 -4.69
N GLN A 325 40.34 -2.04 -4.80
CA GLN A 325 41.10 -1.82 -6.02
C GLN A 325 40.60 -2.66 -7.17
N HIS A 326 39.77 -3.66 -6.90
CA HIS A 326 39.13 -4.48 -7.90
C HIS A 326 37.71 -3.99 -8.17
N ARG A 327 37.14 -4.47 -9.27
CA ARG A 327 35.75 -4.19 -9.62
C ARG A 327 34.95 -5.48 -9.57
N ILE A 328 33.63 -5.33 -9.42
CA ILE A 328 32.72 -6.46 -9.36
C ILE A 328 31.78 -6.37 -10.56
N LEU A 329 31.69 -7.47 -11.31
CA LEU A 329 30.77 -7.58 -12.43
C LEU A 329 29.82 -8.74 -12.19
N LEU A 330 28.53 -8.49 -12.33
CA LEU A 330 27.50 -9.50 -12.10
C LEU A 330 27.28 -10.28 -13.39
N VAL A 331 27.37 -11.61 -13.30
CA VAL A 331 27.23 -12.48 -14.46
C VAL A 331 26.25 -13.61 -14.15
N ARG A 332 25.75 -14.23 -15.21
CA ARG A 332 24.87 -15.39 -15.11
C ARG A 332 25.34 -16.45 -16.10
N ALA A 333 25.04 -17.71 -15.79
CA ALA A 333 25.25 -18.79 -16.74
C ALA A 333 24.43 -18.56 -18.00
N ARG A 334 25.05 -18.78 -19.16
CA ARG A 334 24.43 -18.40 -20.42
C ARG A 334 23.45 -19.46 -20.89
N GLU A 335 22.49 -19.02 -21.70
CA GLU A 335 21.52 -19.90 -22.34
C GLU A 335 22.18 -20.69 -23.46
N GLY A 336 21.38 -21.50 -24.15
CA GLY A 336 21.91 -22.35 -25.21
C GLY A 336 22.43 -21.56 -26.39
N VAL A 337 23.42 -22.13 -27.07
CA VAL A 337 24.08 -21.49 -28.20
C VAL A 337 24.16 -22.44 -29.38
N TRP A 338 24.36 -21.87 -30.55
CA TRP A 338 24.51 -22.60 -31.79
C TRP A 338 25.95 -22.48 -32.29
N ILE A 339 26.55 -23.60 -32.67
CA ILE A 339 27.92 -23.60 -33.17
C ILE A 339 28.11 -24.67 -34.22
N PRO A 340 28.84 -24.39 -35.31
CA PRO A 340 29.18 -25.46 -36.25
C PRO A 340 30.26 -26.37 -35.70
N CYS A 341 30.12 -27.67 -35.96
CA CYS A 341 31.13 -28.65 -35.61
C CYS A 341 31.27 -29.66 -36.74
N SER A 342 32.44 -30.26 -36.86
CA SER A 342 32.77 -31.15 -37.97
C SER A 342 32.79 -32.61 -37.52
N MET A 343 32.22 -33.47 -38.35
CA MET A 343 32.19 -34.92 -38.15
C MET A 343 33.06 -35.60 -39.20
N ASP A 344 33.46 -36.84 -38.90
CA ASP A 344 34.25 -37.62 -39.83
C ASP A 344 33.39 -38.44 -40.80
N ARG A 345 32.09 -38.51 -40.57
CA ARG A 345 31.17 -39.24 -41.43
C ARG A 345 29.87 -38.46 -41.51
N PRO A 346 29.04 -38.72 -42.53
CA PRO A 346 27.81 -37.96 -42.69
C PRO A 346 26.82 -38.17 -41.55
N TRP A 347 25.87 -37.24 -41.47
CA TRP A 347 24.83 -37.27 -40.44
C TRP A 347 23.95 -38.50 -40.59
N GLU A 348 23.64 -39.13 -39.47
CA GLU A 348 22.78 -40.31 -39.42
C GLU A 348 21.72 -40.12 -38.34
N ALA A 349 20.51 -40.62 -38.61
CA ALA A 349 19.43 -40.51 -37.65
C ALA A 349 19.40 -41.66 -36.65
N SER A 350 19.86 -42.84 -37.04
CA SER A 350 19.78 -44.02 -36.19
C SER A 350 20.94 -44.93 -36.53
N PRO A 351 21.31 -45.84 -35.62
CA PRO A 351 22.36 -46.81 -35.94
C PRO A 351 21.83 -48.07 -36.63
N SER A 352 20.63 -48.01 -37.19
CA SER A 352 20.02 -49.19 -37.79
C SER A 352 20.88 -49.78 -38.90
N ILE A 353 21.40 -48.93 -39.79
CA ILE A 353 22.34 -49.41 -40.80
C ILE A 353 23.62 -49.92 -40.16
N HIS A 354 24.10 -49.21 -39.13
CA HIS A 354 25.29 -49.64 -38.42
C HIS A 354 25.10 -51.02 -37.79
N ILE A 355 23.89 -51.29 -37.29
CA ILE A 355 23.61 -52.59 -36.69
C ILE A 355 23.61 -53.69 -37.75
N LEU A 356 22.97 -53.43 -38.90
CA LEU A 356 22.93 -54.43 -39.96
C LEU A 356 24.32 -54.75 -40.49
N THR A 357 25.19 -53.75 -40.58
CA THR A 357 26.55 -53.98 -41.03
C THR A 357 27.30 -54.91 -40.06
N GLU A 358 27.10 -54.70 -38.76
CA GLU A 358 27.79 -55.54 -37.78
C GLU A 358 27.28 -56.97 -37.78
N VAL A 359 26.00 -57.16 -38.12
CA VAL A 359 25.44 -58.51 -38.18
C VAL A 359 26.05 -59.30 -39.32
N LEU A 360 26.12 -58.69 -40.52
CA LEU A 360 26.68 -59.39 -41.67
C LEU A 360 28.19 -59.54 -41.60
N LYS A 361 28.88 -58.64 -40.90
CA LYS A 361 30.33 -58.75 -40.76
C LYS A 361 30.75 -59.74 -39.69
N GLY A 362 29.84 -60.17 -38.82
CA GLY A 362 30.16 -61.16 -37.81
C GLY A 362 29.79 -62.56 -38.22
N VAL A 363 29.05 -62.68 -39.32
CA VAL A 363 28.65 -63.99 -39.83
C VAL A 363 29.84 -64.72 -40.42
N ASN B 4 -8.02 -46.62 -46.65
CA ASN B 4 -7.55 -45.52 -45.81
C ASN B 4 -7.69 -45.80 -44.33
N TYR B 5 -6.85 -45.15 -43.52
CA TYR B 5 -6.79 -45.35 -42.08
C TYR B 5 -6.81 -43.97 -41.42
N THR B 6 -7.83 -43.73 -40.60
CA THR B 6 -7.98 -42.44 -39.93
C THR B 6 -7.55 -42.56 -38.48
N TYR B 7 -6.68 -41.65 -38.06
CA TYR B 7 -6.13 -41.65 -36.71
C TYR B 7 -6.33 -40.29 -36.07
N TRP B 8 -6.33 -40.27 -34.75
CA TRP B 8 -6.33 -39.03 -34.00
C TRP B 8 -4.94 -38.41 -34.01
N ALA B 9 -4.86 -37.13 -34.33
CA ALA B 9 -3.60 -36.40 -34.35
C ALA B 9 -3.70 -35.20 -33.42
N TYR B 10 -2.57 -34.84 -32.82
CA TYR B 10 -2.47 -33.66 -31.98
C TYR B 10 -1.61 -32.62 -32.68
N VAL B 11 -2.12 -31.41 -32.79
CA VAL B 11 -1.42 -30.29 -33.43
C VAL B 11 -1.10 -29.25 -32.37
N PRO B 12 0.14 -29.21 -31.87
CA PRO B 12 0.46 -28.26 -30.79
C PRO B 12 0.30 -26.79 -31.18
N PHE B 13 0.60 -26.39 -32.42
CA PHE B 13 0.56 -24.99 -32.83
C PHE B 13 -0.31 -24.84 -34.08
N PRO B 14 -1.63 -24.90 -33.92
CA PRO B 14 -2.52 -24.67 -35.06
C PRO B 14 -2.60 -23.20 -35.41
N PRO B 15 -2.83 -22.87 -36.67
CA PRO B 15 -3.04 -21.47 -37.08
C PRO B 15 -4.46 -20.97 -36.79
N LEU B 16 -4.93 -21.21 -35.57
CA LEU B 16 -6.25 -20.81 -35.12
C LEU B 16 -6.13 -19.75 -34.04
N ILE B 17 -7.25 -19.09 -33.77
CA ILE B 17 -7.33 -18.09 -32.72
C ILE B 17 -8.56 -18.35 -31.86
N ARG B 18 -8.53 -17.83 -30.65
CA ARG B 18 -9.69 -17.84 -29.77
C ARG B 18 -9.84 -16.47 -29.14
N ALA B 19 -11.06 -16.13 -28.76
CA ALA B 19 -11.34 -14.82 -28.21
C ALA B 19 -10.87 -14.71 -26.77
N VAL B 20 -10.32 -13.54 -26.42
CA VAL B 20 -10.03 -13.21 -25.03
C VAL B 20 -11.32 -12.80 -24.35
N THR B 21 -11.57 -13.36 -23.18
CA THR B 21 -12.83 -13.16 -22.48
C THR B 21 -12.64 -12.35 -21.21
N TRP B 22 -13.76 -12.00 -20.58
CA TRP B 22 -13.75 -11.26 -19.33
C TRP B 22 -13.26 -12.10 -18.15
N MET B 23 -13.14 -13.42 -18.32
CA MET B 23 -12.57 -14.27 -17.29
C MET B 23 -11.06 -14.40 -17.39
N ASP B 24 -10.45 -13.82 -18.42
CA ASP B 24 -9.00 -13.77 -18.52
C ASP B 24 -8.45 -12.71 -17.56
N ASN B 25 -7.18 -12.87 -17.21
CA ASN B 25 -6.47 -11.83 -16.48
C ASN B 25 -5.97 -10.77 -17.46
N PRO B 26 -5.70 -9.56 -16.97
CA PRO B 26 -5.37 -8.45 -17.89
C PRO B 26 -4.13 -8.73 -18.74
N ILE B 27 -4.17 -8.24 -19.97
CA ILE B 27 -3.06 -8.37 -20.92
C ILE B 27 -2.34 -7.03 -21.03
N GLU B 28 -1.22 -7.06 -21.74
CA GLU B 28 -0.38 -5.86 -21.89
C GLU B 28 -0.74 -5.11 -23.16
N VAL B 29 -1.02 -3.82 -23.02
CA VAL B 29 -1.22 -2.91 -24.13
C VAL B 29 -0.16 -1.82 -24.03
N TYR B 30 0.61 -1.65 -25.10
CA TYR B 30 1.75 -0.74 -25.11
C TYR B 30 1.40 0.55 -25.84
N VAL B 31 1.70 1.68 -25.22
CA VAL B 31 1.54 2.99 -25.84
C VAL B 31 2.92 3.55 -26.11
N ASN B 32 3.01 4.44 -27.09
CA ASN B 32 4.30 4.97 -27.54
C ASN B 32 4.66 6.31 -26.93
N ASP B 33 3.86 6.84 -26.02
CA ASP B 33 4.12 8.16 -25.43
C ASP B 33 3.96 8.08 -23.92
N SER B 34 5.07 8.20 -23.19
CA SER B 34 5.06 8.08 -21.73
C SER B 34 4.84 9.41 -21.02
N VAL B 35 4.83 10.53 -21.74
CA VAL B 35 4.62 11.82 -21.10
C VAL B 35 3.21 11.93 -20.55
N TRP B 36 2.21 11.48 -21.32
CA TRP B 36 0.82 11.68 -20.97
C TRP B 36 0.10 10.42 -20.49
N VAL B 37 0.65 9.24 -20.73
CA VAL B 37 -0.04 7.99 -20.41
C VAL B 37 0.90 7.08 -19.64
N PRO B 38 0.43 6.39 -18.60
CA PRO B 38 1.30 5.46 -17.87
C PRO B 38 1.71 4.27 -18.73
N GLY B 39 2.64 3.48 -18.18
CA GLY B 39 3.20 2.37 -18.90
C GLY B 39 2.25 1.18 -18.95
N PRO B 40 2.68 0.12 -19.65
CA PRO B 40 3.99 -0.07 -20.33
C PRO B 40 4.14 0.72 -21.62
N ILE B 41 5.39 1.05 -21.97
CA ILE B 41 5.71 1.92 -23.10
C ILE B 41 6.47 1.13 -24.14
N ASP B 42 6.10 1.34 -25.41
CA ASP B 42 6.91 0.86 -26.53
C ASP B 42 6.68 1.81 -27.70
N ASP B 43 7.74 2.46 -28.15
CA ASP B 43 7.66 3.41 -29.26
C ASP B 43 7.88 2.79 -30.62
N ARG B 44 8.28 1.52 -30.68
CA ARG B 44 8.58 0.89 -31.96
C ARG B 44 7.31 0.63 -32.77
N CYS B 45 7.47 0.63 -34.09
CA CYS B 45 6.41 0.22 -34.98
C CYS B 45 6.24 -1.31 -34.91
N PRO B 46 5.10 -1.82 -35.34
CA PRO B 46 4.92 -3.29 -35.36
C PRO B 46 5.97 -3.96 -36.23
N ALA B 47 6.31 -5.20 -35.84
CA ALA B 47 7.40 -5.92 -36.48
C ALA B 47 7.14 -6.19 -37.96
N LYS B 48 5.87 -6.33 -38.35
CA LYS B 48 5.48 -6.63 -39.72
C LYS B 48 4.46 -5.60 -40.19
N PRO B 49 4.91 -4.37 -40.49
CA PRO B 49 3.96 -3.34 -40.89
C PRO B 49 3.21 -3.65 -42.18
N GLU B 50 3.75 -4.51 -43.04
CA GLU B 50 3.09 -4.87 -44.28
C GLU B 50 2.04 -5.96 -44.12
N GLU B 51 1.93 -6.56 -42.94
CA GLU B 51 0.93 -7.57 -42.67
C GLU B 51 -0.33 -7.02 -42.01
N GLU B 52 -0.31 -5.74 -41.60
CA GLU B 52 -1.46 -5.15 -40.93
C GLU B 52 -2.65 -5.07 -41.88
N GLY B 53 -3.83 -5.40 -41.35
CA GLY B 53 -5.05 -5.28 -42.12
C GLY B 53 -5.33 -6.42 -43.08
N MET B 54 -4.77 -7.60 -42.84
CA MET B 54 -5.06 -8.74 -43.69
C MET B 54 -6.46 -9.27 -43.39
N MET B 55 -7.23 -9.52 -44.44
CA MET B 55 -8.62 -9.91 -44.28
C MET B 55 -8.75 -11.36 -43.80
N ILE B 56 -9.85 -11.64 -43.11
CA ILE B 56 -10.10 -12.97 -42.56
C ILE B 56 -11.59 -13.09 -42.28
N ASN B 57 -12.12 -14.30 -42.44
CA ASN B 57 -13.47 -14.66 -42.00
C ASN B 57 -13.34 -15.50 -40.74
N ILE B 58 -14.15 -15.18 -39.73
CA ILE B 58 -14.05 -15.81 -38.42
C ILE B 58 -15.41 -16.34 -38.02
N SER B 59 -15.45 -17.58 -37.54
CA SER B 59 -16.64 -18.19 -36.96
C SER B 59 -16.17 -19.10 -35.82
N ILE B 60 -16.14 -18.55 -34.62
CA ILE B 60 -15.62 -19.25 -33.45
C ILE B 60 -16.66 -19.21 -32.34
N GLY B 61 -16.44 -20.06 -31.34
CA GLY B 61 -17.24 -20.09 -30.14
C GLY B 61 -16.47 -19.56 -28.94
N TYR B 62 -17.17 -19.54 -27.81
CA TYR B 62 -16.56 -19.11 -26.56
C TYR B 62 -17.29 -19.79 -25.40
N ARG B 63 -16.62 -19.81 -24.25
CA ARG B 63 -17.21 -20.28 -23.01
C ARG B 63 -17.65 -19.13 -22.11
N TYR B 64 -16.89 -18.04 -22.09
CA TYR B 64 -17.18 -16.85 -21.31
C TYR B 64 -17.26 -15.64 -22.23
N PRO B 65 -18.00 -14.60 -21.83
CA PRO B 65 -18.27 -13.48 -22.76
C PRO B 65 -16.99 -12.86 -23.29
N PRO B 66 -16.89 -12.70 -24.61
CA PRO B 66 -15.68 -12.11 -25.20
C PRO B 66 -15.59 -10.61 -24.94
N ILE B 67 -14.36 -10.11 -24.95
CA ILE B 67 -14.09 -8.69 -24.74
C ILE B 67 -14.14 -8.00 -26.10
N CYS B 68 -15.15 -7.17 -26.31
CA CYS B 68 -15.35 -6.47 -27.56
C CYS B 68 -15.59 -4.99 -27.30
N LEU B 69 -15.06 -4.14 -28.17
CA LEU B 69 -15.23 -2.70 -28.07
C LEU B 69 -15.89 -2.18 -29.33
N GLY B 70 -16.82 -1.25 -29.17
CA GLY B 70 -17.51 -0.65 -30.28
C GLY B 70 -18.98 -0.50 -29.97
N ARG B 71 -19.76 -0.22 -31.01
CA ARG B 71 -21.19 0.05 -30.89
C ARG B 71 -21.95 -1.12 -31.51
N ALA B 72 -22.16 -2.15 -30.71
CA ALA B 72 -22.86 -3.36 -31.12
C ALA B 72 -23.20 -4.16 -29.87
N PRO B 73 -24.21 -5.04 -29.94
CA PRO B 73 -24.52 -5.87 -28.78
C PRO B 73 -23.34 -6.71 -28.34
N GLY B 74 -23.07 -6.70 -27.03
CA GLY B 74 -21.95 -7.43 -26.48
C GLY B 74 -20.64 -6.68 -26.46
N CYS B 75 -20.58 -5.49 -27.03
CA CYS B 75 -19.36 -4.70 -27.06
C CYS B 75 -19.53 -3.45 -26.21
N LEU B 76 -18.44 -3.01 -25.58
CA LEU B 76 -18.47 -1.82 -24.75
C LEU B 76 -18.34 -0.57 -25.61
N MET B 77 -19.25 0.38 -25.40
CA MET B 77 -19.27 1.62 -26.16
C MET B 77 -18.17 2.57 -25.70
N PRO B 78 -17.47 3.21 -26.62
CA PRO B 78 -16.49 4.24 -26.23
C PRO B 78 -17.13 5.63 -26.14
N ALA B 79 -16.57 6.43 -25.25
CA ALA B 79 -16.98 7.83 -25.10
C ALA B 79 -15.84 8.60 -24.43
N VAL B 80 -15.94 9.92 -24.49
CA VAL B 80 -14.91 10.80 -23.97
C VAL B 80 -15.01 10.87 -22.45
N GLN B 81 -13.86 10.77 -21.78
CA GLN B 81 -13.74 11.01 -20.36
C GLN B 81 -12.80 12.19 -20.11
N ASN B 82 -13.05 12.92 -19.03
CA ASN B 82 -12.27 14.10 -18.69
C ASN B 82 -11.64 13.93 -17.32
N TRP B 83 -10.37 14.33 -17.20
CA TRP B 83 -9.64 14.33 -15.94
C TRP B 83 -9.18 15.75 -15.66
N LEU B 84 -9.46 16.24 -14.45
CA LEU B 84 -9.24 17.64 -14.11
C LEU B 84 -8.31 17.76 -12.91
N VAL B 85 -7.37 18.69 -13.00
CA VAL B 85 -6.49 19.04 -11.88
C VAL B 85 -6.87 20.44 -11.43
N GLU B 86 -7.18 20.58 -10.14
CA GLU B 86 -7.64 21.84 -9.57
C GLU B 86 -6.53 22.41 -8.68
N VAL B 87 -6.09 23.61 -9.01
CA VAL B 87 -5.07 24.33 -8.24
C VAL B 87 -5.74 25.53 -7.58
N PRO B 88 -5.84 25.56 -6.24
CA PRO B 88 -6.44 26.74 -5.59
C PRO B 88 -5.63 28.00 -5.85
N THR B 89 -6.34 29.11 -6.01
CA THR B 89 -5.73 30.40 -6.30
C THR B 89 -6.08 31.38 -5.18
N VAL B 90 -5.06 32.01 -4.62
CA VAL B 90 -5.27 32.98 -3.52
C VAL B 90 -5.48 34.33 -4.20
N SER B 91 -6.72 34.58 -4.60
CA SER B 91 -7.10 35.81 -5.29
C SER B 91 -8.59 36.02 -5.12
N PRO B 92 -9.07 37.27 -5.17
CA PRO B 92 -10.52 37.50 -5.10
C PRO B 92 -11.22 37.35 -6.45
N ILE B 93 -10.51 37.51 -7.55
CA ILE B 93 -11.13 37.42 -8.87
C ILE B 93 -11.12 35.99 -9.40
N SER B 94 -10.01 35.29 -9.28
CA SER B 94 -9.87 33.92 -9.77
C SER B 94 -9.71 32.98 -8.59
N ARG B 95 -10.55 31.94 -8.54
CA ARG B 95 -10.54 31.00 -7.42
C ARG B 95 -9.76 29.73 -7.70
N PHE B 96 -9.64 29.32 -8.96
CA PHE B 96 -8.94 28.09 -9.30
C PHE B 96 -8.28 28.24 -10.66
N THR B 97 -7.27 27.40 -10.89
CA THR B 97 -6.70 27.19 -12.22
C THR B 97 -6.78 25.71 -12.55
N TYR B 98 -7.08 25.39 -13.80
CA TYR B 98 -7.40 24.04 -14.21
C TYR B 98 -6.41 23.53 -15.25
N HIS B 99 -6.11 22.24 -15.17
CA HIS B 99 -5.44 21.50 -16.23
C HIS B 99 -6.28 20.25 -16.51
N MET B 100 -6.82 20.15 -17.72
CA MET B 100 -7.75 19.09 -18.07
C MET B 100 -7.22 18.26 -19.23
N VAL B 101 -7.47 16.95 -19.17
CA VAL B 101 -7.12 16.02 -20.25
C VAL B 101 -8.39 15.32 -20.70
N SER B 102 -8.63 15.31 -22.01
CA SER B 102 -9.77 14.64 -22.60
C SER B 102 -9.28 13.51 -23.50
N GLY B 103 -9.87 12.33 -23.35
CA GLY B 103 -9.52 11.20 -24.18
C GLY B 103 -10.67 10.23 -24.30
N MET B 104 -10.58 9.36 -25.32
CA MET B 104 -11.61 8.37 -25.54
C MET B 104 -11.51 7.25 -24.50
N SER B 105 -12.62 6.93 -23.87
CA SER B 105 -12.65 6.01 -22.74
C SER B 105 -13.91 5.16 -22.87
N LEU B 106 -14.29 4.49 -21.77
CA LEU B 106 -15.47 3.65 -21.76
C LEU B 106 -16.69 4.43 -21.30
N ARG B 107 -17.83 4.16 -21.95
CA ARG B 107 -19.05 4.94 -21.74
C ARG B 107 -19.92 4.31 -20.65
N PRO B 108 -20.24 5.03 -19.58
CA PRO B 108 -21.22 4.51 -18.61
C PRO B 108 -22.63 4.47 -19.19
N ARG B 109 -23.44 3.56 -18.63
CA ARG B 109 -24.85 3.53 -18.96
C ARG B 109 -25.57 4.73 -18.35
N VAL B 110 -26.60 5.20 -19.05
CA VAL B 110 -27.27 6.46 -18.73
C VAL B 110 -28.57 6.16 -18.02
N ASN B 111 -28.82 6.85 -16.91
CA ASN B 111 -30.11 6.81 -16.22
C ASN B 111 -31.09 7.69 -16.99
N TYR B 112 -31.88 7.08 -17.88
CA TYR B 112 -32.84 7.86 -18.65
C TYR B 112 -34.00 8.34 -17.78
N LEU B 113 -34.20 7.75 -16.60
CA LEU B 113 -35.22 8.24 -15.68
C LEU B 113 -34.89 9.64 -15.19
N GLN B 114 -33.64 9.89 -14.84
CA GLN B 114 -33.19 11.20 -14.39
C GLN B 114 -32.67 12.00 -15.58
N ASP B 115 -32.00 13.12 -15.30
CA ASP B 115 -31.46 13.99 -16.35
C ASP B 115 -30.16 13.41 -16.91
N PHE B 116 -30.28 12.20 -17.46
CA PHE B 116 -29.17 11.50 -18.12
C PHE B 116 -27.96 11.36 -17.20
N SER B 117 -28.21 10.97 -15.95
CA SER B 117 -27.14 10.62 -15.04
C SER B 117 -26.66 9.19 -15.30
N TYR B 118 -25.57 8.81 -14.63
CA TYR B 118 -25.01 7.49 -14.81
C TYR B 118 -25.73 6.47 -13.94
N GLN B 119 -25.94 5.28 -14.49
CA GLN B 119 -26.41 4.16 -13.69
C GLN B 119 -25.31 3.68 -12.76
N ARG B 120 -25.63 3.52 -11.49
CA ARG B 120 -24.65 3.23 -10.45
C ARG B 120 -24.91 1.86 -9.85
N SER B 121 -23.86 1.31 -9.24
CA SER B 121 -23.93 0.04 -8.53
C SER B 121 -23.04 0.11 -7.30
N LEU B 122 -23.38 -0.71 -6.31
CA LEU B 122 -22.60 -0.78 -5.07
C LEU B 122 -22.09 -2.18 -4.77
N LYS B 123 -22.20 -3.10 -5.72
CA LYS B 123 -21.83 -4.49 -5.51
C LYS B 123 -20.34 -4.70 -5.74
N PHE B 124 -19.74 -5.57 -4.93
CA PHE B 124 -18.36 -6.01 -5.09
C PHE B 124 -17.38 -4.83 -5.04
N ARG B 125 -17.45 -4.09 -3.94
CA ARG B 125 -16.53 -2.97 -3.75
C ARG B 125 -15.12 -3.49 -3.48
N PRO B 126 -14.12 -3.02 -4.22
CA PRO B 126 -12.76 -3.53 -4.03
C PRO B 126 -11.97 -2.76 -2.99
N LYS B 127 -10.96 -3.43 -2.44
CA LYS B 127 -10.01 -2.76 -1.57
C LYS B 127 -9.15 -1.79 -2.36
N GLY B 128 -8.81 -0.68 -1.73
CA GLY B 128 -7.98 0.32 -2.37
C GLY B 128 -8.19 1.69 -1.76
N LYS B 129 -7.32 2.60 -2.17
CA LYS B 129 -7.36 3.96 -1.64
C LYS B 129 -8.60 4.68 -2.16
N PRO B 130 -9.41 5.27 -1.29
CA PRO B 130 -10.61 5.98 -1.76
C PRO B 130 -10.24 7.25 -2.53
N CYS B 131 -11.18 7.69 -3.36
CA CYS B 131 -10.99 8.94 -4.08
C CYS B 131 -11.12 10.14 -3.15
N PRO B 132 -10.28 11.15 -3.32
CA PRO B 132 -10.32 12.30 -2.41
C PRO B 132 -11.60 13.09 -2.57
N LYS B 133 -12.21 13.45 -1.45
CA LYS B 133 -13.40 14.29 -1.46
C LYS B 133 -13.08 15.78 -1.40
N GLU B 134 -11.81 16.14 -1.21
CA GLU B 134 -11.39 17.52 -1.10
C GLU B 134 -10.20 17.78 -2.02
N ILE B 135 -10.08 19.02 -2.47
CA ILE B 135 -8.97 19.41 -3.35
C ILE B 135 -7.69 19.48 -2.54
N PRO B 136 -6.59 18.90 -3.01
CA PRO B 136 -5.32 19.05 -2.30
C PRO B 136 -4.88 20.51 -2.25
N LYS B 137 -4.27 20.89 -1.13
CA LYS B 137 -3.83 22.26 -0.92
C LYS B 137 -2.40 22.50 -1.35
N GLU B 138 -1.66 21.46 -1.72
CA GLU B 138 -0.24 21.58 -2.09
C GLU B 138 -0.08 21.09 -3.53
N SER B 139 -0.29 22.01 -4.47
CA SER B 139 -0.06 21.69 -5.88
C SER B 139 1.44 21.54 -6.14
N LYS B 140 1.77 20.62 -7.03
CA LYS B 140 3.18 20.36 -7.37
C LYS B 140 3.24 19.77 -8.77
N ASN B 141 4.07 20.36 -9.62
CA ASN B 141 4.27 19.89 -11.00
C ASN B 141 2.95 19.85 -11.77
N THR B 142 2.37 21.04 -11.95
CA THR B 142 1.13 21.15 -12.72
C THR B 142 1.34 20.73 -14.17
N GLU B 143 2.55 20.87 -14.69
CA GLU B 143 2.86 20.43 -16.05
C GLU B 143 2.93 18.92 -16.17
N VAL B 144 3.03 18.20 -15.06
CA VAL B 144 3.13 16.74 -15.05
C VAL B 144 1.83 16.17 -14.50
N LEU B 145 1.23 15.25 -15.23
CA LEU B 145 0.02 14.57 -14.80
C LEU B 145 0.39 13.25 -14.14
N VAL B 146 -0.14 13.02 -12.94
CA VAL B 146 0.17 11.83 -12.15
C VAL B 146 -1.09 10.97 -12.11
N TRP B 147 -0.99 9.75 -12.64
CA TRP B 147 -2.09 8.80 -12.64
C TRP B 147 -1.98 7.90 -11.41
N GLU B 148 -3.08 7.80 -10.65
CA GLU B 148 -3.09 6.98 -9.45
C GLU B 148 -4.42 6.23 -9.36
N GLU B 149 -4.32 4.93 -9.07
CA GLU B 149 -5.52 4.11 -8.93
C GLU B 149 -6.37 4.60 -7.77
N CYS B 150 -7.68 4.67 -7.99
CA CYS B 150 -8.58 5.24 -7.01
C CYS B 150 -9.90 4.50 -7.02
N VAL B 151 -10.46 4.24 -5.85
CA VAL B 151 -11.75 3.56 -5.71
C VAL B 151 -12.81 4.62 -5.46
N ALA B 152 -13.83 4.63 -6.32
CA ALA B 152 -14.91 5.60 -6.21
C ALA B 152 -15.90 5.21 -5.12
N ASN B 153 -16.79 6.13 -4.78
CA ASN B 153 -17.82 5.84 -3.80
C ASN B 153 -18.84 4.85 -4.34
N SER B 154 -19.13 4.93 -5.64
CA SER B 154 -20.05 4.01 -6.30
C SER B 154 -19.46 3.59 -7.64
N ALA B 155 -19.83 2.40 -8.09
CA ALA B 155 -19.40 1.91 -9.39
C ALA B 155 -20.36 2.38 -10.47
N VAL B 156 -19.81 2.62 -11.66
CA VAL B 156 -20.63 2.91 -12.83
C VAL B 156 -20.89 1.60 -13.56
N ILE B 157 -22.09 1.48 -14.14
CA ILE B 157 -22.46 0.31 -14.90
C ILE B 157 -22.19 0.57 -16.37
N LEU B 158 -21.38 -0.30 -16.98
CA LEU B 158 -21.07 -0.19 -18.40
C LEU B 158 -21.97 -1.05 -19.28
N GLN B 159 -22.56 -2.10 -18.71
CA GLN B 159 -23.41 -3.01 -19.46
C GLN B 159 -24.26 -3.79 -18.49
N ASN B 160 -25.56 -3.91 -18.80
CA ASN B 160 -26.47 -4.73 -18.00
C ASN B 160 -27.52 -5.30 -18.96
N ASN B 161 -27.25 -6.48 -19.50
CA ASN B 161 -28.16 -7.12 -20.44
C ASN B 161 -27.83 -8.61 -20.49
N GLU B 162 -28.33 -9.30 -21.52
CA GLU B 162 -28.14 -10.73 -21.68
C GLU B 162 -26.71 -11.11 -22.02
N PHE B 163 -25.85 -10.15 -22.35
CA PHE B 163 -24.43 -10.40 -22.58
C PHE B 163 -23.61 -10.35 -21.29
N GLY B 164 -24.22 -9.97 -20.18
CA GLY B 164 -23.53 -9.89 -18.91
C GLY B 164 -23.58 -8.49 -18.32
N THR B 165 -23.14 -8.40 -17.07
CA THR B 165 -23.12 -7.16 -16.31
C THR B 165 -21.68 -6.74 -16.07
N ILE B 166 -21.32 -5.55 -16.56
CA ILE B 166 -19.98 -5.01 -16.44
C ILE B 166 -20.06 -3.73 -15.61
N ILE B 167 -19.27 -3.68 -14.53
CA ILE B 167 -19.26 -2.52 -13.66
C ILE B 167 -17.82 -2.05 -13.49
N ASP B 168 -17.68 -0.78 -13.14
CA ASP B 168 -16.37 -0.12 -13.05
C ASP B 168 -16.33 0.76 -11.81
N TRP B 169 -15.35 0.54 -10.94
CA TRP B 169 -15.23 1.26 -9.68
C TRP B 169 -14.28 2.45 -9.76
N ALA B 170 -13.77 2.77 -10.95
CA ALA B 170 -12.97 3.97 -11.12
C ALA B 170 -13.88 5.20 -11.18
N PRO B 171 -13.39 6.34 -10.71
CA PRO B 171 -14.23 7.55 -10.69
C PRO B 171 -14.47 8.14 -12.06
N ARG B 172 -15.60 8.83 -12.20
CA ARG B 172 -15.94 9.60 -13.38
C ARG B 172 -16.18 11.04 -12.96
N GLY B 173 -15.57 11.99 -13.67
CA GLY B 173 -15.58 13.39 -13.28
C GLY B 173 -16.50 14.23 -14.16
N GLN B 174 -17.25 15.12 -13.52
CA GLN B 174 -18.13 16.05 -14.21
C GLN B 174 -18.20 17.34 -13.39
N PHE B 175 -18.80 18.37 -14.00
CA PHE B 175 -19.05 19.63 -13.31
C PHE B 175 -20.49 19.65 -12.81
N TYR B 176 -20.68 20.08 -11.56
CA TYR B 176 -21.99 20.08 -10.93
C TYR B 176 -22.06 21.16 -9.88
N HIS B 177 -23.26 21.35 -9.34
CA HIS B 177 -23.51 22.26 -8.22
C HIS B 177 -23.96 21.45 -7.01
N ASN B 178 -23.47 21.85 -5.83
CA ASN B 178 -23.77 21.11 -4.61
C ASN B 178 -25.27 21.06 -4.36
N CYS B 179 -25.94 22.20 -4.38
CA CYS B 179 -27.38 22.37 -4.27
C CYS B 179 -27.95 22.04 -2.90
N SER B 180 -27.13 21.57 -1.95
CA SER B 180 -27.61 21.29 -0.60
C SER B 180 -27.51 22.56 0.22
N GLY B 181 -28.61 22.92 0.88
CA GLY B 181 -28.66 24.17 1.61
C GLY B 181 -28.84 25.39 0.74
N GLN B 182 -29.29 25.22 -0.50
CA GLN B 182 -29.48 26.31 -1.44
C GLN B 182 -30.96 26.51 -1.74
N THR B 183 -31.25 27.61 -2.40
CA THR B 183 -32.62 27.90 -2.81
C THR B 183 -33.01 27.01 -4.00
N GLN B 184 -34.28 27.07 -4.37
CA GLN B 184 -34.79 26.17 -5.40
C GLN B 184 -34.29 26.52 -6.81
N SER B 185 -33.39 27.49 -6.97
CA SER B 185 -32.84 27.83 -8.27
C SER B 185 -31.52 27.13 -8.59
N CYS B 186 -31.03 26.28 -7.69
CA CYS B 186 -29.77 25.60 -7.93
C CYS B 186 -29.98 24.42 -8.87
N PRO B 187 -29.37 24.42 -10.06
CA PRO B 187 -29.57 23.31 -10.99
C PRO B 187 -28.82 22.07 -10.53
N SER B 188 -29.45 20.91 -10.74
CA SER B 188 -28.88 19.63 -10.30
C SER B 188 -28.33 18.80 -11.44
N ALA B 189 -28.24 19.36 -12.65
CA ALA B 189 -27.77 18.61 -13.80
C ALA B 189 -26.24 18.55 -13.82
N GLN B 190 -25.70 17.38 -14.15
CA GLN B 190 -24.27 17.22 -14.38
C GLN B 190 -23.91 17.77 -15.75
N VAL B 191 -22.68 18.26 -15.87
CA VAL B 191 -22.18 18.86 -17.12
C VAL B 191 -20.85 18.22 -17.47
N SER B 192 -20.73 17.77 -18.72
CA SER B 192 -19.46 17.29 -19.25
C SER B 192 -18.76 18.44 -19.99
N PRO B 193 -17.52 18.78 -19.64
CA PRO B 193 -16.88 19.94 -20.29
C PRO B 193 -16.48 19.69 -21.74
N ALA B 194 -16.16 18.45 -22.11
CA ALA B 194 -15.75 18.13 -23.46
C ALA B 194 -16.59 16.99 -24.00
N VAL B 195 -16.84 17.03 -25.31
CA VAL B 195 -17.66 16.03 -25.97
C VAL B 195 -16.84 15.34 -27.06
N ASP B 196 -17.46 14.41 -27.78
CA ASP B 196 -16.74 13.59 -28.74
C ASP B 196 -16.18 14.42 -29.89
N SER B 197 -16.94 15.44 -30.33
CA SER B 197 -16.50 16.28 -31.43
C SER B 197 -15.26 17.10 -31.08
N ASP B 198 -14.98 17.30 -29.80
CA ASP B 198 -13.78 18.03 -29.40
C ASP B 198 -12.50 17.26 -29.71
N LEU B 199 -12.61 15.95 -29.94
CA LEU B 199 -11.45 15.13 -30.29
C LEU B 199 -11.36 14.83 -31.78
N THR B 200 -12.41 15.07 -32.54
CA THR B 200 -12.45 14.69 -33.95
C THR B 200 -12.57 15.87 -34.90
N GLU B 201 -13.55 16.75 -34.68
CA GLU B 201 -13.95 17.71 -35.72
C GLU B 201 -12.81 18.64 -36.10
N SER B 202 -12.09 19.18 -35.12
CA SER B 202 -10.96 20.04 -35.38
C SER B 202 -9.79 19.63 -34.50
N LEU B 203 -8.59 19.81 -35.01
CA LEU B 203 -7.38 19.54 -34.26
C LEU B 203 -6.44 20.74 -34.21
N ASP B 204 -6.34 21.50 -35.30
CA ASP B 204 -5.54 22.72 -35.31
C ASP B 204 -6.31 23.92 -34.77
N LYS B 205 -7.63 23.91 -34.89
CA LYS B 205 -8.44 25.01 -34.41
C LYS B 205 -8.43 25.08 -32.89
N HIS B 206 -8.47 26.30 -32.37
CA HIS B 206 -8.56 26.48 -30.93
C HIS B 206 -9.97 26.13 -30.44
N LYS B 207 -10.03 25.49 -29.27
CA LYS B 207 -11.29 25.09 -28.66
C LYS B 207 -11.50 25.89 -27.38
N HIS B 208 -12.73 26.37 -27.19
CA HIS B 208 -13.09 27.16 -26.02
C HIS B 208 -14.37 26.59 -25.40
N LYS B 209 -14.38 26.49 -24.07
CA LYS B 209 -15.57 26.08 -23.34
C LYS B 209 -15.82 27.08 -22.23
N LYS B 210 -17.06 27.55 -22.13
CA LYS B 210 -17.46 28.51 -21.10
C LYS B 210 -18.67 27.99 -20.37
N LEU B 211 -18.58 27.92 -19.04
CA LEU B 211 -19.68 27.50 -18.16
C LEU B 211 -19.98 28.62 -17.19
N GLN B 212 -21.20 29.15 -17.26
CA GLN B 212 -21.59 30.30 -16.45
C GLN B 212 -22.86 29.97 -15.67
N SER B 213 -22.84 30.26 -14.38
CA SER B 213 -24.03 30.05 -13.54
C SER B 213 -23.92 30.92 -12.30
N PHE B 214 -25.02 30.94 -11.53
CA PHE B 214 -25.09 31.67 -10.28
C PHE B 214 -24.56 30.89 -9.09
N TYR B 215 -24.07 29.68 -9.32
CA TYR B 215 -23.54 28.85 -8.26
C TYR B 215 -22.14 28.38 -8.61
N PRO B 216 -21.27 28.22 -7.63
CA PRO B 216 -19.91 27.76 -7.92
C PRO B 216 -19.91 26.37 -8.52
N TRP B 217 -18.93 26.13 -9.40
CA TRP B 217 -18.82 24.86 -10.11
C TRP B 217 -17.93 23.91 -9.33
N GLU B 218 -18.41 22.70 -9.10
CA GLU B 218 -17.66 21.66 -8.42
C GLU B 218 -17.34 20.53 -9.39
N TRP B 219 -16.17 19.93 -9.21
CA TRP B 219 -15.73 18.80 -10.01
C TRP B 219 -15.84 17.52 -9.19
N GLY B 220 -16.50 16.52 -9.74
CA GLY B 220 -16.64 15.23 -9.09
C GLY B 220 -17.13 14.15 -10.03
N GLU B 221 -16.74 12.90 -9.81
CA GLU B 221 -15.88 12.54 -8.68
C GLU B 221 -14.40 12.76 -9.01
N LYS B 222 -13.64 13.19 -8.00
CA LYS B 222 -12.24 13.54 -8.19
C LYS B 222 -11.37 12.29 -8.29
N GLY B 223 -10.20 12.47 -8.87
CA GLY B 223 -9.25 11.37 -9.01
C GLY B 223 -8.76 11.18 -10.43
N ILE B 224 -7.44 11.20 -10.61
CA ILE B 224 -6.85 10.95 -11.94
C ILE B 224 -6.66 9.44 -12.02
N SER B 225 -7.74 8.76 -12.39
CA SER B 225 -7.81 7.30 -12.38
C SER B 225 -8.49 6.83 -13.66
N THR B 226 -8.02 5.70 -14.17
CA THR B 226 -8.52 5.15 -15.42
C THR B 226 -9.47 3.99 -15.16
N PRO B 227 -10.35 3.69 -16.11
CA PRO B 227 -11.34 2.62 -15.90
C PRO B 227 -10.72 1.27 -15.63
N ARG B 228 -11.37 0.51 -14.73
CA ARG B 228 -10.99 -0.86 -14.41
C ARG B 228 -12.24 -1.73 -14.41
N PRO B 229 -12.83 -1.98 -15.58
CA PRO B 229 -14.08 -2.74 -15.64
C PRO B 229 -13.89 -4.21 -15.30
N LYS B 230 -14.98 -4.82 -14.82
CA LYS B 230 -14.98 -6.25 -14.51
C LYS B 230 -16.39 -6.80 -14.65
N ILE B 231 -16.47 -8.07 -15.03
CA ILE B 231 -17.76 -8.75 -15.12
C ILE B 231 -18.16 -9.27 -13.75
N ILE B 232 -19.45 -9.18 -13.44
CA ILE B 232 -19.95 -9.65 -12.15
C ILE B 232 -21.13 -10.58 -12.36
N SER B 233 -21.62 -10.67 -13.60
CA SER B 233 -22.73 -11.54 -13.93
C SER B 233 -22.63 -11.95 -15.40
N PRO B 234 -22.87 -13.22 -15.71
CA PRO B 234 -23.23 -14.33 -14.82
C PRO B 234 -22.00 -14.97 -14.16
N VAL B 235 -20.81 -14.45 -14.44
CA VAL B 235 -19.58 -14.95 -13.85
C VAL B 235 -18.81 -13.76 -13.27
N SER B 236 -17.94 -14.06 -12.31
CA SER B 236 -17.14 -13.05 -11.62
C SER B 236 -15.70 -13.15 -12.10
N GLY B 237 -15.20 -12.08 -12.71
CA GLY B 237 -13.86 -12.05 -13.23
C GLY B 237 -13.02 -10.92 -12.69
N PRO B 238 -11.76 -10.87 -13.09
CA PRO B 238 -10.87 -9.81 -12.61
C PRO B 238 -11.08 -8.50 -13.37
N GLU B 239 -10.53 -7.43 -12.80
CA GLU B 239 -10.57 -6.12 -13.44
C GLU B 239 -9.64 -6.08 -14.64
N HIS B 240 -9.98 -5.22 -15.60
CA HIS B 240 -9.23 -5.08 -16.85
C HIS B 240 -8.85 -3.62 -17.06
N PRO B 241 -7.78 -3.16 -16.41
CA PRO B 241 -7.37 -1.76 -16.53
C PRO B 241 -6.61 -1.43 -17.81
N GLU B 242 -6.59 -2.31 -18.80
CA GLU B 242 -5.88 -2.07 -20.05
C GLU B 242 -6.80 -1.80 -21.23
N LEU B 243 -8.12 -2.00 -21.08
CA LEU B 243 -9.03 -1.79 -22.20
C LEU B 243 -9.12 -0.33 -22.60
N TRP B 244 -9.01 0.59 -21.64
CA TRP B 244 -9.06 2.01 -21.97
C TRP B 244 -7.86 2.43 -22.83
N ARG B 245 -6.74 1.72 -22.72
CA ARG B 245 -5.58 2.05 -23.52
C ARG B 245 -5.82 1.84 -25.01
N LEU B 246 -6.70 0.91 -25.37
CA LEU B 246 -7.03 0.69 -26.76
C LEU B 246 -7.91 1.82 -27.31
N THR B 247 -8.91 2.26 -26.54
CA THR B 247 -9.82 3.29 -27.03
C THR B 247 -9.15 4.66 -27.06
N VAL B 248 -8.22 4.92 -26.14
CA VAL B 248 -7.64 6.26 -26.05
C VAL B 248 -6.75 6.56 -27.25
N ALA B 249 -6.20 5.53 -27.89
CA ALA B 249 -5.38 5.73 -29.07
C ALA B 249 -6.20 5.90 -30.35
N SER B 250 -7.50 5.59 -30.32
CA SER B 250 -8.35 5.75 -31.49
C SER B 250 -8.61 7.21 -31.85
N HIS B 251 -8.32 8.14 -30.94
CA HIS B 251 -8.46 9.57 -31.21
C HIS B 251 -7.28 10.29 -30.59
N HIS B 252 -7.09 11.54 -31.01
CA HIS B 252 -6.17 12.42 -30.30
C HIS B 252 -6.69 12.70 -28.91
N ILE B 253 -5.76 12.95 -27.99
CA ILE B 253 -6.10 13.41 -26.65
C ILE B 253 -5.93 14.93 -26.60
N ARG B 254 -6.91 15.62 -26.03
CA ARG B 254 -6.91 17.07 -25.98
C ARG B 254 -6.52 17.53 -24.58
N ILE B 255 -5.65 18.53 -24.52
CA ILE B 255 -5.17 19.12 -23.27
C ILE B 255 -5.74 20.51 -23.14
N TRP B 256 -6.34 20.80 -22.00
CA TRP B 256 -7.00 22.07 -21.74
C TRP B 256 -6.33 22.80 -20.59
N SER B 257 -6.51 24.12 -20.57
CA SER B 257 -6.16 24.94 -19.42
C SER B 257 -7.25 25.98 -19.22
N GLY B 258 -7.36 26.48 -18.01
CA GLY B 258 -8.37 27.48 -17.72
C GLY B 258 -8.46 27.80 -16.24
N ASN B 259 -9.57 28.42 -15.87
CA ASN B 259 -9.75 28.92 -14.51
C ASN B 259 -11.24 29.06 -14.23
N GLN B 260 -11.56 29.24 -12.95
CA GLN B 260 -12.88 29.65 -12.51
C GLN B 260 -12.78 31.01 -11.84
N THR B 261 -13.63 31.95 -12.27
CA THR B 261 -13.61 33.30 -11.74
C THR B 261 -14.96 33.68 -11.17
N LEU B 262 -14.94 34.63 -10.24
CA LEU B 262 -16.13 35.13 -9.56
C LEU B 262 -16.38 36.58 -9.95
N GLU B 263 -17.60 36.88 -10.38
CA GLU B 263 -18.02 38.23 -10.68
C GLU B 263 -19.43 38.43 -10.10
N THR B 264 -20.07 39.53 -10.47
CA THR B 264 -21.41 39.85 -9.99
C THR B 264 -22.32 40.10 -11.19
N ARG B 265 -23.47 39.42 -11.20
CA ARG B 265 -24.49 39.62 -12.20
C ARG B 265 -25.84 39.79 -11.50
N ASP B 266 -26.56 40.85 -11.84
CA ASP B 266 -27.86 41.15 -11.24
C ASP B 266 -27.75 41.27 -9.72
N ARG B 267 -26.63 41.82 -9.25
CA ARG B 267 -26.33 41.99 -7.83
C ARG B 267 -26.23 40.67 -7.08
N LYS B 268 -25.98 39.58 -7.79
CA LYS B 268 -25.78 38.27 -7.19
C LYS B 268 -24.44 37.70 -7.65
N PRO B 269 -23.82 36.84 -6.86
CA PRO B 269 -22.56 36.22 -7.28
C PRO B 269 -22.73 35.42 -8.57
N PHE B 270 -21.71 35.47 -9.43
CA PHE B 270 -21.69 34.79 -10.71
C PHE B 270 -20.36 34.07 -10.88
N TYR B 271 -20.42 32.80 -11.26
CA TYR B 271 -19.23 31.98 -11.39
C TYR B 271 -19.10 31.50 -12.83
N THR B 272 -17.92 31.70 -13.42
CA THR B 272 -17.64 31.34 -14.80
C THR B 272 -16.43 30.41 -14.83
N VAL B 273 -16.58 29.31 -15.56
CA VAL B 273 -15.46 28.40 -15.83
C VAL B 273 -15.09 28.55 -17.29
N ASP B 274 -13.86 28.97 -17.55
CA ASP B 274 -13.32 29.07 -18.90
C ASP B 274 -12.27 27.99 -19.11
N LEU B 275 -12.39 27.27 -20.22
CA LEU B 275 -11.40 26.26 -20.63
C LEU B 275 -11.06 26.49 -22.09
N ASN B 276 -9.76 26.52 -22.40
CA ASN B 276 -9.31 26.66 -23.77
C ASN B 276 -8.23 25.64 -24.07
N SER B 277 -8.18 25.20 -25.33
CA SER B 277 -7.23 24.20 -25.76
C SER B 277 -6.69 24.54 -27.13
N SER B 278 -5.38 24.38 -27.29
CA SER B 278 -4.74 24.45 -28.60
C SER B 278 -3.75 23.31 -28.80
N LEU B 279 -3.83 22.26 -28.00
CA LEU B 279 -2.87 21.17 -28.04
C LEU B 279 -3.59 19.83 -28.09
N THR B 280 -3.20 18.99 -29.06
CA THR B 280 -3.63 17.61 -29.13
C THR B 280 -2.41 16.72 -29.33
N VAL B 281 -2.46 15.52 -28.76
CA VAL B 281 -1.36 14.57 -28.82
C VAL B 281 -1.85 13.30 -29.50
N PRO B 282 -1.21 12.84 -30.57
CA PRO B 282 -1.57 11.54 -31.15
C PRO B 282 -0.82 10.38 -30.48
N LEU B 283 -1.55 9.28 -30.28
CA LEU B 283 -1.03 8.12 -29.59
C LEU B 283 -1.13 6.88 -30.47
N GLN B 284 -0.41 5.84 -30.06
CA GLN B 284 -0.49 4.52 -30.68
C GLN B 284 -0.53 3.48 -29.59
N SER B 285 -1.49 2.55 -29.68
CA SER B 285 -1.62 1.46 -28.73
C SER B 285 -1.52 0.13 -29.49
N CYS B 286 -0.71 -0.79 -28.97
CA CYS B 286 -0.44 -2.04 -29.64
C CYS B 286 -0.47 -3.19 -28.65
N VAL B 287 -0.79 -4.38 -29.16
CA VAL B 287 -0.62 -5.63 -28.43
C VAL B 287 0.46 -6.44 -29.13
N LYS B 288 1.00 -7.41 -28.41
CA LYS B 288 2.10 -8.19 -28.95
C LYS B 288 1.70 -9.66 -29.09
N PRO B 289 2.32 -10.39 -30.00
CA PRO B 289 2.03 -11.82 -30.12
C PRO B 289 2.25 -12.53 -28.80
N PRO B 290 1.45 -13.55 -28.49
CA PRO B 290 0.42 -14.18 -29.34
C PRO B 290 -0.93 -13.49 -29.36
N TYR B 291 -1.02 -12.19 -29.08
CA TYR B 291 -2.29 -11.48 -29.07
C TYR B 291 -2.44 -10.66 -30.35
N MET B 292 -3.69 -10.50 -30.78
CA MET B 292 -4.04 -9.74 -31.98
C MET B 292 -5.39 -9.08 -31.78
N LEU B 293 -5.74 -8.20 -32.70
CA LEU B 293 -7.03 -7.52 -32.71
C LEU B 293 -7.77 -7.85 -33.99
N VAL B 294 -9.07 -8.13 -33.86
CA VAL B 294 -9.95 -8.38 -34.99
C VAL B 294 -10.87 -7.17 -35.12
N VAL B 295 -10.82 -6.51 -36.27
CA VAL B 295 -11.53 -5.26 -36.49
C VAL B 295 -12.49 -5.44 -37.67
N GLY B 296 -13.75 -5.14 -37.44
CA GLY B 296 -14.75 -5.21 -38.49
C GLY B 296 -16.15 -5.30 -37.90
N ASN B 297 -17.05 -5.84 -38.72
CA ASN B 297 -18.46 -6.00 -38.32
C ASN B 297 -18.59 -7.29 -37.53
N ILE B 298 -18.20 -7.22 -36.26
CA ILE B 298 -18.21 -8.39 -35.38
C ILE B 298 -19.61 -8.57 -34.81
N VAL B 299 -20.15 -9.78 -34.95
CA VAL B 299 -21.47 -10.13 -34.45
C VAL B 299 -21.31 -11.19 -33.38
N ILE B 300 -21.94 -10.96 -32.23
CA ILE B 300 -21.91 -11.88 -31.10
C ILE B 300 -23.33 -12.37 -30.85
N LYS B 301 -23.52 -13.68 -30.86
CA LYS B 301 -24.82 -14.29 -30.62
C LYS B 301 -24.77 -15.07 -29.31
N PRO B 302 -25.36 -14.56 -28.22
CA PRO B 302 -25.21 -15.23 -26.93
C PRO B 302 -26.01 -16.51 -26.79
N ASP B 303 -27.08 -16.69 -27.58
CA ASP B 303 -27.86 -17.92 -27.47
C ASP B 303 -27.05 -19.14 -27.90
N SER B 304 -26.31 -19.02 -28.99
CA SER B 304 -25.44 -20.11 -29.45
C SER B 304 -23.99 -19.93 -29.03
N GLN B 305 -23.65 -18.80 -28.40
CA GLN B 305 -22.28 -18.48 -27.98
C GLN B 305 -21.32 -18.53 -29.17
N THR B 306 -21.66 -17.76 -30.19
CA THR B 306 -20.91 -17.72 -31.44
C THR B 306 -20.45 -16.30 -31.75
N ILE B 307 -19.20 -16.18 -32.22
CA ILE B 307 -18.67 -14.93 -32.74
C ILE B 307 -18.45 -15.10 -34.23
N THR B 308 -19.00 -14.19 -35.02
CA THR B 308 -18.94 -14.28 -36.47
C THR B 308 -18.58 -12.92 -37.05
N CYS B 309 -17.73 -12.92 -38.07
CA CYS B 309 -17.48 -11.72 -38.84
C CYS B 309 -17.08 -12.09 -40.27
N GLU B 310 -17.55 -11.28 -41.21
CA GLU B 310 -17.14 -11.39 -42.60
C GLU B 310 -16.27 -10.17 -42.95
N ASN B 311 -15.10 -10.44 -43.54
CA ASN B 311 -14.20 -9.40 -44.03
C ASN B 311 -13.62 -8.55 -42.92
N CYS B 312 -13.42 -9.12 -41.74
CA CYS B 312 -12.65 -8.43 -40.72
C CYS B 312 -11.17 -8.39 -41.10
N ARG B 313 -10.46 -7.42 -40.52
CA ARG B 313 -9.03 -7.29 -40.69
C ARG B 313 -8.32 -7.65 -39.39
N LEU B 314 -7.15 -8.26 -39.52
CA LEU B 314 -6.30 -8.57 -38.38
C LEU B 314 -5.31 -7.44 -38.18
N LEU B 315 -5.26 -6.90 -36.97
CA LEU B 315 -4.45 -5.75 -36.65
C LEU B 315 -3.63 -6.01 -35.39
N THR B 316 -2.64 -5.16 -35.19
CA THR B 316 -1.82 -5.15 -33.99
C THR B 316 -1.86 -3.83 -33.25
N CYS B 317 -2.03 -2.71 -33.96
CA CYS B 317 -1.95 -1.39 -33.36
C CYS B 317 -3.19 -0.58 -33.70
N ILE B 318 -3.58 0.29 -32.76
CA ILE B 318 -4.68 1.24 -32.93
C ILE B 318 -4.09 2.64 -32.90
N ASP B 319 -4.45 3.46 -33.89
CA ASP B 319 -4.08 4.87 -33.89
C ASP B 319 -5.30 5.70 -34.30
N SER B 320 -5.09 6.99 -34.51
CA SER B 320 -6.18 7.94 -34.73
C SER B 320 -6.85 7.77 -36.09
N THR B 321 -6.28 6.99 -37.00
CA THR B 321 -6.96 6.67 -38.25
C THR B 321 -8.09 5.69 -38.06
N PHE B 322 -8.27 5.14 -36.85
CA PHE B 322 -9.29 4.14 -36.61
C PHE B 322 -10.69 4.74 -36.80
N ASN B 323 -11.59 3.93 -37.35
CA ASN B 323 -12.96 4.33 -37.61
C ASN B 323 -13.88 3.52 -36.70
N TRP B 324 -14.69 4.21 -35.90
CA TRP B 324 -15.53 3.56 -34.91
C TRP B 324 -16.85 3.07 -35.48
N GLN B 325 -16.97 2.94 -36.80
CA GLN B 325 -18.04 2.15 -37.38
C GLN B 325 -17.74 0.66 -37.31
N HIS B 326 -16.50 0.30 -36.99
CA HIS B 326 -16.09 -1.09 -36.79
C HIS B 326 -15.97 -1.38 -35.29
N ARG B 327 -15.98 -2.67 -34.97
CA ARG B 327 -15.75 -3.12 -33.61
C ARG B 327 -14.39 -3.80 -33.50
N ILE B 328 -13.88 -3.88 -32.27
CA ILE B 328 -12.59 -4.49 -31.97
C ILE B 328 -12.84 -5.71 -31.09
N LEU B 329 -12.29 -6.85 -31.49
CA LEU B 329 -12.33 -8.08 -30.70
C LEU B 329 -10.91 -8.50 -30.38
N LEU B 330 -10.65 -8.79 -29.11
CA LEU B 330 -9.34 -9.23 -28.65
C LEU B 330 -9.23 -10.74 -28.79
N VAL B 331 -8.18 -11.21 -29.44
CA VAL B 331 -7.98 -12.64 -29.69
C VAL B 331 -6.55 -13.01 -29.34
N ARG B 332 -6.33 -14.32 -29.18
CA ARG B 332 -5.02 -14.88 -28.92
C ARG B 332 -4.85 -16.14 -29.77
N ALA B 333 -3.60 -16.44 -30.10
CA ALA B 333 -3.29 -17.71 -30.77
C ALA B 333 -3.74 -18.88 -29.91
N ARG B 334 -4.36 -19.86 -30.54
CA ARG B 334 -4.97 -20.95 -29.79
C ARG B 334 -3.95 -22.01 -29.41
N GLU B 335 -4.27 -22.74 -28.34
CA GLU B 335 -3.47 -23.86 -27.86
C GLU B 335 -3.62 -25.06 -28.80
N GLY B 336 -3.01 -26.17 -28.42
CA GLY B 336 -3.05 -27.36 -29.25
C GLY B 336 -4.44 -27.93 -29.40
N VAL B 337 -4.69 -28.55 -30.55
CA VAL B 337 -6.00 -29.11 -30.88
C VAL B 337 -5.84 -30.57 -31.32
N TRP B 338 -6.94 -31.30 -31.23
CA TRP B 338 -7.03 -32.68 -31.67
C TRP B 338 -7.94 -32.77 -32.90
N ILE B 339 -7.51 -33.55 -33.89
CA ILE B 339 -8.29 -33.70 -35.11
C ILE B 339 -7.98 -35.04 -35.77
N PRO B 340 -8.99 -35.74 -36.28
CA PRO B 340 -8.70 -36.96 -37.06
C PRO B 340 -8.18 -36.62 -38.44
N CYS B 341 -7.21 -37.41 -38.90
CA CYS B 341 -6.71 -37.31 -40.27
C CYS B 341 -6.45 -38.72 -40.80
N SER B 342 -6.56 -38.87 -42.11
CA SER B 342 -6.50 -40.18 -42.75
C SER B 342 -5.16 -40.37 -43.45
N MET B 343 -4.71 -41.63 -43.46
CA MET B 343 -3.48 -42.06 -44.10
C MET B 343 -3.79 -43.18 -45.09
N ASP B 344 -2.90 -43.36 -46.07
CA ASP B 344 -3.06 -44.41 -47.06
C ASP B 344 -2.45 -45.73 -46.64
N ARG B 345 -1.73 -45.78 -45.53
CA ARG B 345 -1.15 -47.00 -45.00
C ARG B 345 -1.29 -46.99 -43.48
N PRO B 346 -1.19 -48.14 -42.83
CA PRO B 346 -1.37 -48.19 -41.37
C PRO B 346 -0.26 -47.46 -40.61
N TRP B 347 -0.57 -47.15 -39.37
CA TRP B 347 0.35 -46.46 -38.47
C TRP B 347 1.61 -47.30 -38.23
N GLU B 348 2.76 -46.63 -38.23
CA GLU B 348 4.04 -47.27 -37.98
C GLU B 348 4.83 -46.44 -36.98
N ALA B 349 5.58 -47.12 -36.12
CA ALA B 349 6.40 -46.44 -35.12
C ALA B 349 7.77 -46.03 -35.66
N SER B 350 8.38 -46.87 -36.48
CA SER B 350 9.73 -46.66 -36.98
C SER B 350 9.79 -47.09 -38.44
N PRO B 351 10.78 -46.59 -39.19
CA PRO B 351 10.97 -47.07 -40.56
C PRO B 351 11.85 -48.30 -40.67
N SER B 352 12.02 -49.03 -39.55
CA SER B 352 12.93 -50.18 -39.53
C SER B 352 12.53 -51.23 -40.56
N ILE B 353 11.23 -51.58 -40.62
CA ILE B 353 10.77 -52.51 -41.64
C ILE B 353 10.87 -51.87 -43.02
N HIS B 354 10.59 -50.58 -43.10
CA HIS B 354 10.71 -49.87 -44.39
C HIS B 354 12.14 -49.92 -44.89
N ILE B 355 13.12 -49.75 -43.99
CA ILE B 355 14.53 -49.75 -44.39
C ILE B 355 14.92 -51.10 -44.96
N LEU B 356 14.48 -52.19 -44.32
CA LEU B 356 14.81 -53.53 -44.81
C LEU B 356 14.22 -53.82 -46.18
N THR B 357 13.18 -53.10 -46.60
CA THR B 357 12.59 -53.33 -47.91
C THR B 357 13.54 -52.90 -49.02
N GLU B 358 14.19 -51.74 -48.88
CA GLU B 358 15.13 -51.29 -49.90
C GLU B 358 16.45 -52.06 -49.88
N VAL B 359 16.79 -52.68 -48.75
CA VAL B 359 17.98 -53.53 -48.71
C VAL B 359 17.76 -54.78 -49.56
N LEU B 360 16.61 -55.42 -49.41
CA LEU B 360 16.31 -56.61 -50.20
C LEU B 360 16.19 -56.28 -51.69
N LYS B 361 15.55 -55.16 -52.01
CA LYS B 361 15.44 -54.76 -53.41
C LYS B 361 16.77 -54.24 -53.96
N GLY B 362 17.64 -53.73 -53.09
CA GLY B 362 18.94 -53.28 -53.54
C GLY B 362 19.81 -54.42 -54.05
N VAL B 363 19.71 -55.57 -53.41
CA VAL B 363 20.47 -56.75 -53.83
C VAL B 363 20.02 -57.22 -55.20
N ASN C 4 20.56 -60.27 -11.63
CA ASN C 4 19.21 -60.55 -12.11
C ASN C 4 18.66 -59.40 -12.93
N TYR C 5 19.57 -58.54 -13.40
CA TYR C 5 19.23 -57.35 -14.20
C TYR C 5 18.28 -56.43 -13.42
N THR C 6 18.81 -55.90 -12.32
CA THR C 6 18.13 -54.88 -11.55
C THR C 6 18.67 -53.51 -11.96
N TYR C 7 17.77 -52.58 -12.27
CA TYR C 7 18.13 -51.29 -12.83
C TYR C 7 17.44 -50.17 -12.06
N TRP C 8 18.03 -48.98 -12.15
CA TRP C 8 17.42 -47.79 -11.58
C TRP C 8 16.36 -47.25 -12.54
N ALA C 9 15.18 -46.97 -12.00
CA ALA C 9 14.08 -46.44 -12.79
C ALA C 9 13.57 -45.15 -12.17
N TYR C 10 13.05 -44.28 -13.02
CA TYR C 10 12.48 -43.01 -12.60
C TYR C 10 10.99 -43.01 -12.88
N VAL C 11 10.20 -42.71 -11.85
CA VAL C 11 8.74 -42.63 -11.98
C VAL C 11 8.32 -41.17 -11.86
N PRO C 12 8.00 -40.49 -12.97
CA PRO C 12 7.64 -39.06 -12.87
C PRO C 12 6.39 -38.77 -12.07
N PHE C 13 5.40 -39.66 -12.07
CA PHE C 13 4.13 -39.43 -11.38
C PHE C 13 3.78 -40.62 -10.51
N PRO C 14 4.46 -40.78 -9.37
CA PRO C 14 4.12 -41.88 -8.46
C PRO C 14 2.82 -41.60 -7.72
N PRO C 15 2.09 -42.63 -7.34
CA PRO C 15 0.89 -42.46 -6.50
C PRO C 15 1.24 -42.27 -5.02
N LEU C 16 2.14 -41.34 -4.74
CA LEU C 16 2.62 -41.05 -3.40
C LEU C 16 2.24 -39.62 -3.01
N ILE C 17 2.26 -39.36 -1.72
CA ILE C 17 1.99 -38.03 -1.19
C ILE C 17 3.10 -37.62 -0.25
N ARG C 18 3.23 -36.32 -0.05
CA ARG C 18 4.13 -35.75 0.94
C ARG C 18 3.41 -34.66 1.71
N ALA C 19 3.82 -34.46 2.94
CA ALA C 19 3.15 -33.49 3.80
C ALA C 19 3.53 -32.06 3.41
N VAL C 20 2.54 -31.18 3.46
CA VAL C 20 2.79 -29.75 3.32
C VAL C 20 3.32 -29.22 4.66
N THR C 21 4.42 -28.47 4.60
CA THR C 21 5.12 -28.02 5.79
C THR C 21 4.96 -26.51 5.97
N TRP C 22 5.44 -26.02 7.11
CA TRP C 22 5.43 -24.61 7.42
C TRP C 22 6.44 -23.81 6.60
N MET C 23 7.34 -24.47 5.87
CA MET C 23 8.26 -23.80 4.97
C MET C 23 7.69 -23.66 3.56
N ASP C 24 6.51 -24.21 3.30
CA ASP C 24 5.83 -23.99 2.04
C ASP C 24 5.22 -22.60 2.00
N ASN C 25 5.03 -22.09 0.80
CA ASN C 25 4.27 -20.87 0.61
C ASN C 25 2.77 -21.17 0.69
N PRO C 26 1.95 -20.17 0.97
CA PRO C 26 0.52 -20.43 1.19
C PRO C 26 -0.16 -21.07 -0.02
N ILE C 27 -1.11 -21.96 0.27
CA ILE C 27 -1.87 -22.64 -0.75
C ILE C 27 -3.28 -22.05 -0.80
N GLU C 28 -4.06 -22.47 -1.78
CA GLU C 28 -5.40 -21.93 -1.99
C GLU C 28 -6.44 -22.80 -1.30
N VAL C 29 -7.29 -22.17 -0.50
CA VAL C 29 -8.44 -22.83 0.12
C VAL C 29 -9.69 -22.07 -0.33
N TYR C 30 -10.64 -22.81 -0.90
CA TYR C 30 -11.81 -22.21 -1.52
C TYR C 30 -13.02 -22.37 -0.60
N VAL C 31 -13.73 -21.27 -0.38
CA VAL C 31 -14.99 -21.27 0.37
C VAL C 31 -16.11 -20.99 -0.60
N ASN C 32 -17.30 -21.48 -0.29
CA ASN C 32 -18.45 -21.38 -1.18
C ASN C 32 -19.36 -20.19 -0.89
N ASP C 33 -18.99 -19.31 0.05
CA ASP C 33 -19.85 -18.19 0.43
C ASP C 33 -19.01 -16.92 0.47
N SER C 34 -19.27 -16.00 -0.46
CA SER C 34 -18.52 -14.75 -0.55
C SER C 34 -19.13 -13.62 0.28
N VAL C 35 -20.33 -13.82 0.84
CA VAL C 35 -20.96 -12.75 1.62
C VAL C 35 -20.21 -12.51 2.92
N TRP C 36 -19.79 -13.58 3.60
CA TRP C 36 -19.21 -13.48 4.93
C TRP C 36 -17.72 -13.75 4.98
N VAL C 37 -17.14 -14.36 3.95
CA VAL C 37 -15.73 -14.75 4.00
C VAL C 37 -15.04 -14.25 2.73
N PRO C 38 -13.82 -13.71 2.83
CA PRO C 38 -13.10 -13.28 1.64
C PRO C 38 -12.71 -14.46 0.76
N GLY C 39 -12.30 -14.13 -0.47
CA GLY C 39 -12.00 -15.13 -1.46
C GLY C 39 -10.66 -15.81 -1.20
N PRO C 40 -10.31 -16.76 -2.10
CA PRO C 40 -11.01 -17.17 -3.32
C PRO C 40 -12.28 -17.99 -3.09
N ILE C 41 -13.23 -17.90 -4.02
CA ILE C 41 -14.55 -18.46 -3.87
C ILE C 41 -14.75 -19.56 -4.91
N ASP C 42 -15.37 -20.65 -4.50
CA ASP C 42 -15.85 -21.67 -5.43
C ASP C 42 -17.00 -22.41 -4.77
N ASP C 43 -18.18 -22.35 -5.40
CA ASP C 43 -19.39 -22.97 -4.85
C ASP C 43 -19.61 -24.39 -5.34
N ARG C 44 -18.79 -24.89 -6.25
CA ARG C 44 -19.01 -26.21 -6.82
C ARG C 44 -18.73 -27.30 -5.81
N CYS C 45 -19.40 -28.43 -5.99
CA CYS C 45 -19.10 -29.64 -5.24
C CYS C 45 -17.79 -30.25 -5.76
N PRO C 46 -17.17 -31.15 -4.97
CA PRO C 46 -15.96 -31.81 -5.45
C PRO C 46 -16.20 -32.57 -6.75
N ALA C 47 -15.15 -32.65 -7.56
CA ALA C 47 -15.27 -33.28 -8.87
C ALA C 47 -15.66 -34.76 -8.77
N LYS C 48 -15.21 -35.44 -7.72
CA LYS C 48 -15.51 -36.86 -7.52
C LYS C 48 -16.09 -37.03 -6.12
N PRO C 49 -17.35 -36.67 -5.93
CA PRO C 49 -17.94 -36.76 -4.57
C PRO C 49 -18.01 -38.17 -4.02
N GLU C 50 -17.98 -39.19 -4.87
CA GLU C 50 -18.05 -40.56 -4.41
C GLU C 50 -16.70 -41.12 -3.96
N GLU C 51 -15.62 -40.36 -4.13
CA GLU C 51 -14.29 -40.80 -3.70
C GLU C 51 -13.88 -40.22 -2.35
N GLU C 52 -14.58 -39.20 -1.87
CA GLU C 52 -14.23 -38.58 -0.60
C GLU C 52 -14.34 -39.58 0.54
N GLY C 53 -13.33 -39.58 1.41
CA GLY C 53 -13.34 -40.43 2.57
C GLY C 53 -12.76 -41.82 2.38
N MET C 54 -11.95 -42.04 1.35
CA MET C 54 -11.32 -43.33 1.16
C MET C 54 -10.24 -43.55 2.21
N MET C 55 -10.22 -44.74 2.79
CA MET C 55 -9.29 -45.05 3.88
C MET C 55 -7.90 -45.33 3.33
N ILE C 56 -6.89 -44.97 4.13
CA ILE C 56 -5.50 -45.12 3.73
C ILE C 56 -4.65 -45.22 4.99
N ASN C 57 -3.56 -45.97 4.90
CA ASN C 57 -2.53 -46.02 5.93
C ASN C 57 -1.32 -45.24 5.44
N ILE C 58 -0.80 -44.36 6.28
CA ILE C 58 0.26 -43.43 5.90
C ILE C 58 1.43 -43.58 6.85
N SER C 59 2.64 -43.68 6.30
CA SER C 59 3.86 -43.64 7.09
C SER C 59 4.92 -42.92 6.24
N ILE C 60 5.04 -41.61 6.45
CA ILE C 60 5.92 -40.78 5.65
C ILE C 60 6.83 -39.99 6.58
N GLY C 61 7.91 -39.46 5.99
CA GLY C 61 8.81 -38.57 6.69
C GLY C 61 8.62 -37.13 6.25
N TYR C 62 9.43 -36.25 6.84
CA TYR C 62 9.42 -34.85 6.48
C TYR C 62 10.77 -34.24 6.81
N ARG C 63 11.05 -33.10 6.19
CA ARG C 63 12.25 -32.32 6.48
C ARG C 63 11.95 -31.11 7.35
N TYR C 64 10.80 -30.48 7.16
CA TYR C 64 10.34 -29.34 7.93
C TYR C 64 9.02 -29.68 8.59
N PRO C 65 8.68 -29.02 9.70
CA PRO C 65 7.48 -29.40 10.48
C PRO C 65 6.22 -29.38 9.63
N PRO C 66 5.46 -30.48 9.65
CA PRO C 66 4.22 -30.52 8.86
C PRO C 66 3.14 -29.62 9.44
N ILE C 67 2.25 -29.17 8.57
CA ILE C 67 1.11 -28.35 8.96
C ILE C 67 -0.04 -29.29 9.32
N CYS C 68 -0.41 -29.29 10.61
CA CYS C 68 -1.49 -30.13 11.11
C CYS C 68 -2.41 -29.31 11.98
N LEU C 69 -3.70 -29.66 11.96
CA LEU C 69 -4.72 -29.00 12.77
C LEU C 69 -5.42 -30.03 13.63
N GLY C 70 -5.68 -29.67 14.88
CA GLY C 70 -6.41 -30.52 15.78
C GLY C 70 -5.79 -30.51 17.16
N ARG C 71 -6.26 -31.42 18.00
CA ARG C 71 -5.80 -31.52 19.39
C ARG C 71 -4.88 -32.71 19.53
N ALA C 72 -3.61 -32.49 19.18
CA ALA C 72 -2.58 -33.50 19.25
C ALA C 72 -1.22 -32.81 19.24
N PRO C 73 -0.17 -33.47 19.72
CA PRO C 73 1.17 -32.88 19.64
C PRO C 73 1.56 -32.60 18.20
N GLY C 74 2.00 -31.36 17.94
CA GLY C 74 2.38 -30.95 16.62
C GLY C 74 1.28 -30.34 15.78
N CYS C 75 0.04 -30.35 16.25
CA CYS C 75 -1.09 -29.80 15.51
C CYS C 75 -1.63 -28.57 16.22
N LEU C 76 -2.04 -27.59 15.43
CA LEU C 76 -2.61 -26.35 15.98
C LEU C 76 -4.03 -26.59 16.45
N MET C 77 -4.34 -26.16 17.66
CA MET C 77 -5.66 -26.35 18.25
C MET C 77 -6.65 -25.31 17.70
N PRO C 78 -7.87 -25.72 17.39
CA PRO C 78 -8.89 -24.75 16.99
C PRO C 78 -9.68 -24.21 18.17
N ALA C 79 -10.09 -22.94 18.04
CA ALA C 79 -10.93 -22.28 19.03
C ALA C 79 -11.73 -21.17 18.37
N VAL C 80 -12.76 -20.71 19.06
CA VAL C 80 -13.64 -19.68 18.53
C VAL C 80 -12.96 -18.32 18.63
N GLN C 81 -13.05 -17.55 17.56
CA GLN C 81 -12.60 -16.16 17.53
C GLN C 81 -13.79 -15.26 17.23
N ASN C 82 -13.73 -14.02 17.73
CA ASN C 82 -14.81 -13.06 17.59
C ASN C 82 -14.29 -11.79 16.93
N TRP C 83 -15.06 -11.27 15.98
CA TRP C 83 -14.77 -10.00 15.31
C TRP C 83 -15.94 -9.06 15.54
N LEU C 84 -15.64 -7.86 16.04
CA LEU C 84 -16.67 -6.92 16.47
C LEU C 84 -16.58 -5.64 15.66
N VAL C 85 -17.72 -5.15 15.19
CA VAL C 85 -17.84 -3.86 14.53
C VAL C 85 -18.56 -2.91 15.47
N GLU C 86 -17.94 -1.77 15.75
CA GLU C 86 -18.44 -0.82 16.73
C GLU C 86 -18.94 0.43 16.01
N VAL C 87 -20.20 0.77 16.22
CA VAL C 87 -20.83 1.95 15.63
C VAL C 87 -21.19 2.90 16.78
N PRO C 88 -20.57 4.08 16.86
CA PRO C 88 -20.95 5.04 17.90
C PRO C 88 -22.40 5.49 17.76
N THR C 89 -23.05 5.66 18.90
CA THR C 89 -24.45 6.09 18.95
C THR C 89 -24.56 7.41 19.68
N VAL C 90 -25.16 8.40 19.04
CA VAL C 90 -25.33 9.73 19.65
C VAL C 90 -26.62 9.67 20.44
N SER C 91 -26.51 9.18 21.66
CA SER C 91 -27.66 9.02 22.56
C SER C 91 -27.15 8.97 23.99
N PRO C 92 -27.98 9.33 24.95
CA PRO C 92 -27.55 9.25 26.36
C PRO C 92 -27.72 7.86 26.95
N ILE C 93 -28.66 7.09 26.41
CA ILE C 93 -28.96 5.76 26.94
C ILE C 93 -28.10 4.69 26.28
N SER C 94 -27.98 4.72 24.96
CA SER C 94 -27.20 3.72 24.23
C SER C 94 -25.93 4.36 23.70
N ARG C 95 -24.79 3.74 23.99
CA ARG C 95 -23.50 4.29 23.59
C ARG C 95 -23.00 3.73 22.26
N PHE C 96 -23.20 2.44 22.02
CA PHE C 96 -22.73 1.80 20.80
C PHE C 96 -23.75 0.79 20.32
N THR C 97 -23.66 0.47 19.04
CA THR C 97 -24.34 -0.70 18.46
C THR C 97 -23.28 -1.63 17.89
N TYR C 98 -23.52 -2.92 18.00
CA TYR C 98 -22.52 -3.94 17.72
C TYR C 98 -22.98 -4.88 16.61
N HIS C 99 -22.04 -5.30 15.78
CA HIS C 99 -22.20 -6.41 14.86
C HIS C 99 -21.03 -7.35 15.05
N MET C 100 -21.29 -8.57 15.49
CA MET C 100 -20.23 -9.52 15.82
C MET C 100 -20.36 -10.78 14.98
N VAL C 101 -19.21 -11.35 14.62
CA VAL C 101 -19.14 -12.62 13.91
C VAL C 101 -18.27 -13.57 14.73
N SER C 102 -18.78 -14.77 14.98
CA SER C 102 -18.04 -15.82 15.68
C SER C 102 -17.72 -16.94 14.69
N GLY C 103 -16.47 -17.38 14.68
CA GLY C 103 -16.07 -18.49 13.84
C GLY C 103 -14.97 -19.30 14.49
N MET C 104 -14.83 -20.54 14.04
CA MET C 104 -13.77 -21.42 14.51
C MET C 104 -12.45 -20.97 13.90
N SER C 105 -11.43 -20.85 14.73
CA SER C 105 -10.18 -20.21 14.34
C SER C 105 -9.03 -20.90 15.08
N LEU C 106 -7.87 -20.23 15.13
CA LEU C 106 -6.68 -20.80 15.75
C LEU C 106 -6.54 -20.31 17.19
N ARG C 107 -6.27 -21.25 18.10
CA ARG C 107 -6.27 -20.98 19.53
C ARG C 107 -4.92 -20.45 19.98
N PRO C 108 -4.85 -19.27 20.60
CA PRO C 108 -3.60 -18.83 21.22
C PRO C 108 -3.27 -19.62 22.46
N ARG C 109 -1.98 -19.64 22.81
CA ARG C 109 -1.54 -20.24 24.05
C ARG C 109 -1.87 -19.32 25.23
N VAL C 110 -2.12 -19.93 26.39
CA VAL C 110 -2.67 -19.25 27.55
C VAL C 110 -1.56 -19.05 28.57
N ASN C 111 -1.44 -17.82 29.09
CA ASN C 111 -0.59 -17.53 30.23
C ASN C 111 -1.26 -18.06 31.49
N TYR C 112 -0.90 -19.28 31.89
CA TYR C 112 -1.44 -19.81 33.14
C TYR C 112 -0.85 -19.11 34.36
N LEU C 113 0.28 -18.42 34.19
CA LEU C 113 0.83 -17.62 35.28
C LEU C 113 -0.10 -16.47 35.64
N GLN C 114 -0.63 -15.78 34.63
CA GLN C 114 -1.58 -14.69 34.84
C GLN C 114 -3.01 -15.25 34.79
N ASP C 115 -3.99 -14.36 34.71
CA ASP C 115 -5.40 -14.75 34.73
C ASP C 115 -5.86 -15.18 33.34
N PHE C 116 -5.24 -16.27 32.85
CA PHE C 116 -5.60 -16.91 31.59
C PHE C 116 -5.53 -15.93 30.42
N SER C 117 -4.49 -15.11 30.39
CA SER C 117 -4.23 -14.24 29.26
C SER C 117 -3.43 -14.98 28.19
N TYR C 118 -3.32 -14.36 27.01
CA TYR C 118 -2.60 -14.97 25.90
C TYR C 118 -1.10 -14.80 26.06
N GLN C 119 -0.35 -15.86 25.77
CA GLN C 119 1.10 -15.74 25.65
C GLN C 119 1.44 -14.92 24.41
N ARG C 120 2.33 -13.96 24.56
CA ARG C 120 2.59 -12.99 23.50
C ARG C 120 4.08 -12.93 23.18
N SER C 121 4.37 -12.49 21.96
CA SER C 121 5.73 -12.36 21.46
C SER C 121 5.86 -11.05 20.71
N LEU C 122 7.10 -10.55 20.63
CA LEU C 122 7.40 -9.33 19.90
C LEU C 122 8.42 -9.55 18.80
N LYS C 123 8.77 -10.79 18.50
CA LYS C 123 9.83 -11.10 17.55
C LYS C 123 9.28 -11.12 16.12
N PHE C 124 10.10 -10.63 15.19
CA PHE C 124 9.83 -10.69 13.75
C PHE C 124 8.52 -9.97 13.40
N ARG C 125 8.44 -8.71 13.79
CA ARG C 125 7.27 -7.91 13.48
C ARG C 125 7.23 -7.60 11.98
N PRO C 126 6.13 -7.89 11.30
CA PRO C 126 6.07 -7.67 9.85
C PRO C 126 5.64 -6.26 9.47
N LYS C 127 5.86 -5.93 8.20
CA LYS C 127 5.39 -4.67 7.65
C LYS C 127 3.89 -4.74 7.38
N GLY C 128 3.24 -3.60 7.46
CA GLY C 128 1.83 -3.52 7.16
C GLY C 128 1.15 -2.44 7.96
N LYS C 129 -0.12 -2.24 7.66
CA LYS C 129 -0.90 -1.22 8.33
C LYS C 129 -1.15 -1.62 9.78
N PRO C 130 -0.86 -0.75 10.74
CA PRO C 130 -1.12 -1.09 12.15
C PRO C 130 -2.60 -1.19 12.43
N CYS C 131 -2.92 -1.94 13.48
CA CYS C 131 -4.31 -2.07 13.89
C CYS C 131 -4.82 -0.76 14.50
N PRO C 132 -6.05 -0.36 14.18
CA PRO C 132 -6.57 0.90 14.71
C PRO C 132 -6.68 0.88 16.23
N LYS C 133 -6.29 2.00 16.85
CA LYS C 133 -6.40 2.13 18.29
C LYS C 133 -7.70 2.78 18.73
N GLU C 134 -8.39 3.47 17.84
CA GLU C 134 -9.63 4.17 18.14
C GLU C 134 -10.75 3.66 17.24
N ILE C 135 -11.97 3.82 17.72
CA ILE C 135 -13.15 3.39 16.94
C ILE C 135 -13.36 4.37 15.79
N PRO C 136 -13.54 3.89 14.56
CA PRO C 136 -13.83 4.81 13.45
C PRO C 136 -15.16 5.52 13.66
N LYS C 137 -15.21 6.78 13.24
CA LYS C 137 -16.43 7.58 13.35
C LYS C 137 -17.25 7.60 12.08
N GLU C 138 -16.65 7.24 10.94
CA GLU C 138 -17.36 7.25 9.65
C GLU C 138 -18.04 5.90 9.44
N SER C 139 -19.07 5.65 10.24
CA SER C 139 -19.82 4.40 10.15
C SER C 139 -20.56 4.33 8.83
N LYS C 140 -20.48 3.17 8.16
CA LYS C 140 -21.14 2.96 6.89
C LYS C 140 -21.14 1.47 6.57
N ASN C 141 -22.22 1.01 5.96
CA ASN C 141 -22.38 -0.39 5.55
C ASN C 141 -22.23 -1.34 6.74
N THR C 142 -23.15 -1.20 7.69
CA THR C 142 -23.15 -2.07 8.86
C THR C 142 -23.41 -3.52 8.47
N GLU C 143 -24.31 -3.75 7.51
CA GLU C 143 -24.62 -5.11 7.08
C GLU C 143 -23.46 -5.77 6.36
N VAL C 144 -22.54 -4.98 5.81
CA VAL C 144 -21.40 -5.50 5.06
C VAL C 144 -20.20 -5.57 5.99
N LEU C 145 -19.52 -6.72 6.00
CA LEU C 145 -18.31 -6.91 6.78
C LEU C 145 -17.11 -6.84 5.86
N VAL C 146 -16.15 -5.97 6.19
CA VAL C 146 -14.97 -5.75 5.38
C VAL C 146 -13.77 -6.33 6.11
N TRP C 147 -13.06 -7.25 5.45
CA TRP C 147 -11.88 -7.89 6.01
C TRP C 147 -10.64 -7.16 5.53
N GLU C 148 -9.83 -6.68 6.47
CA GLU C 148 -8.62 -5.92 6.16
C GLU C 148 -7.45 -6.49 6.94
N GLU C 149 -6.34 -6.73 6.26
CA GLU C 149 -5.13 -7.19 6.94
C GLU C 149 -4.67 -6.16 7.97
N CYS C 150 -4.25 -6.63 9.13
CA CYS C 150 -3.95 -5.74 10.24
C CYS C 150 -2.79 -6.33 11.04
N VAL C 151 -1.83 -5.48 11.39
CA VAL C 151 -0.68 -5.88 12.18
C VAL C 151 -0.90 -5.46 13.62
N ALA C 152 -0.98 -6.43 14.52
CA ALA C 152 -1.28 -6.15 15.91
C ALA C 152 -0.08 -5.53 16.62
N ASN C 153 -0.34 -5.00 17.82
CA ASN C 153 0.74 -4.43 18.63
C ASN C 153 1.73 -5.50 19.05
N SER C 154 1.23 -6.68 19.39
CA SER C 154 2.07 -7.82 19.75
C SER C 154 1.51 -9.07 19.09
N ALA C 155 2.39 -10.04 18.85
CA ALA C 155 1.98 -11.31 18.28
C ALA C 155 1.54 -12.27 19.38
N VAL C 156 0.64 -13.17 19.03
CA VAL C 156 0.21 -14.23 19.93
C VAL C 156 0.97 -15.50 19.57
N ILE C 157 1.28 -16.29 20.58
CA ILE C 157 2.00 -17.55 20.39
C ILE C 157 0.98 -18.68 20.27
N LEU C 158 1.05 -19.40 19.16
CA LEU C 158 0.19 -20.57 18.95
C LEU C 158 0.85 -21.87 19.36
N GLN C 159 2.19 -21.94 19.37
CA GLN C 159 2.90 -23.15 19.71
C GLN C 159 4.30 -22.78 20.17
N ASN C 160 4.74 -23.35 21.29
CA ASN C 160 6.12 -23.20 21.78
C ASN C 160 6.53 -24.52 22.42
N ASN C 161 7.11 -25.41 21.63
CA ASN C 161 7.53 -26.72 22.13
C ASN C 161 8.52 -27.33 21.13
N GLU C 162 8.81 -28.62 21.31
CA GLU C 162 9.77 -29.33 20.48
C GLU C 162 9.32 -29.50 19.04
N PHE C 163 8.05 -29.23 18.73
CA PHE C 163 7.58 -29.26 17.35
C PHE C 163 7.82 -27.94 16.62
N GLY C 164 8.27 -26.91 17.32
CA GLY C 164 8.52 -25.61 16.73
C GLY C 164 7.73 -24.51 17.41
N THR C 165 8.10 -23.28 17.06
CA THR C 165 7.48 -22.08 17.60
C THR C 165 6.67 -21.39 16.51
N ILE C 166 5.36 -21.31 16.71
CA ILE C 166 4.44 -20.67 15.76
C ILE C 166 3.89 -19.41 16.43
N ILE C 167 3.96 -18.29 15.72
CA ILE C 167 3.46 -17.02 16.23
C ILE C 167 2.55 -16.40 15.17
N ASP C 168 1.71 -15.47 15.62
CA ASP C 168 0.69 -14.88 14.76
C ASP C 168 0.54 -13.40 15.10
N TRP C 169 0.76 -12.54 14.13
CA TRP C 169 0.71 -11.09 14.33
C TRP C 169 -0.67 -10.49 14.00
N ALA C 170 -1.65 -11.33 13.71
CA ALA C 170 -3.02 -10.86 13.54
C ALA C 170 -3.65 -10.51 14.89
N PRO C 171 -4.49 -9.49 14.94
CA PRO C 171 -5.10 -9.10 16.21
C PRO C 171 -6.13 -10.10 16.71
N ARG C 172 -6.27 -10.15 18.04
CA ARG C 172 -7.29 -10.93 18.70
C ARG C 172 -8.12 -9.99 19.58
N GLY C 173 -9.44 -10.11 19.49
CA GLY C 173 -10.36 -9.18 20.15
C GLY C 173 -11.06 -9.80 21.34
N GLN C 174 -11.15 -9.03 22.42
CA GLN C 174 -11.85 -9.44 23.63
C GLN C 174 -12.46 -8.20 24.26
N PHE C 175 -13.26 -8.43 25.31
CA PHE C 175 -13.83 -7.35 26.11
C PHE C 175 -13.03 -7.18 27.39
N TYR C 176 -12.71 -5.94 27.73
CA TYR C 176 -11.87 -5.65 28.89
C TYR C 176 -12.21 -4.27 29.43
N HIS C 177 -11.66 -3.96 30.60
CA HIS C 177 -11.75 -2.64 31.21
C HIS C 177 -10.38 -2.01 31.25
N ASN C 178 -10.32 -0.70 30.99
CA ASN C 178 -9.04 0.00 30.92
C ASN C 178 -8.28 -0.09 32.24
N CYS C 179 -8.95 0.24 33.35
CA CYS C 179 -8.45 0.11 34.71
C CYS C 179 -7.31 1.07 35.05
N SER C 180 -6.83 1.86 34.09
CA SER C 180 -5.78 2.84 34.37
C SER C 180 -6.44 4.15 34.79
N GLY C 181 -5.97 4.73 35.89
CA GLY C 181 -6.62 5.89 36.45
C GLY C 181 -7.91 5.59 37.18
N GLN C 182 -8.12 4.34 37.56
CA GLN C 182 -9.34 3.90 38.24
C GLN C 182 -9.02 3.46 39.66
N THR C 183 -10.07 3.22 40.43
CA THR C 183 -9.92 2.71 41.78
C THR C 183 -9.53 1.23 41.74
N GLN C 184 -9.40 0.61 42.91
CA GLN C 184 -8.94 -0.76 42.98
C GLN C 184 -10.04 -1.77 42.72
N SER C 185 -11.26 -1.33 42.40
CA SER C 185 -12.37 -2.22 42.11
C SER C 185 -12.52 -2.52 40.61
N CYS C 186 -11.65 -1.99 39.77
CA CYS C 186 -11.77 -2.21 38.33
C CYS C 186 -11.24 -3.61 37.99
N PRO C 187 -12.08 -4.50 37.44
CA PRO C 187 -11.60 -5.84 37.11
C PRO C 187 -10.66 -5.82 35.92
N SER C 188 -9.57 -6.59 36.03
CA SER C 188 -8.54 -6.62 35.01
C SER C 188 -8.65 -7.81 34.05
N ALA C 189 -9.64 -8.68 34.25
CA ALA C 189 -9.79 -9.87 33.42
C ALA C 189 -10.40 -9.51 32.07
N GLN C 190 -10.01 -10.27 31.04
CA GLN C 190 -10.57 -10.15 29.71
C GLN C 190 -11.64 -11.22 29.51
N VAL C 191 -12.66 -10.86 28.72
CA VAL C 191 -13.85 -11.70 28.54
C VAL C 191 -14.02 -12.00 27.07
N SER C 192 -14.23 -13.28 26.75
CA SER C 192 -14.63 -13.68 25.41
C SER C 192 -16.15 -13.73 25.34
N PRO C 193 -16.79 -12.99 24.42
CA PRO C 193 -18.25 -12.98 24.40
C PRO C 193 -18.87 -14.30 23.96
N ALA C 194 -18.21 -15.05 23.09
CA ALA C 194 -18.75 -16.31 22.58
C ALA C 194 -17.76 -17.43 22.84
N VAL C 195 -18.30 -18.62 23.13
CA VAL C 195 -17.48 -19.78 23.44
C VAL C 195 -17.74 -20.87 22.40
N ASP C 196 -17.07 -22.01 22.56
CA ASP C 196 -17.15 -23.08 21.56
C ASP C 196 -18.58 -23.60 21.41
N SER C 197 -19.32 -23.68 22.53
CA SER C 197 -20.68 -24.21 22.48
C SER C 197 -21.64 -23.31 21.71
N ASP C 198 -21.33 -22.02 21.56
CA ASP C 198 -22.20 -21.12 20.81
C ASP C 198 -22.22 -21.43 19.31
N LEU C 199 -21.28 -22.25 18.83
CA LEU C 199 -21.21 -22.59 17.41
C LEU C 199 -21.72 -24.00 17.10
N THR C 200 -21.79 -24.88 18.10
CA THR C 200 -22.15 -26.27 17.83
C THR C 200 -23.09 -26.84 18.88
N GLU C 201 -23.95 -26.00 19.46
CA GLU C 201 -24.94 -26.46 20.43
C GLU C 201 -26.21 -25.64 20.26
N SER C 202 -27.31 -26.31 19.90
CA SER C 202 -28.62 -25.68 19.75
C SER C 202 -28.57 -24.53 18.74
N LEU C 203 -28.29 -24.90 17.48
CA LEU C 203 -28.13 -23.89 16.43
C LEU C 203 -29.42 -23.11 16.20
N ASP C 204 -30.56 -23.81 16.17
CA ASP C 204 -31.83 -23.13 15.91
C ASP C 204 -32.24 -22.22 17.07
N LYS C 205 -31.84 -22.57 18.28
CA LYS C 205 -32.21 -21.78 19.45
C LYS C 205 -31.54 -20.41 19.41
N HIS C 206 -32.25 -19.39 19.88
CA HIS C 206 -31.68 -18.06 19.97
C HIS C 206 -30.64 -18.00 21.09
N LYS C 207 -29.57 -17.26 20.85
CA LYS C 207 -28.49 -17.08 21.81
C LYS C 207 -28.51 -15.65 22.34
N HIS C 208 -28.23 -15.51 23.63
CA HIS C 208 -28.18 -14.21 24.29
C HIS C 208 -26.94 -14.14 25.16
N LYS C 209 -26.21 -13.03 25.09
CA LYS C 209 -25.05 -12.79 25.94
C LYS C 209 -25.23 -11.44 26.63
N LYS C 210 -25.03 -11.43 27.94
CA LYS C 210 -25.14 -10.20 28.74
C LYS C 210 -23.88 -10.03 29.57
N LEU C 211 -23.29 -8.83 29.51
CA LEU C 211 -22.11 -8.49 30.29
C LEU C 211 -22.39 -7.21 31.05
N GLN C 212 -22.31 -7.27 32.38
CA GLN C 212 -22.67 -6.16 33.24
C GLN C 212 -21.52 -5.83 34.18
N SER C 213 -21.16 -4.56 34.27
CA SER C 213 -20.11 -4.13 35.18
C SER C 213 -20.28 -2.66 35.50
N PHE C 214 -19.51 -2.20 36.48
CA PHE C 214 -19.47 -0.81 36.89
C PHE C 214 -18.53 0.04 36.05
N TYR C 215 -17.87 -0.55 35.06
CA TYR C 215 -16.92 0.14 34.21
C TYR C 215 -17.28 -0.10 32.76
N PRO C 216 -17.04 0.88 31.89
CA PRO C 216 -17.40 0.71 30.48
C PRO C 216 -16.59 -0.42 29.83
N TRP C 217 -17.23 -1.10 28.89
CA TRP C 217 -16.63 -2.24 28.22
C TRP C 217 -15.88 -1.78 26.98
N GLU C 218 -14.63 -2.20 26.84
CA GLU C 218 -13.80 -1.88 25.69
C GLU C 218 -13.47 -3.14 24.92
N TRP C 219 -13.31 -3.00 23.62
CA TRP C 219 -12.97 -4.10 22.73
C TRP C 219 -11.57 -3.91 22.17
N GLY C 220 -10.75 -4.94 22.32
CA GLY C 220 -9.39 -4.91 21.78
C GLY C 220 -8.74 -6.28 21.77
N GLU C 221 -7.85 -6.52 20.80
CA GLU C 221 -7.45 -5.52 19.82
C GLU C 221 -8.44 -5.41 18.67
N LYS C 222 -8.56 -4.20 18.14
CA LYS C 222 -9.50 -3.93 17.06
C LYS C 222 -8.94 -4.39 15.72
N GLY C 223 -9.82 -4.55 14.76
CA GLY C 223 -9.41 -4.94 13.41
C GLY C 223 -10.10 -6.20 12.94
N ILE C 224 -10.77 -6.13 11.80
CA ILE C 224 -11.43 -7.30 11.22
C ILE C 224 -10.37 -7.99 10.36
N SER C 225 -9.55 -8.79 11.02
CA SER C 225 -8.40 -9.42 10.40
C SER C 225 -8.31 -10.88 10.84
N THR C 226 -7.82 -11.74 9.97
CA THR C 226 -7.78 -13.16 10.20
C THR C 226 -6.36 -13.64 10.50
N PRO C 227 -6.21 -14.79 11.16
CA PRO C 227 -4.88 -15.26 11.56
C PRO C 227 -3.93 -15.45 10.38
N ARG C 228 -2.67 -15.10 10.60
CA ARG C 228 -1.59 -15.29 9.64
C ARG C 228 -0.39 -15.92 10.33
N PRO C 229 -0.52 -17.17 10.78
CA PRO C 229 0.56 -17.79 11.56
C PRO C 229 1.80 -18.08 10.72
N LYS C 230 2.95 -18.10 11.39
CA LYS C 230 4.20 -18.45 10.77
C LYS C 230 5.12 -19.12 11.78
N ILE C 231 6.02 -19.94 11.29
CA ILE C 231 7.02 -20.60 12.13
C ILE C 231 8.26 -19.71 12.19
N ILE C 232 8.87 -19.63 13.36
CA ILE C 232 10.04 -18.78 13.57
C ILE C 232 11.18 -19.59 14.18
N SER C 233 10.86 -20.81 14.64
CA SER C 233 11.85 -21.69 15.22
C SER C 233 11.42 -23.13 14.99
N PRO C 234 12.36 -24.03 14.63
CA PRO C 234 13.79 -23.81 14.42
C PRO C 234 14.11 -23.24 13.04
N VAL C 235 13.09 -23.00 12.22
CA VAL C 235 13.27 -22.43 10.88
C VAL C 235 12.30 -21.28 10.73
N SER C 236 12.58 -20.42 9.76
CA SER C 236 11.77 -19.23 9.48
C SER C 236 11.02 -19.44 8.17
N GLY C 237 9.70 -19.51 8.25
CA GLY C 237 8.87 -19.68 7.08
C GLY C 237 7.95 -18.49 6.84
N PRO C 238 7.24 -18.52 5.73
CA PRO C 238 6.29 -17.43 5.43
C PRO C 238 4.98 -17.60 6.19
N GLU C 239 4.21 -16.52 6.21
CA GLU C 239 2.90 -16.54 6.84
C GLU C 239 1.93 -17.41 6.05
N HIS C 240 0.93 -17.95 6.75
CA HIS C 240 -0.05 -18.86 6.16
C HIS C 240 -1.45 -18.34 6.47
N PRO C 241 -1.94 -17.39 5.68
CA PRO C 241 -3.25 -16.78 5.97
C PRO C 241 -4.44 -17.59 5.48
N GLU C 242 -4.23 -18.87 5.15
CA GLU C 242 -5.29 -19.71 4.63
C GLU C 242 -5.69 -20.84 5.57
N LEU C 243 -4.96 -21.07 6.66
CA LEU C 243 -5.28 -22.18 7.55
C LEU C 243 -6.58 -21.96 8.30
N TRP C 244 -6.94 -20.70 8.59
CA TRP C 244 -8.16 -20.44 9.34
C TRP C 244 -9.39 -20.79 8.50
N ARG C 245 -9.26 -20.74 7.17
CA ARG C 245 -10.37 -21.08 6.28
C ARG C 245 -10.77 -22.54 6.44
N LEU C 246 -9.81 -23.42 6.73
CA LEU C 246 -10.14 -24.82 6.97
C LEU C 246 -10.89 -25.00 8.28
N THR C 247 -10.48 -24.29 9.34
CA THR C 247 -11.15 -24.44 10.63
C THR C 247 -12.52 -23.78 10.65
N VAL C 248 -12.69 -22.68 9.92
CA VAL C 248 -13.94 -21.92 10.00
C VAL C 248 -15.09 -22.68 9.34
N ALA C 249 -14.79 -23.58 8.41
CA ALA C 249 -15.83 -24.37 7.76
C ALA C 249 -16.25 -25.59 8.57
N SER C 250 -15.48 -25.97 9.59
CA SER C 250 -15.83 -27.13 10.42
C SER C 250 -17.01 -26.87 11.35
N HIS C 251 -17.42 -25.61 11.51
CA HIS C 251 -18.59 -25.25 12.30
C HIS C 251 -19.36 -24.16 11.57
N HIS C 252 -20.62 -23.99 11.97
CA HIS C 252 -21.36 -22.82 11.55
C HIS C 252 -20.71 -21.57 12.12
N ILE C 253 -20.85 -20.47 11.40
CA ILE C 253 -20.47 -19.16 11.91
C ILE C 253 -21.72 -18.47 12.44
N ARG C 254 -21.58 -17.76 13.56
CA ARG C 254 -22.69 -17.11 14.24
C ARG C 254 -22.58 -15.61 14.05
N ILE C 255 -23.70 -14.97 13.72
CA ILE C 255 -23.78 -13.53 13.54
C ILE C 255 -24.57 -12.95 14.71
N TRP C 256 -24.00 -11.95 15.35
CA TRP C 256 -24.60 -11.32 16.53
C TRP C 256 -24.87 -9.84 16.25
N SER C 257 -25.85 -9.31 16.97
CA SER C 257 -26.11 -7.89 17.02
C SER C 257 -26.40 -7.50 18.47
N GLY C 258 -26.11 -6.25 18.81
CA GLY C 258 -26.32 -5.82 20.18
C GLY C 258 -25.93 -4.37 20.38
N ASN C 259 -25.78 -4.00 21.65
CA ASN C 259 -25.50 -2.62 22.02
C ASN C 259 -24.86 -2.60 23.40
N GLN C 260 -24.28 -1.45 23.74
CA GLN C 260 -23.86 -1.15 25.10
C GLN C 260 -24.66 0.05 25.61
N THR C 261 -25.25 -0.10 26.80
CA THR C 261 -26.11 0.93 27.36
C THR C 261 -25.62 1.34 28.75
N LEU C 262 -25.89 2.60 29.09
CA LEU C 262 -25.51 3.18 30.37
C LEU C 262 -26.74 3.35 31.25
N GLU C 263 -26.65 2.89 32.49
CA GLU C 263 -27.69 3.08 33.49
C GLU C 263 -27.02 3.40 34.82
N THR C 264 -27.79 3.37 35.90
CA THR C 264 -27.27 3.65 37.23
C THR C 264 -27.65 2.52 38.17
N ARG C 265 -26.67 2.00 38.90
CA ARG C 265 -26.89 1.00 39.94
C ARG C 265 -26.13 1.43 41.19
N ASP C 266 -26.84 1.44 42.32
CA ASP C 266 -26.25 1.84 43.61
C ASP C 266 -25.67 3.25 43.53
N ARG C 267 -26.32 4.13 42.77
CA ARG C 267 -25.92 5.52 42.56
C ARG C 267 -24.56 5.63 41.88
N LYS C 268 -24.14 4.59 41.17
CA LYS C 268 -22.92 4.60 40.38
C LYS C 268 -23.24 4.26 38.93
N PRO C 269 -22.43 4.71 37.98
CA PRO C 269 -22.65 4.33 36.58
C PRO C 269 -22.58 2.82 36.40
N PHE C 270 -23.43 2.30 35.54
CA PHE C 270 -23.51 0.86 35.27
C PHE C 270 -23.59 0.64 33.77
N TYR C 271 -22.73 -0.23 33.25
CA TYR C 271 -22.61 -0.47 31.82
C TYR C 271 -22.98 -1.91 31.52
N THR C 272 -23.85 -2.10 30.53
CA THR C 272 -24.32 -3.43 30.13
C THR C 272 -24.07 -3.60 28.64
N VAL C 273 -23.49 -4.74 28.28
CA VAL C 273 -23.35 -5.15 26.89
C VAL C 273 -24.31 -6.32 26.67
N ASP C 274 -25.26 -6.13 25.75
CA ASP C 274 -26.21 -7.17 25.37
C ASP C 274 -25.91 -7.61 23.95
N LEU C 275 -25.82 -8.92 23.73
CA LEU C 275 -25.63 -9.49 22.41
C LEU C 275 -26.62 -10.62 22.22
N ASN C 276 -27.28 -10.65 21.06
CA ASN C 276 -28.22 -11.71 20.73
C ASN C 276 -27.96 -12.19 19.31
N SER C 277 -28.27 -13.45 19.06
CA SER C 277 -28.06 -14.05 17.75
C SER C 277 -29.18 -15.03 17.45
N SER C 278 -29.69 -14.96 16.22
CA SER C 278 -30.62 -15.95 15.70
C SER C 278 -30.21 -16.45 14.32
N LEU C 279 -28.98 -16.16 13.89
CA LEU C 279 -28.53 -16.48 12.54
C LEU C 279 -27.22 -17.26 12.60
N THR C 280 -27.18 -18.38 11.88
CA THR C 280 -25.95 -19.11 11.64
C THR C 280 -25.84 -19.42 10.15
N VAL C 281 -24.61 -19.46 9.66
CA VAL C 281 -24.32 -19.68 8.25
C VAL C 281 -23.46 -20.93 8.11
N PRO C 282 -23.88 -21.92 7.33
CA PRO C 282 -23.01 -23.07 7.06
C PRO C 282 -22.07 -22.80 5.90
N LEU C 283 -20.82 -23.23 6.05
CA LEU C 283 -19.77 -22.99 5.07
C LEU C 283 -19.18 -24.30 4.58
N GLN C 284 -18.41 -24.21 3.51
CA GLN C 284 -17.65 -25.33 2.96
C GLN C 284 -16.31 -24.81 2.47
N SER C 285 -15.22 -25.42 2.94
CA SER C 285 -13.87 -25.07 2.52
C SER C 285 -13.23 -26.27 1.83
N CYS C 286 -12.62 -26.04 0.68
CA CYS C 286 -12.08 -27.12 -0.13
C CYS C 286 -10.69 -26.77 -0.64
N VAL C 287 -9.89 -27.81 -0.85
CA VAL C 287 -8.63 -27.69 -1.57
C VAL C 287 -8.78 -28.44 -2.90
N LYS C 288 -7.87 -28.15 -3.82
CA LYS C 288 -7.95 -28.74 -5.15
C LYS C 288 -6.68 -29.54 -5.45
N PRO C 289 -6.77 -30.54 -6.33
CA PRO C 289 -5.57 -31.28 -6.70
C PRO C 289 -4.51 -30.34 -7.24
N PRO C 290 -3.22 -30.66 -7.00
CA PRO C 290 -2.69 -31.87 -6.39
C PRO C 290 -2.70 -31.89 -4.86
N TYR C 291 -3.47 -31.03 -4.20
CA TYR C 291 -3.54 -31.01 -2.75
C TYR C 291 -4.73 -31.83 -2.26
N MET C 292 -4.56 -32.46 -1.10
CA MET C 292 -5.62 -33.20 -0.43
C MET C 292 -5.49 -33.00 1.07
N LEU C 293 -6.46 -33.54 1.81
CA LEU C 293 -6.46 -33.50 3.27
C LEU C 293 -6.50 -34.92 3.81
N VAL C 294 -5.68 -35.18 4.83
CA VAL C 294 -5.66 -36.46 5.53
C VAL C 294 -6.27 -36.25 6.90
N VAL C 295 -7.31 -37.01 7.21
CA VAL C 295 -8.11 -36.80 8.41
C VAL C 295 -8.15 -38.09 9.21
N GLY C 296 -7.78 -38.02 10.48
CA GLY C 296 -7.84 -39.17 11.36
C GLY C 296 -6.92 -38.98 12.55
N ASN C 297 -6.52 -40.10 13.13
CA ASN C 297 -5.59 -40.11 14.27
C ASN C 297 -4.17 -40.00 13.75
N ILE C 298 -3.76 -38.76 13.52
CA ILE C 298 -2.44 -38.47 12.97
C ILE C 298 -1.44 -38.31 14.12
N VAL C 299 -0.32 -39.02 14.02
CA VAL C 299 0.72 -39.00 15.03
C VAL C 299 2.00 -38.48 14.40
N ILE C 300 2.62 -37.49 15.04
CA ILE C 300 3.86 -36.89 14.57
C ILE C 300 4.94 -37.15 15.59
N LYS C 301 6.07 -37.70 15.14
CA LYS C 301 7.21 -37.98 16.00
C LYS C 301 8.35 -37.04 15.65
N PRO C 302 8.58 -35.98 16.41
CA PRO C 302 9.65 -35.04 16.06
C PRO C 302 11.04 -35.65 16.08
N ASP C 303 11.29 -36.63 16.94
CA ASP C 303 12.63 -37.21 17.03
C ASP C 303 12.97 -38.02 15.78
N SER C 304 12.03 -38.82 15.29
CA SER C 304 12.24 -39.59 14.07
C SER C 304 11.84 -38.81 12.81
N GLN C 305 11.16 -37.68 12.96
CA GLN C 305 10.59 -36.94 11.84
C GLN C 305 9.68 -37.83 10.99
N THR C 306 8.73 -38.47 11.66
CA THR C 306 7.82 -39.44 11.05
C THR C 306 6.38 -39.02 11.28
N ILE C 307 5.55 -39.16 10.25
CA ILE C 307 4.11 -38.98 10.34
C ILE C 307 3.47 -40.33 10.07
N THR C 308 2.63 -40.80 10.99
CA THR C 308 2.01 -42.10 10.88
C THR C 308 0.52 -41.98 11.16
N CYS C 309 -0.28 -42.71 10.41
CA CYS C 309 -1.69 -42.85 10.72
C CYS C 309 -2.21 -44.21 10.29
N GLU C 310 -3.15 -44.73 11.07
CA GLU C 310 -3.89 -45.93 10.73
C GLU C 310 -5.34 -45.56 10.51
N ASN C 311 -5.88 -45.94 9.35
CA ASN C 311 -7.30 -45.76 9.02
C ASN C 311 -7.71 -44.29 8.95
N CYS C 312 -6.81 -43.41 8.50
CA CYS C 312 -7.24 -42.08 8.10
C CYS C 312 -8.02 -42.13 6.78
N ARG C 313 -8.72 -41.04 6.51
CA ARG C 313 -9.51 -40.87 5.31
C ARG C 313 -8.93 -39.72 4.47
N LEU C 314 -9.06 -39.84 3.16
CA LEU C 314 -8.63 -38.81 2.24
C LEU C 314 -9.83 -37.97 1.82
N LEU C 315 -9.70 -36.65 1.98
CA LEU C 315 -10.78 -35.73 1.69
C LEU C 315 -10.22 -34.52 0.95
N THR C 316 -11.13 -33.72 0.38
CA THR C 316 -10.77 -32.44 -0.17
C THR C 316 -11.59 -31.28 0.38
N CYS C 317 -12.65 -31.54 1.14
CA CYS C 317 -13.53 -30.49 1.63
C CYS C 317 -13.82 -30.68 3.11
N ILE C 318 -13.99 -29.56 3.80
CA ILE C 318 -14.37 -29.53 5.21
C ILE C 318 -15.70 -28.81 5.32
N ASP C 319 -16.65 -29.41 6.04
CA ASP C 319 -17.93 -28.76 6.33
C ASP C 319 -18.27 -29.01 7.80
N SER C 320 -19.47 -28.60 8.21
CA SER C 320 -19.86 -28.62 9.61
C SER C 320 -20.09 -30.02 10.16
N THR C 321 -20.14 -31.04 9.31
CA THR C 321 -20.22 -32.42 9.78
C THR C 321 -18.88 -32.92 10.33
N PHE C 322 -17.82 -32.12 10.24
CA PHE C 322 -16.50 -32.55 10.69
C PHE C 322 -16.48 -32.75 12.20
N ASN C 323 -15.72 -33.77 12.62
CA ASN C 323 -15.59 -34.12 14.03
C ASN C 323 -14.17 -33.80 14.47
N TRP C 324 -14.05 -32.94 15.49
CA TRP C 324 -12.73 -32.50 15.95
C TRP C 324 -12.09 -33.46 16.93
N GLN C 325 -12.55 -34.70 17.01
CA GLN C 325 -11.74 -35.76 17.58
C GLN C 325 -10.68 -36.26 16.62
N HIS C 326 -10.77 -35.87 15.35
CA HIS C 326 -9.79 -36.18 14.32
C HIS C 326 -8.90 -34.97 14.07
N ARG C 327 -7.77 -35.23 13.44
CA ARG C 327 -6.82 -34.20 13.04
C ARG C 327 -6.78 -34.10 11.52
N ILE C 328 -6.35 -32.93 11.03
CA ILE C 328 -6.23 -32.66 9.61
C ILE C 328 -4.77 -32.42 9.28
N LEU C 329 -4.24 -33.17 8.31
CA LEU C 329 -2.90 -32.99 7.80
C LEU C 329 -2.98 -32.59 6.33
N LEU C 330 -2.25 -31.55 5.96
CA LEU C 330 -2.22 -31.07 4.58
C LEU C 330 -1.15 -31.80 3.80
N VAL C 331 -1.54 -32.41 2.67
CA VAL C 331 -0.63 -33.19 1.85
C VAL C 331 -0.77 -32.76 0.40
N ARG C 332 0.26 -33.10 -0.39
CA ARG C 332 0.27 -32.86 -1.82
C ARG C 332 0.78 -34.09 -2.53
N ALA C 333 0.36 -34.26 -3.79
CA ALA C 333 0.88 -35.33 -4.62
C ALA C 333 2.39 -35.17 -4.78
N ARG C 334 3.11 -36.27 -4.69
CA ARG C 334 4.56 -36.20 -4.63
C ARG C 334 5.18 -36.08 -6.03
N GLU C 335 6.39 -35.55 -6.04
CA GLU C 335 7.18 -35.41 -7.26
C GLU C 335 7.74 -36.77 -7.68
N GLY C 336 8.59 -36.77 -8.71
CA GLY C 336 9.14 -38.02 -9.20
C GLY C 336 10.08 -38.69 -8.21
N VAL C 337 10.15 -40.02 -8.28
CA VAL C 337 10.98 -40.81 -7.39
C VAL C 337 11.83 -41.78 -8.20
N TRP C 338 12.91 -42.24 -7.57
CA TRP C 338 13.80 -43.23 -8.15
C TRP C 338 13.66 -44.54 -7.38
N ILE C 339 13.60 -45.65 -8.12
CA ILE C 339 13.37 -46.96 -7.53
C ILE C 339 14.16 -48.03 -8.28
N PRO C 340 14.88 -48.92 -7.58
CA PRO C 340 15.44 -50.09 -8.25
C PRO C 340 14.34 -50.98 -8.80
N CYS C 341 14.65 -51.63 -9.92
CA CYS C 341 13.65 -52.37 -10.68
C CYS C 341 14.31 -53.56 -11.34
N SER C 342 13.64 -54.72 -11.28
CA SER C 342 14.20 -55.97 -11.76
C SER C 342 13.54 -56.39 -13.06
N MET C 343 14.36 -56.78 -14.04
CA MET C 343 13.90 -57.28 -15.32
C MET C 343 14.42 -58.70 -15.54
N ASP C 344 13.74 -59.44 -16.42
CA ASP C 344 14.14 -60.81 -16.73
C ASP C 344 15.14 -60.91 -17.87
N ARG C 345 15.44 -59.81 -18.55
CA ARG C 345 16.42 -59.78 -19.62
C ARG C 345 17.19 -58.47 -19.53
N PRO C 346 18.37 -58.38 -20.15
CA PRO C 346 19.17 -57.15 -20.04
C PRO C 346 18.50 -55.96 -20.70
N TRP C 347 18.98 -54.78 -20.30
CA TRP C 347 18.48 -53.51 -20.81
C TRP C 347 18.73 -53.40 -22.32
N GLU C 348 17.72 -52.91 -23.03
CA GLU C 348 17.80 -52.70 -24.48
C GLU C 348 17.31 -51.31 -24.82
N ALA C 349 17.92 -50.70 -25.84
CA ALA C 349 17.54 -49.36 -26.26
C ALA C 349 16.45 -49.38 -27.32
N SER C 350 16.47 -50.35 -28.22
CA SER C 350 15.52 -50.44 -29.32
C SER C 350 15.13 -51.89 -29.53
N PRO C 351 13.99 -52.16 -30.16
CA PRO C 351 13.62 -53.53 -30.50
C PRO C 351 14.19 -53.99 -31.83
N SER C 352 15.21 -53.31 -32.34
CA SER C 352 15.75 -53.62 -33.67
C SER C 352 16.23 -55.06 -33.77
N ILE C 353 16.98 -55.54 -32.77
CA ILE C 353 17.38 -56.94 -32.76
C ILE C 353 16.17 -57.84 -32.59
N HIS C 354 15.21 -57.42 -31.76
CA HIS C 354 13.98 -58.20 -31.58
C HIS C 354 13.22 -58.34 -32.89
N ILE C 355 13.23 -57.29 -33.71
CA ILE C 355 12.55 -57.33 -35.00
C ILE C 355 13.26 -58.29 -35.95
N LEU C 356 14.58 -58.23 -36.00
CA LEU C 356 15.34 -59.11 -36.89
C LEU C 356 15.16 -60.58 -36.51
N THR C 357 15.02 -60.88 -35.22
CA THR C 357 14.74 -62.25 -34.80
C THR C 357 13.39 -62.72 -35.32
N GLU C 358 12.39 -61.84 -35.29
CA GLU C 358 11.07 -62.20 -35.80
C GLU C 358 11.08 -62.47 -37.30
N VAL C 359 11.87 -61.71 -38.06
CA VAL C 359 11.95 -61.91 -39.50
C VAL C 359 12.56 -63.28 -39.81
N LEU C 360 13.65 -63.63 -39.12
CA LEU C 360 14.34 -64.88 -39.39
C LEU C 360 13.54 -66.09 -38.93
N LYS C 361 12.67 -65.94 -37.94
CA LYS C 361 11.86 -67.06 -37.46
C LYS C 361 10.62 -67.30 -38.31
N GLY C 362 10.26 -66.36 -39.19
CA GLY C 362 9.09 -66.53 -40.03
C GLY C 362 9.44 -67.07 -41.40
N VAL C 363 10.72 -67.08 -41.74
CA VAL C 363 11.19 -67.59 -43.01
C VAL C 363 11.20 -69.12 -43.00
N PHE D 1 14.55 -23.21 -10.06
CA PHE D 1 15.26 -22.02 -10.49
C PHE D 1 16.29 -21.59 -9.44
N ILE D 2 16.18 -22.19 -8.25
CA ILE D 2 17.12 -21.95 -7.16
C ILE D 2 17.45 -23.28 -6.51
N PHE D 3 18.72 -23.68 -6.59
CA PHE D 3 19.16 -24.96 -6.06
C PHE D 3 20.43 -24.77 -5.25
N THR D 4 20.60 -25.61 -4.24
CA THR D 4 21.82 -25.66 -3.45
C THR D 4 22.46 -27.03 -3.69
N LEU D 5 23.60 -27.03 -4.38
CA LEU D 5 24.24 -28.27 -4.83
C LEU D 5 25.54 -28.45 -4.06
N ILE D 6 25.48 -29.23 -2.98
CA ILE D 6 26.67 -29.55 -2.21
C ILE D 6 27.31 -30.84 -2.70
N ALA D 7 26.50 -31.87 -2.94
CA ALA D 7 27.02 -33.19 -3.30
C ALA D 7 27.07 -33.37 -4.82
N VAL D 8 27.88 -32.53 -5.45
CA VAL D 8 28.19 -32.65 -6.87
C VAL D 8 29.71 -32.60 -7.02
N ILE D 9 30.19 -33.23 -8.09
CA ILE D 9 31.64 -33.30 -8.32
C ILE D 9 32.21 -31.91 -8.57
N MET D 10 31.52 -31.10 -9.36
CA MET D 10 31.98 -29.76 -9.72
C MET D 10 30.84 -28.77 -9.55
N GLY D 11 31.18 -27.57 -9.07
CA GLY D 11 30.22 -26.48 -9.00
C GLY D 11 30.26 -25.61 -10.25
N LEU D 12 29.41 -24.58 -10.24
CA LEU D 12 29.30 -23.69 -11.38
C LEU D 12 30.60 -22.92 -11.63
N ILE D 13 31.29 -22.50 -10.57
CA ILE D 13 32.53 -21.76 -10.73
C ILE D 13 33.59 -22.63 -11.38
N ALA D 14 33.72 -23.88 -10.93
CA ALA D 14 34.74 -24.77 -11.49
C ALA D 14 34.43 -25.12 -12.95
N VAL D 15 33.15 -25.31 -13.28
CA VAL D 15 32.78 -25.60 -14.67
C VAL D 15 33.17 -24.44 -15.57
N THR D 16 32.83 -23.21 -15.16
CA THR D 16 33.10 -22.04 -15.99
C THR D 16 34.60 -21.81 -16.17
N ALA D 17 35.37 -21.91 -15.09
CA ALA D 17 36.78 -21.58 -15.16
C ALA D 17 37.58 -22.64 -15.91
N THR D 18 37.26 -23.92 -15.71
CA THR D 18 38.04 -24.99 -16.31
C THR D 18 37.81 -25.06 -17.82
N ALA D 19 36.61 -24.72 -18.28
CA ALA D 19 36.29 -24.78 -19.70
C ALA D 19 36.76 -23.55 -20.47
N ALA D 20 37.19 -22.49 -19.79
CA ALA D 20 37.54 -21.25 -20.48
C ALA D 20 38.80 -21.41 -21.33
N VAL D 21 39.71 -22.30 -20.95
CA VAL D 21 40.93 -22.51 -21.72
C VAL D 21 40.61 -23.11 -23.09
N ALA D 22 39.74 -24.12 -23.13
CA ALA D 22 39.31 -24.68 -24.40
C ALA D 22 38.37 -23.76 -25.15
N GLY D 23 37.71 -22.82 -24.47
CA GLY D 23 36.84 -21.87 -25.13
C GLY D 23 37.57 -20.88 -26.00
N VAL D 24 38.88 -20.72 -25.81
CA VAL D 24 39.67 -19.83 -26.67
C VAL D 24 39.73 -20.38 -28.09
N ALA D 25 40.04 -21.67 -28.23
CA ALA D 25 40.07 -22.29 -29.55
C ALA D 25 38.69 -22.35 -30.18
N LEU D 26 37.66 -22.47 -29.36
CA LEU D 26 36.29 -22.53 -29.87
C LEU D 26 35.87 -21.20 -30.49
N HIS D 27 36.47 -20.09 -30.06
CA HIS D 27 36.13 -18.78 -30.59
C HIS D 27 36.87 -18.43 -31.87
N SER D 28 37.87 -19.22 -32.26
CA SER D 28 38.74 -18.85 -33.38
C SER D 28 38.42 -19.60 -34.67
N SER D 29 37.92 -20.83 -34.60
CA SER D 29 37.67 -21.59 -35.81
C SER D 29 36.73 -22.75 -35.50
N VAL D 30 36.28 -23.42 -36.56
CA VAL D 30 35.43 -24.59 -36.41
C VAL D 30 36.24 -25.74 -35.83
N GLN D 31 35.72 -26.34 -34.76
CA GLN D 31 36.33 -27.49 -34.12
C GLN D 31 35.53 -28.74 -34.43
N SER D 32 36.15 -29.89 -34.23
CA SER D 32 35.45 -31.16 -34.39
C SER D 32 34.38 -31.31 -33.31
N CYS D 33 33.37 -32.11 -33.62
CA CYS D 33 32.29 -32.31 -32.66
C CYS D 33 32.75 -33.05 -31.41
N ASN D 34 33.87 -33.79 -31.49
CA ASN D 34 34.44 -34.38 -30.28
C ASN D 34 35.06 -33.31 -29.39
N PHE D 35 35.72 -32.32 -29.99
CA PHE D 35 36.22 -31.19 -29.22
C PHE D 35 35.09 -30.44 -28.53
N VAL D 36 33.98 -30.23 -29.25
CA VAL D 36 32.83 -29.55 -28.65
C VAL D 36 32.25 -30.39 -27.52
N ASN D 37 32.19 -31.71 -27.71
CA ASN D 37 31.62 -32.59 -26.69
C ASN D 37 32.42 -32.53 -25.39
N ASP D 38 33.75 -32.57 -25.47
CA ASP D 38 34.57 -32.49 -24.27
C ASP D 38 34.50 -31.12 -23.60
N TRP D 39 34.17 -30.07 -24.36
CA TRP D 39 34.13 -28.73 -23.81
C TRP D 39 32.90 -28.52 -22.93
N GLN D 40 31.75 -29.07 -23.35
CA GLN D 40 30.48 -28.86 -22.66
C GLN D 40 30.12 -30.02 -21.73
N LYS D 41 31.02 -30.99 -21.57
CA LYS D 41 30.67 -32.23 -20.89
C LYS D 41 30.30 -31.98 -19.42
N ASN D 42 31.13 -31.22 -18.71
CA ASN D 42 30.89 -31.01 -17.28
C ASN D 42 29.74 -30.07 -17.02
N SER D 43 29.51 -29.09 -17.91
CA SER D 43 28.37 -28.20 -17.76
C SER D 43 27.06 -28.96 -17.90
N THR D 44 26.98 -29.88 -18.88
CA THR D 44 25.77 -30.68 -19.05
C THR D 44 25.54 -31.60 -17.86
N ARG D 45 26.62 -32.18 -17.32
CA ARG D 45 26.47 -33.04 -16.15
C ARG D 45 25.95 -32.27 -14.94
N LEU D 46 26.44 -31.05 -14.73
CA LEU D 46 26.01 -30.26 -13.59
C LEU D 46 24.53 -29.89 -13.69
N TRP D 47 24.07 -29.51 -14.88
CA TRP D 47 22.69 -29.09 -15.08
C TRP D 47 21.74 -30.25 -15.28
N ASN D 48 22.19 -31.49 -15.08
CA ASN D 48 21.32 -32.66 -15.08
C ASN D 48 21.35 -33.40 -13.75
N SER D 49 21.93 -32.81 -12.71
CA SER D 49 22.11 -33.49 -11.45
C SER D 49 21.57 -32.73 -10.25
N GLN D 50 20.77 -31.70 -10.45
CA GLN D 50 20.14 -31.01 -9.33
C GLN D 50 18.92 -31.81 -8.85
N SER D 51 18.74 -31.86 -7.53
CA SER D 51 17.73 -32.72 -6.93
C SER D 51 16.37 -32.03 -6.79
N SER D 52 16.34 -30.88 -6.12
CA SER D 52 15.09 -30.18 -5.89
C SER D 52 15.38 -28.71 -5.58
N ILE D 53 14.33 -27.90 -5.69
CA ILE D 53 14.46 -26.48 -5.41
C ILE D 53 14.69 -26.27 -3.91
N ASP D 54 15.68 -25.46 -3.57
CA ASP D 54 15.96 -25.13 -2.18
C ASP D 54 14.83 -24.30 -1.63
N GLN D 55 13.99 -24.91 -0.78
CA GLN D 55 12.79 -24.25 -0.30
C GLN D 55 13.12 -23.13 0.68
N LYS D 56 14.22 -23.25 1.42
CA LYS D 56 14.62 -22.21 2.35
C LYS D 56 14.89 -20.89 1.63
N LEU D 57 15.50 -20.95 0.45
CA LEU D 57 15.77 -19.75 -0.32
C LEU D 57 14.62 -19.35 -1.22
N ALA D 58 13.82 -20.30 -1.68
CA ALA D 58 12.76 -19.99 -2.64
C ALA D 58 11.60 -19.24 -1.99
N ASN D 59 11.26 -19.59 -0.74
CA ASN D 59 10.10 -18.98 -0.10
C ASN D 59 10.34 -17.53 0.31
N GLN D 60 11.57 -17.04 0.22
CA GLN D 60 11.90 -15.66 0.56
C GLN D 60 11.81 -14.71 -0.63
N ILE D 61 11.59 -15.22 -1.84
CA ILE D 61 11.64 -14.38 -3.02
C ILE D 61 10.44 -13.44 -3.03
N ASN D 62 10.71 -12.15 -3.25
CA ASN D 62 9.67 -11.12 -3.26
C ASN D 62 9.23 -10.73 -4.67
N ASP D 63 10.18 -10.29 -5.49
CA ASP D 63 9.90 -9.92 -6.88
C ASP D 63 10.10 -11.15 -7.77
N LEU D 64 9.04 -11.60 -8.42
CA LEU D 64 9.07 -12.82 -9.22
C LEU D 64 9.36 -12.55 -10.70
N ARG D 65 9.55 -11.30 -11.09
CA ARG D 65 9.67 -10.97 -12.51
C ARG D 65 10.88 -11.66 -13.14
N GLN D 66 12.03 -11.60 -12.47
CA GLN D 66 13.24 -12.21 -13.01
C GLN D 66 13.12 -13.73 -13.08
N THR D 67 12.54 -14.36 -12.06
CA THR D 67 12.38 -15.81 -12.04
C THR D 67 11.44 -16.27 -13.15
N VAL D 68 10.34 -15.56 -13.37
CA VAL D 68 9.39 -15.94 -14.40
C VAL D 68 9.99 -15.76 -15.80
N ILE D 69 10.79 -14.70 -15.99
CA ILE D 69 11.46 -14.49 -17.26
C ILE D 69 12.47 -15.60 -17.52
N TRP D 70 13.21 -16.01 -16.48
CA TRP D 70 14.16 -17.10 -16.63
C TRP D 70 13.45 -18.42 -16.98
N MET D 71 12.32 -18.69 -16.33
CA MET D 71 11.58 -19.91 -16.60
C MET D 71 10.97 -19.90 -17.99
N GLY D 72 10.53 -18.74 -18.47
CA GLY D 72 10.01 -18.64 -19.83
C GLY D 72 11.06 -18.97 -20.87
N ASP D 73 12.29 -18.49 -20.67
CA ASP D 73 13.38 -18.84 -21.58
C ASP D 73 13.70 -20.33 -21.53
N ARG D 74 13.70 -20.92 -20.34
CA ARG D 74 13.94 -22.35 -20.21
C ARG D 74 12.85 -23.15 -20.90
N LEU D 75 11.59 -22.75 -20.72
CA LEU D 75 10.47 -23.47 -21.33
C LEU D 75 10.52 -23.38 -22.85
N MET D 76 10.83 -22.19 -23.38
CA MET D 76 10.95 -22.04 -24.83
C MET D 76 12.09 -22.86 -25.39
N SER D 77 13.19 -22.95 -24.64
CA SER D 77 14.33 -23.76 -25.09
C SER D 77 13.96 -25.24 -25.14
N LEU D 78 13.21 -25.72 -24.14
CA LEU D 78 12.81 -27.12 -24.12
C LEU D 78 11.84 -27.44 -25.26
N GLU D 79 10.92 -26.52 -25.56
CA GLU D 79 9.98 -26.73 -26.65
C GLU D 79 10.69 -26.85 -27.99
N HIS D 80 11.69 -26.00 -28.22
CA HIS D 80 12.43 -26.05 -29.48
C HIS D 80 13.29 -27.30 -29.58
N ARG D 81 13.85 -27.75 -28.46
CA ARG D 81 14.67 -28.96 -28.48
C ARG D 81 13.85 -30.20 -28.79
N PHE D 82 12.57 -30.20 -28.42
CA PHE D 82 11.72 -31.36 -28.65
C PHE D 82 11.52 -31.65 -30.14
N GLN D 83 11.62 -30.62 -30.98
CA GLN D 83 11.42 -30.76 -32.41
C GLN D 83 12.73 -30.82 -33.20
N LEU D 84 13.88 -30.82 -32.52
CA LEU D 84 15.15 -30.87 -33.22
C LEU D 84 15.49 -32.31 -33.64
N GLN D 85 16.07 -32.44 -34.83
CA GLN D 85 16.55 -33.73 -35.32
C GLN D 85 18.04 -33.83 -35.04
N CYS D 86 18.43 -34.87 -34.31
CA CYS D 86 19.79 -34.99 -33.80
C CYS D 86 20.43 -36.30 -34.25
N ASP D 87 21.75 -36.26 -34.41
CA ASP D 87 22.51 -37.46 -34.71
C ASP D 87 22.43 -38.44 -33.54
N TRP D 88 22.36 -39.72 -33.86
CA TRP D 88 22.13 -40.73 -32.83
C TRP D 88 23.32 -40.88 -31.88
N ASN D 89 24.54 -40.63 -32.37
CA ASN D 89 25.72 -40.98 -31.60
C ASN D 89 26.08 -39.97 -30.52
N THR D 90 25.51 -38.76 -30.56
CA THR D 90 25.76 -37.75 -29.55
C THR D 90 24.44 -37.41 -28.88
N SER D 91 24.38 -37.57 -27.56
CA SER D 91 23.18 -37.31 -26.79
C SER D 91 23.31 -36.16 -25.80
N ASP D 92 24.54 -35.76 -25.45
CA ASP D 92 24.71 -34.62 -24.55
C ASP D 92 24.22 -33.33 -25.19
N PHE D 93 24.47 -33.15 -26.48
CA PHE D 93 23.99 -32.00 -27.24
C PHE D 93 23.53 -32.49 -28.61
N CYS D 94 22.79 -31.64 -29.30
CA CYS D 94 22.10 -32.00 -30.54
C CYS D 94 22.91 -31.53 -31.74
N ILE D 95 23.25 -32.45 -32.63
CA ILE D 95 23.85 -32.14 -33.92
C ILE D 95 22.78 -32.28 -34.99
N THR D 96 22.46 -31.19 -35.66
CA THR D 96 21.42 -31.18 -36.68
C THR D 96 21.99 -31.61 -38.03
N PRO D 97 21.14 -32.05 -38.96
CA PRO D 97 21.61 -32.37 -40.31
C PRO D 97 21.82 -31.16 -41.22
N GLN D 98 21.78 -29.94 -40.70
CA GLN D 98 21.95 -28.75 -41.53
C GLN D 98 23.44 -28.48 -41.72
N ILE D 99 23.86 -28.38 -42.98
CA ILE D 99 25.26 -28.23 -43.32
C ILE D 99 25.67 -26.77 -43.14
N TYR D 100 26.80 -26.54 -42.48
CA TYR D 100 27.36 -25.21 -42.35
C TYR D 100 27.89 -24.74 -43.70
N ASN D 101 27.52 -23.52 -44.09
CA ASN D 101 27.84 -23.02 -45.42
C ASN D 101 29.14 -22.22 -45.45
N GLU D 102 29.28 -21.24 -44.57
CA GLU D 102 30.44 -20.36 -44.46
C GLU D 102 30.48 -19.32 -45.59
N SER D 103 29.60 -19.46 -46.56
CA SER D 103 29.36 -18.39 -47.53
C SER D 103 28.13 -17.56 -47.17
N GLU D 104 27.25 -18.11 -46.34
CA GLU D 104 26.14 -17.40 -45.73
C GLU D 104 26.45 -16.94 -44.32
N HIS D 105 27.18 -17.74 -43.55
CA HIS D 105 27.53 -17.43 -42.17
C HIS D 105 29.06 -17.45 -42.05
N HIS D 106 29.67 -16.28 -42.16
CA HIS D 106 31.10 -16.15 -41.91
C HIS D 106 31.40 -16.44 -40.44
N TRP D 107 32.64 -16.85 -40.18
CA TRP D 107 33.01 -17.19 -38.82
C TRP D 107 32.92 -15.99 -37.87
N ASP D 108 33.07 -14.78 -38.40
CA ASP D 108 32.96 -13.60 -37.55
C ASP D 108 31.58 -13.49 -36.93
N MET D 109 30.54 -13.83 -37.69
CA MET D 109 29.18 -13.84 -37.13
C MET D 109 29.06 -14.88 -36.02
N VAL D 110 29.64 -16.07 -36.23
CA VAL D 110 29.56 -17.12 -35.22
C VAL D 110 30.33 -16.72 -33.97
N ARG D 111 31.51 -16.13 -34.14
CA ARG D 111 32.30 -15.69 -32.99
C ARG D 111 31.57 -14.62 -32.20
N ARG D 112 30.89 -13.71 -32.89
CA ARG D 112 30.10 -12.69 -32.19
C ARG D 112 28.94 -13.32 -31.43
N HIS D 113 28.30 -14.34 -32.00
CA HIS D 113 27.23 -15.04 -31.30
C HIS D 113 27.76 -15.75 -30.06
N LEU D 114 28.96 -16.34 -30.16
CA LEU D 114 29.56 -17.01 -29.02
C LEU D 114 29.94 -16.05 -27.90
N GLN D 115 30.15 -14.77 -28.21
CA GLN D 115 30.46 -13.78 -27.19
C GLN D 115 29.23 -13.16 -26.54
N GLY D 116 28.04 -13.45 -27.05
CA GLY D 116 26.83 -12.91 -26.48
C GLY D 116 26.40 -11.58 -27.05
N ARG D 117 26.68 -11.31 -28.32
CA ARG D 117 26.30 -10.06 -28.96
C ARG D 117 24.99 -10.22 -29.72
N GLU D 118 24.36 -9.08 -30.02
CA GLU D 118 23.12 -9.09 -30.78
C GLU D 118 23.07 -7.96 -31.80
N ASP D 119 24.23 -7.46 -32.24
CA ASP D 119 24.25 -6.41 -33.25
C ASP D 119 23.87 -6.99 -34.61
N ASN D 120 23.89 -6.13 -35.64
CA ASN D 120 23.51 -6.58 -36.97
C ASN D 120 24.62 -7.34 -37.68
N LEU D 121 25.81 -7.41 -37.10
CA LEU D 121 26.90 -8.23 -37.62
C LEU D 121 26.94 -9.62 -36.97
N THR D 122 25.99 -9.92 -36.09
CA THR D 122 25.96 -11.19 -35.39
C THR D 122 25.08 -12.18 -36.15
N LEU D 123 25.35 -13.47 -35.95
CA LEU D 123 24.52 -14.54 -36.50
C LEU D 123 23.06 -14.35 -36.10
N ASP D 124 22.17 -14.47 -37.08
CA ASP D 124 20.73 -14.30 -36.87
C ASP D 124 20.12 -15.66 -36.56
N ILE D 125 19.79 -15.90 -35.29
CA ILE D 125 19.34 -17.21 -34.86
C ILE D 125 17.94 -17.50 -35.40
N SER D 126 17.06 -16.50 -35.42
CA SER D 126 15.71 -16.72 -35.95
C SER D 126 15.76 -17.12 -37.42
N LYS D 127 16.62 -16.48 -38.20
CA LYS D 127 16.78 -16.86 -39.60
C LYS D 127 17.39 -18.25 -39.71
N LEU D 128 18.37 -18.57 -38.86
CA LEU D 128 19.01 -19.88 -38.90
C LEU D 128 18.05 -20.98 -38.47
N LYS D 129 17.24 -20.72 -37.44
CA LYS D 129 16.30 -21.74 -36.97
C LYS D 129 15.23 -22.06 -38.00
N GLU D 130 14.84 -21.07 -38.82
CA GLU D 130 13.89 -21.34 -39.88
C GLU D 130 14.48 -22.23 -40.96
N GLN D 131 15.75 -22.03 -41.30
CA GLN D 131 16.40 -22.90 -42.27
C GLN D 131 16.54 -24.32 -41.74
N ILE D 132 16.90 -24.46 -40.47
CA ILE D 132 17.08 -25.79 -39.89
C ILE D 132 15.74 -26.51 -39.78
N PHE D 133 14.67 -25.78 -39.47
CA PHE D 133 13.35 -26.39 -39.36
C PHE D 133 12.85 -26.90 -40.70
N GLU D 134 13.10 -26.17 -41.78
CA GLU D 134 12.61 -26.53 -43.09
C GLU D 134 13.48 -27.56 -43.80
N ALA D 135 14.58 -27.99 -43.19
CA ALA D 135 15.47 -28.97 -43.78
C ALA D 135 15.64 -30.23 -42.95
N SER D 136 15.03 -30.29 -41.77
CA SER D 136 15.18 -31.42 -40.86
C SER D 136 13.90 -32.23 -40.71
N LYS D 137 13.09 -32.27 -41.76
CA LYS D 137 11.86 -33.04 -41.70
C LYS D 137 12.16 -34.54 -41.64
N ALA D 138 11.27 -35.27 -40.98
CA ALA D 138 11.47 -36.71 -40.81
C ALA D 138 11.43 -37.46 -42.13
N HIS D 139 10.70 -36.94 -43.11
CA HIS D 139 10.61 -37.61 -44.41
C HIS D 139 11.79 -37.26 -45.32
N LEU D 140 12.78 -36.53 -44.83
CA LEU D 140 13.98 -36.24 -45.59
C LEU D 140 15.25 -36.80 -44.97
N ASN D 141 15.23 -37.22 -43.71
CA ASN D 141 16.47 -37.57 -43.02
C ASN D 141 16.41 -38.92 -42.31
N LEU D 142 15.21 -39.36 -41.92
CA LEU D 142 15.09 -40.61 -41.19
C LEU D 142 15.50 -41.80 -42.05
N VAL D 143 15.10 -41.80 -43.33
CA VAL D 143 15.50 -42.88 -44.24
C VAL D 143 16.95 -42.66 -44.66
N PRO D 144 17.81 -43.65 -44.52
CA PRO D 144 19.21 -43.47 -44.91
C PRO D 144 19.36 -43.21 -46.40
N GLY D 145 20.52 -42.65 -46.76
CA GLY D 145 20.75 -42.23 -48.13
C GLY D 145 20.79 -43.39 -49.11
N THR D 146 20.77 -43.02 -50.39
CA THR D 146 20.77 -44.04 -51.46
C THR D 146 22.07 -44.83 -51.46
N GLU D 147 23.21 -44.15 -51.28
CA GLU D 147 24.48 -44.85 -51.27
C GLU D 147 24.64 -45.73 -50.04
N ALA D 148 24.09 -45.31 -48.90
CA ALA D 148 24.15 -46.13 -47.69
C ALA D 148 23.37 -47.42 -47.87
N ILE D 149 22.20 -47.35 -48.50
CA ILE D 149 21.41 -48.56 -48.76
C ILE D 149 22.17 -49.50 -49.68
N ALA D 150 22.75 -48.95 -50.74
CA ALA D 150 23.53 -49.76 -51.68
C ALA D 150 24.91 -50.12 -51.14
N GLY D 151 25.41 -49.39 -50.16
CA GLY D 151 26.73 -49.67 -49.60
C GLY D 151 26.78 -50.78 -48.59
N VAL D 152 25.63 -51.32 -48.19
CA VAL D 152 25.58 -52.42 -47.23
C VAL D 152 24.99 -53.68 -47.82
N ALA D 153 24.24 -53.61 -48.92
CA ALA D 153 23.61 -54.76 -49.52
C ALA D 153 24.58 -55.62 -50.31
N ASP D 154 25.89 -55.41 -50.15
CA ASP D 154 26.87 -56.25 -50.84
C ASP D 154 26.77 -57.70 -50.39
N GLY D 155 26.59 -57.92 -49.09
CA GLY D 155 26.46 -59.26 -48.56
C GLY D 155 25.07 -59.58 -48.06
N PHE E 1 7.83 -15.58 -23.19
CA PHE E 1 6.38 -15.49 -23.34
C PHE E 1 6.00 -14.25 -24.14
N ILE E 2 6.98 -13.37 -24.37
CA ILE E 2 6.81 -12.22 -25.26
C ILE E 2 8.06 -12.10 -26.11
N PHE E 3 7.88 -12.01 -27.42
CA PHE E 3 8.99 -12.00 -28.37
C PHE E 3 8.76 -10.92 -29.41
N THR E 4 9.85 -10.37 -29.90
CA THR E 4 9.84 -9.44 -31.04
C THR E 4 10.51 -10.17 -32.20
N LEU E 5 9.73 -10.49 -33.23
CA LEU E 5 10.19 -11.30 -34.35
C LEU E 5 10.25 -10.44 -35.60
N ILE E 6 11.42 -9.83 -35.82
CA ILE E 6 11.60 -9.00 -37.01
C ILE E 6 11.97 -9.86 -38.21
N ALA E 7 12.97 -10.73 -38.05
CA ALA E 7 13.53 -11.49 -39.17
C ALA E 7 12.91 -12.90 -39.20
N VAL E 8 11.62 -12.93 -39.55
CA VAL E 8 10.94 -14.18 -39.85
C VAL E 8 10.21 -14.00 -41.17
N ILE E 9 10.00 -15.11 -41.87
CA ILE E 9 9.34 -15.05 -43.17
C ILE E 9 7.90 -14.57 -43.03
N MET E 10 7.19 -15.07 -42.02
CA MET E 10 5.79 -14.71 -41.80
C MET E 10 5.58 -14.39 -40.32
N GLY E 11 4.80 -13.34 -40.06
CA GLY E 11 4.36 -13.03 -38.73
C GLY E 11 3.10 -13.78 -38.35
N LEU E 12 2.59 -13.49 -37.14
CA LEU E 12 1.40 -14.15 -36.65
C LEU E 12 0.17 -13.81 -37.49
N ILE E 13 0.06 -12.56 -37.94
CA ILE E 13 -1.12 -12.15 -38.71
C ILE E 13 -1.18 -12.88 -40.04
N ALA E 14 -0.05 -12.96 -40.74
CA ALA E 14 -0.03 -13.62 -42.05
C ALA E 14 -0.27 -15.12 -41.92
N VAL E 15 0.25 -15.74 -40.86
CA VAL E 15 0.02 -17.16 -40.64
C VAL E 15 -1.46 -17.43 -40.43
N THR E 16 -2.11 -16.62 -39.59
CA THR E 16 -3.52 -16.84 -39.28
C THR E 16 -4.41 -16.61 -40.49
N ALA E 17 -4.17 -15.52 -41.23
CA ALA E 17 -5.06 -15.17 -42.33
C ALA E 17 -4.89 -16.10 -43.52
N THR E 18 -3.65 -16.52 -43.80
CA THR E 18 -3.40 -17.35 -44.99
C THR E 18 -3.96 -18.76 -44.81
N ALA E 19 -3.95 -19.29 -43.59
CA ALA E 19 -4.45 -20.63 -43.34
C ALA E 19 -5.97 -20.68 -43.17
N ALA E 20 -6.63 -19.55 -43.04
CA ALA E 20 -8.08 -19.56 -42.78
C ALA E 20 -8.87 -20.12 -43.95
N VAL E 21 -8.36 -20.00 -45.17
CA VAL E 21 -9.06 -20.52 -46.33
C VAL E 21 -9.09 -22.04 -46.31
N ALA E 22 -7.95 -22.67 -46.01
CA ALA E 22 -7.92 -24.12 -45.87
C ALA E 22 -8.62 -24.58 -44.59
N GLY E 23 -8.77 -23.69 -43.61
CA GLY E 23 -9.49 -24.04 -42.39
C GLY E 23 -10.97 -24.25 -42.60
N VAL E 24 -11.54 -23.75 -43.69
CA VAL E 24 -12.94 -23.98 -43.99
C VAL E 24 -13.19 -25.46 -44.26
N ALA E 25 -12.33 -26.08 -45.08
CA ALA E 25 -12.49 -27.50 -45.37
C ALA E 25 -12.17 -28.37 -44.16
N LEU E 26 -11.29 -27.88 -43.28
CA LEU E 26 -10.95 -28.64 -42.08
C LEU E 26 -12.11 -28.73 -41.11
N HIS E 27 -13.01 -27.74 -41.14
CA HIS E 27 -14.18 -27.73 -40.27
C HIS E 27 -15.34 -28.55 -40.80
N SER E 28 -15.28 -29.00 -42.05
CA SER E 28 -16.42 -29.66 -42.68
C SER E 28 -16.35 -31.19 -42.64
N SER E 29 -15.16 -31.78 -42.78
CA SER E 29 -15.05 -33.23 -42.82
C SER E 29 -13.61 -33.63 -42.54
N VAL E 30 -13.38 -34.94 -42.48
CA VAL E 30 -12.04 -35.48 -42.23
C VAL E 30 -11.18 -35.28 -43.47
N GLN E 31 -10.01 -34.69 -43.29
CA GLN E 31 -9.05 -34.50 -44.35
C GLN E 31 -7.92 -35.52 -44.21
N SER E 32 -7.11 -35.62 -45.26
CA SER E 32 -5.92 -36.45 -45.20
C SER E 32 -4.87 -35.76 -44.33
N CYS E 33 -3.94 -36.57 -43.80
CA CYS E 33 -2.89 -36.02 -42.95
C CYS E 33 -1.92 -35.13 -43.73
N ASN E 34 -1.83 -35.31 -45.05
CA ASN E 34 -1.05 -34.38 -45.86
C ASN E 34 -1.72 -33.01 -45.93
N PHE E 35 -3.05 -32.99 -46.03
CA PHE E 35 -3.78 -31.73 -45.98
C PHE E 35 -3.58 -31.05 -44.64
N VAL E 36 -3.64 -31.81 -43.54
CA VAL E 36 -3.43 -31.24 -42.21
C VAL E 36 -2.01 -30.73 -42.09
N ASN E 37 -1.05 -31.45 -42.66
CA ASN E 37 0.36 -31.04 -42.58
C ASN E 37 0.58 -29.70 -43.25
N ASP E 38 0.03 -29.50 -44.46
CA ASP E 38 0.22 -28.26 -45.18
C ASP E 38 -0.50 -27.08 -44.51
N TRP E 39 -1.55 -27.36 -43.74
CA TRP E 39 -2.35 -26.31 -43.12
C TRP E 39 -1.65 -25.72 -41.90
N GLN E 40 -0.94 -26.54 -41.13
CA GLN E 40 -0.27 -26.08 -39.92
C GLN E 40 1.21 -25.83 -40.13
N LYS E 41 1.70 -25.95 -41.37
CA LYS E 41 3.14 -25.93 -41.62
C LYS E 41 3.77 -24.60 -41.23
N ASN E 42 3.15 -23.48 -41.64
CA ASN E 42 3.75 -22.18 -41.37
C ASN E 42 3.59 -21.77 -39.91
N SER E 43 2.50 -22.18 -39.27
CA SER E 43 2.34 -21.90 -37.84
C SER E 43 3.40 -22.60 -37.02
N THR E 44 3.70 -23.87 -37.35
CA THR E 44 4.73 -24.61 -36.63
C THR E 44 6.11 -23.99 -36.85
N ARG E 45 6.39 -23.53 -38.07
CA ARG E 45 7.68 -22.90 -38.33
C ARG E 45 7.85 -21.64 -37.52
N LEU E 46 6.80 -20.82 -37.42
CA LEU E 46 6.90 -19.56 -36.69
C LEU E 46 7.14 -19.78 -35.20
N TRP E 47 6.46 -20.77 -34.61
CA TRP E 47 6.58 -21.04 -33.19
C TRP E 47 7.80 -21.90 -32.85
N ASN E 48 8.66 -22.16 -33.83
CA ASN E 48 9.93 -22.84 -33.59
C ASN E 48 11.13 -21.96 -33.96
N SER E 49 10.90 -20.68 -34.26
CA SER E 49 11.96 -19.82 -34.77
C SER E 49 12.18 -18.55 -33.95
N GLN E 50 11.57 -18.42 -32.79
CA GLN E 50 11.82 -17.26 -31.94
C GLN E 50 13.14 -17.42 -31.20
N SER E 51 13.87 -16.32 -31.06
CA SER E 51 15.25 -16.37 -30.55
C SER E 51 15.32 -16.22 -29.04
N SER E 52 14.78 -15.14 -28.50
CA SER E 52 14.84 -14.88 -27.07
C SER E 52 13.72 -13.95 -26.67
N ILE E 53 13.43 -13.92 -25.37
CA ILE E 53 12.39 -13.06 -24.84
C ILE E 53 12.81 -11.60 -24.99
N ASP E 54 11.89 -10.77 -25.48
CA ASP E 54 12.16 -9.34 -25.61
C ASP E 54 12.27 -8.72 -24.22
N GLN E 55 13.47 -8.38 -23.82
CA GLN E 55 13.72 -7.92 -22.46
C GLN E 55 13.19 -6.51 -22.23
N LYS E 56 13.16 -5.69 -23.29
CA LYS E 56 12.63 -4.34 -23.17
C LYS E 56 11.14 -4.36 -22.81
N LEU E 57 10.38 -5.29 -23.37
CA LEU E 57 8.97 -5.40 -23.07
C LEU E 57 8.68 -6.25 -21.83
N ALA E 58 9.52 -7.24 -21.56
CA ALA E 58 9.23 -8.18 -20.47
C ALA E 58 9.43 -7.53 -19.10
N ASN E 59 10.43 -6.64 -18.98
CA ASN E 59 10.74 -6.07 -17.67
C ASN E 59 9.71 -5.04 -17.21
N GLN E 60 8.76 -4.66 -18.08
CA GLN E 60 7.71 -3.72 -17.73
C GLN E 60 6.45 -4.38 -17.21
N ILE E 61 6.39 -5.71 -17.18
CA ILE E 61 5.17 -6.40 -16.81
C ILE E 61 4.94 -6.27 -15.31
N ASN E 62 3.73 -5.84 -14.93
CA ASN E 62 3.37 -5.63 -13.54
C ASN E 62 2.56 -6.79 -12.96
N ASP E 63 1.47 -7.16 -13.60
CA ASP E 63 0.66 -8.30 -13.16
C ASP E 63 1.12 -9.55 -13.92
N LEU E 64 1.59 -10.54 -13.17
CA LEU E 64 2.16 -11.75 -13.75
C LEU E 64 1.13 -12.87 -13.90
N ARG E 65 -0.12 -12.65 -13.50
CA ARG E 65 -1.10 -13.74 -13.45
C ARG E 65 -1.36 -14.34 -14.83
N GLN E 66 -1.53 -13.50 -15.84
CA GLN E 66 -1.83 -14.00 -17.17
C GLN E 66 -0.64 -14.72 -17.79
N THR E 67 0.59 -14.26 -17.48
CA THR E 67 1.78 -14.93 -17.99
C THR E 67 1.97 -16.30 -17.35
N VAL E 68 1.77 -16.41 -16.04
CA VAL E 68 1.95 -17.67 -15.35
C VAL E 68 0.91 -18.70 -15.81
N ILE E 69 -0.34 -18.26 -16.00
CA ILE E 69 -1.37 -19.17 -16.49
C ILE E 69 -1.05 -19.63 -17.90
N TRP E 70 -0.55 -18.73 -18.75
CA TRP E 70 -0.14 -19.13 -20.09
C TRP E 70 1.01 -20.12 -20.05
N MET E 71 2.00 -19.88 -19.19
CA MET E 71 3.14 -20.79 -19.07
C MET E 71 2.73 -22.14 -18.52
N GLY E 72 1.76 -22.17 -17.60
CA GLY E 72 1.27 -23.44 -17.09
C GLY E 72 0.62 -24.29 -18.17
N ASP E 73 -0.10 -23.65 -19.09
CA ASP E 73 -0.71 -24.38 -20.20
C ASP E 73 0.35 -24.93 -21.15
N ARG E 74 1.40 -24.16 -21.42
CA ARG E 74 2.46 -24.63 -22.31
C ARG E 74 3.27 -25.74 -21.67
N LEU E 75 3.55 -25.63 -20.37
CA LEU E 75 4.26 -26.70 -19.66
C LEU E 75 3.44 -27.98 -19.62
N MET E 76 2.13 -27.87 -19.37
CA MET E 76 1.27 -29.04 -19.36
C MET E 76 1.18 -29.67 -20.75
N SER E 77 1.14 -28.85 -21.79
CA SER E 77 1.10 -29.37 -23.15
C SER E 77 2.39 -30.11 -23.49
N LEU E 78 3.53 -29.60 -23.05
CA LEU E 78 4.81 -30.24 -23.34
C LEU E 78 4.94 -31.57 -22.59
N GLU E 79 4.43 -31.64 -21.36
CA GLU E 79 4.49 -32.88 -20.60
C GLU E 79 3.66 -33.97 -21.27
N HIS E 80 2.50 -33.61 -21.82
CA HIS E 80 1.66 -34.58 -22.51
C HIS E 80 2.26 -34.99 -23.85
N ARG E 81 2.92 -34.06 -24.55
CA ARG E 81 3.53 -34.38 -25.82
C ARG E 81 4.70 -35.35 -25.67
N PHE E 82 5.44 -35.22 -24.57
CA PHE E 82 6.57 -36.11 -24.33
C PHE E 82 6.13 -37.56 -24.16
N GLN E 83 4.88 -37.79 -23.78
CA GLN E 83 4.35 -39.13 -23.54
C GLN E 83 3.64 -39.72 -24.74
N LEU E 84 3.38 -38.94 -25.79
CA LEU E 84 2.61 -39.41 -26.93
C LEU E 84 3.47 -40.31 -27.84
N GLN E 85 2.79 -41.25 -28.49
CA GLN E 85 3.40 -42.11 -29.49
C GLN E 85 2.98 -41.64 -30.88
N CYS E 86 3.96 -41.36 -31.74
CA CYS E 86 3.70 -40.71 -33.00
C CYS E 86 4.28 -41.50 -34.16
N ASP E 87 3.64 -41.36 -35.32
CA ASP E 87 4.12 -41.98 -36.55
C ASP E 87 5.47 -41.37 -36.95
N TRP E 88 6.35 -42.22 -37.47
CA TRP E 88 7.72 -41.78 -37.73
C TRP E 88 7.79 -40.77 -38.87
N ASN E 89 6.88 -40.83 -39.83
CA ASN E 89 7.01 -40.04 -41.05
C ASN E 89 6.58 -38.59 -40.90
N THR E 90 5.88 -38.23 -39.83
CA THR E 90 5.46 -36.87 -39.59
C THR E 90 6.08 -36.38 -38.28
N SER E 91 6.81 -35.26 -38.36
CA SER E 91 7.46 -34.68 -37.19
C SER E 91 6.91 -33.32 -36.79
N ASP E 92 6.23 -32.61 -37.69
CA ASP E 92 5.65 -31.32 -37.35
C ASP E 92 4.55 -31.47 -36.29
N PHE E 93 3.72 -32.50 -36.43
CA PHE E 93 2.69 -32.80 -35.45
C PHE E 93 2.68 -34.31 -35.21
N CYS E 94 1.91 -34.73 -34.21
CA CYS E 94 1.92 -36.11 -33.74
C CYS E 94 0.67 -36.84 -34.22
N ILE E 95 0.86 -37.94 -34.94
CA ILE E 95 -0.22 -38.82 -35.33
C ILE E 95 -0.17 -40.05 -34.42
N THR E 96 -1.17 -40.22 -33.58
CA THR E 96 -1.23 -41.31 -32.64
C THR E 96 -1.79 -42.57 -33.31
N PRO E 97 -1.52 -43.75 -32.73
CA PRO E 97 -2.10 -44.99 -33.27
C PRO E 97 -3.55 -45.25 -32.88
N GLN E 98 -4.25 -44.26 -32.33
CA GLN E 98 -5.65 -44.45 -31.95
C GLN E 98 -6.54 -44.22 -33.16
N ILE E 99 -7.37 -45.21 -33.49
CA ILE E 99 -8.22 -45.16 -34.67
C ILE E 99 -9.45 -44.31 -34.38
N TYR E 100 -9.77 -43.43 -35.32
CA TYR E 100 -11.00 -42.64 -35.22
C TYR E 100 -12.21 -43.52 -35.46
N ASN E 101 -13.20 -43.43 -34.57
CA ASN E 101 -14.35 -44.33 -34.61
C ASN E 101 -15.52 -43.76 -35.41
N GLU E 102 -15.94 -42.52 -35.10
CA GLU E 102 -17.05 -41.82 -35.74
C GLU E 102 -18.41 -42.36 -35.33
N SER E 103 -18.42 -43.47 -34.58
CA SER E 103 -19.62 -43.90 -33.88
C SER E 103 -19.62 -43.46 -32.43
N GLU E 104 -18.46 -43.16 -31.88
CA GLU E 104 -18.30 -42.56 -30.57
C GLU E 104 -18.07 -41.05 -30.64
N HIS E 105 -17.32 -40.60 -31.64
CA HIS E 105 -17.03 -39.18 -31.86
C HIS E 105 -17.58 -38.78 -33.22
N HIS E 106 -18.80 -38.29 -33.26
CA HIS E 106 -19.37 -37.78 -34.49
C HIS E 106 -18.66 -36.48 -34.89
N TRP E 107 -18.76 -36.14 -36.18
CA TRP E 107 -18.02 -34.99 -36.67
C TRP E 107 -18.48 -33.68 -36.07
N ASP E 108 -19.75 -33.59 -35.65
CA ASP E 108 -20.23 -32.35 -35.05
C ASP E 108 -19.46 -32.00 -33.78
N MET E 109 -19.13 -33.02 -32.97
CA MET E 109 -18.30 -32.78 -31.78
C MET E 109 -16.90 -32.30 -32.16
N VAL E 110 -16.32 -32.89 -33.20
CA VAL E 110 -14.99 -32.47 -33.65
C VAL E 110 -15.03 -31.03 -34.16
N ARG E 111 -16.06 -30.70 -34.94
CA ARG E 111 -16.20 -29.34 -35.46
C ARG E 111 -16.38 -28.34 -34.33
N ARG E 112 -17.13 -28.71 -33.29
CA ARG E 112 -17.29 -27.82 -32.14
C ARG E 112 -15.96 -27.63 -31.42
N HIS E 113 -15.16 -28.69 -31.31
CA HIS E 113 -13.85 -28.56 -30.68
C HIS E 113 -12.93 -27.66 -31.50
N LEU E 114 -12.98 -27.77 -32.84
CA LEU E 114 -12.16 -26.92 -33.68
C LEU E 114 -12.55 -25.44 -33.58
N GLN E 115 -13.76 -25.14 -33.17
CA GLN E 115 -14.20 -23.76 -33.01
C GLN E 115 -13.89 -23.18 -31.63
N GLY E 116 -13.41 -24.00 -30.69
CA GLY E 116 -13.09 -23.52 -29.37
C GLY E 116 -14.21 -23.56 -28.37
N ARG E 117 -15.17 -24.47 -28.54
CA ARG E 117 -16.29 -24.59 -27.61
C ARG E 117 -15.99 -25.61 -26.53
N GLU E 118 -16.74 -25.53 -25.43
CA GLU E 118 -16.58 -26.47 -24.33
C GLU E 118 -17.92 -26.87 -23.72
N ASP E 119 -18.99 -26.86 -24.52
CA ASP E 119 -20.29 -27.28 -24.04
C ASP E 119 -20.35 -28.81 -23.95
N ASN E 120 -21.52 -29.35 -23.65
CA ASN E 120 -21.66 -30.79 -23.51
C ASN E 120 -21.85 -31.51 -24.85
N LEU E 121 -21.95 -30.76 -25.95
CA LEU E 121 -21.97 -31.34 -27.29
C LEU E 121 -20.60 -31.35 -27.94
N THR E 122 -19.57 -30.88 -27.24
CA THR E 122 -18.23 -30.83 -27.76
C THR E 122 -17.47 -32.11 -27.43
N LEU E 123 -16.46 -32.42 -28.24
CA LEU E 123 -15.58 -33.55 -27.98
C LEU E 123 -14.93 -33.40 -26.62
N ASP E 124 -14.96 -34.48 -25.83
CA ASP E 124 -14.41 -34.49 -24.48
C ASP E 124 -12.94 -34.88 -24.54
N ILE E 125 -12.05 -33.91 -24.33
CA ILE E 125 -10.63 -34.13 -24.51
C ILE E 125 -10.07 -35.04 -23.43
N SER E 126 -10.52 -34.86 -22.18
CA SER E 126 -10.01 -35.68 -21.08
C SER E 126 -10.36 -37.15 -21.29
N LYS E 127 -11.59 -37.43 -21.72
CA LYS E 127 -11.97 -38.81 -22.01
C LYS E 127 -11.20 -39.36 -23.19
N LEU E 128 -11.00 -38.56 -24.23
CA LEU E 128 -10.23 -39.00 -25.39
C LEU E 128 -8.78 -39.28 -25.03
N LYS E 129 -8.17 -38.40 -24.21
CA LYS E 129 -6.77 -38.56 -23.85
C LYS E 129 -6.55 -39.82 -23.03
N GLU E 130 -7.54 -40.21 -22.23
CA GLU E 130 -7.41 -41.45 -21.46
C GLU E 130 -7.45 -42.67 -22.37
N GLN E 131 -8.31 -42.65 -23.38
CA GLN E 131 -8.36 -43.75 -24.34
C GLN E 131 -7.05 -43.86 -25.13
N ILE E 132 -6.50 -42.71 -25.55
CA ILE E 132 -5.25 -42.72 -26.31
C ILE E 132 -4.09 -43.19 -25.45
N PHE E 133 -4.10 -42.86 -24.16
CA PHE E 133 -3.00 -43.26 -23.28
C PHE E 133 -2.97 -44.77 -23.07
N GLU E 134 -4.12 -45.40 -22.86
CA GLU E 134 -4.17 -46.84 -22.62
C GLU E 134 -4.29 -47.65 -23.90
N ALA E 135 -3.91 -47.06 -25.04
CA ALA E 135 -3.84 -47.78 -26.30
C ALA E 135 -2.53 -47.54 -27.05
N SER E 136 -1.68 -46.63 -26.57
CA SER E 136 -0.43 -46.30 -27.24
C SER E 136 0.78 -46.78 -26.45
N LYS E 137 0.66 -47.90 -25.75
CA LYS E 137 1.77 -48.44 -25.00
C LYS E 137 2.85 -48.97 -25.95
N ALA E 138 4.11 -48.81 -25.54
CA ALA E 138 5.23 -49.23 -26.36
C ALA E 138 5.27 -50.74 -26.59
N HIS E 139 4.63 -51.52 -25.72
CA HIS E 139 4.59 -52.97 -25.89
C HIS E 139 3.43 -53.43 -26.75
N LEU E 140 2.63 -52.50 -27.29
CA LEU E 140 1.57 -52.82 -28.23
C LEU E 140 1.79 -52.25 -29.62
N ASN E 141 2.71 -51.30 -29.79
CA ASN E 141 2.80 -50.57 -31.06
C ASN E 141 4.22 -50.55 -31.63
N LEU E 142 5.24 -50.60 -30.78
CA LEU E 142 6.61 -50.49 -31.26
C LEU E 142 6.97 -51.66 -32.17
N VAL E 143 6.57 -52.87 -31.80
CA VAL E 143 6.83 -54.04 -32.63
C VAL E 143 5.86 -54.04 -33.80
N PRO E 144 6.34 -54.14 -35.05
CA PRO E 144 5.44 -54.13 -36.20
C PRO E 144 4.47 -55.32 -36.18
N GLY E 145 3.43 -55.19 -36.99
CA GLY E 145 2.37 -56.18 -37.00
C GLY E 145 2.82 -57.52 -37.54
N THR E 146 1.96 -58.53 -37.33
CA THR E 146 2.27 -59.88 -37.77
C THR E 146 2.39 -59.96 -39.28
N GLU E 147 1.48 -59.29 -40.00
CA GLU E 147 1.52 -59.31 -41.46
C GLU E 147 2.75 -58.57 -41.99
N ALA E 148 3.15 -57.49 -41.32
CA ALA E 148 4.32 -56.73 -41.77
C ALA E 148 5.59 -57.57 -41.69
N ILE E 149 5.74 -58.36 -40.61
CA ILE E 149 6.92 -59.21 -40.48
C ILE E 149 6.95 -60.25 -41.61
N ALA E 150 5.80 -60.87 -41.89
CA ALA E 150 5.73 -61.85 -42.96
C ALA E 150 5.72 -61.22 -44.34
N GLY E 151 5.36 -59.94 -44.45
CA GLY E 151 5.35 -59.29 -45.76
C GLY E 151 6.74 -59.13 -46.35
N VAL E 152 7.71 -58.75 -45.53
CA VAL E 152 9.06 -58.51 -46.01
C VAL E 152 9.94 -59.76 -45.95
N ALA E 153 9.58 -60.73 -45.11
CA ALA E 153 10.38 -61.95 -44.95
C ALA E 153 10.23 -62.92 -46.12
N ASP E 154 9.61 -62.50 -47.22
CA ASP E 154 9.52 -63.37 -48.38
C ASP E 154 10.89 -63.67 -48.96
N GLY E 155 11.76 -62.67 -49.03
CA GLY E 155 13.10 -62.85 -49.55
C GLY E 155 14.17 -62.72 -48.48
N PHE F 1 -1.62 -25.67 -13.68
CA PHE F 1 -1.29 -25.99 -12.30
C PHE F 1 -2.56 -26.17 -11.48
N ILE F 2 -3.70 -25.75 -12.03
CA ILE F 2 -5.00 -25.91 -11.41
C ILE F 2 -5.96 -26.46 -12.46
N PHE F 3 -6.54 -27.62 -12.20
CA PHE F 3 -7.43 -28.28 -13.15
C PHE F 3 -8.65 -28.82 -12.42
N THR F 4 -9.78 -28.83 -13.12
CA THR F 4 -11.00 -29.46 -12.65
C THR F 4 -11.25 -30.69 -13.53
N LEU F 5 -11.12 -31.87 -12.95
CA LEU F 5 -11.18 -33.13 -13.69
C LEU F 5 -12.47 -33.85 -13.31
N ILE F 6 -13.52 -33.60 -14.08
CA ILE F 6 -14.81 -34.25 -13.86
C ILE F 6 -14.90 -35.57 -14.62
N ALA F 7 -14.54 -35.56 -15.89
CA ALA F 7 -14.69 -36.73 -16.75
C ALA F 7 -13.38 -37.51 -16.85
N VAL F 8 -13.00 -38.10 -15.72
CA VAL F 8 -11.88 -39.03 -15.66
C VAL F 8 -12.35 -40.28 -14.91
N ILE F 9 -11.72 -41.41 -15.21
CA ILE F 9 -12.11 -42.66 -14.58
C ILE F 9 -11.84 -42.62 -13.08
N MET F 10 -10.69 -42.10 -12.68
CA MET F 10 -10.29 -42.05 -11.27
C MET F 10 -9.77 -40.67 -10.93
N GLY F 11 -10.09 -40.21 -9.72
CA GLY F 11 -9.54 -38.98 -9.20
C GLY F 11 -8.26 -39.21 -8.41
N LEU F 12 -7.72 -38.11 -7.88
CA LEU F 12 -6.48 -38.17 -7.13
C LEU F 12 -6.64 -39.00 -5.85
N ILE F 13 -7.78 -38.87 -5.18
CA ILE F 13 -8.00 -39.61 -3.94
C ILE F 13 -8.04 -41.11 -4.21
N ALA F 14 -8.78 -41.52 -5.24
CA ALA F 14 -8.87 -42.96 -5.56
C ALA F 14 -7.52 -43.50 -6.01
N VAL F 15 -6.75 -42.72 -6.77
CA VAL F 15 -5.44 -43.17 -7.22
C VAL F 15 -4.52 -43.39 -6.02
N THR F 16 -4.51 -42.45 -5.09
CA THR F 16 -3.62 -42.54 -3.93
C THR F 16 -4.01 -43.69 -3.02
N ALA F 17 -5.31 -43.85 -2.75
CA ALA F 17 -5.74 -44.86 -1.79
C ALA F 17 -5.62 -46.27 -2.34
N THR F 18 -5.92 -46.46 -3.62
CA THR F 18 -5.90 -47.80 -4.20
C THR F 18 -4.48 -48.34 -4.33
N ALA F 19 -3.50 -47.46 -4.55
CA ALA F 19 -2.12 -47.88 -4.73
C ALA F 19 -1.38 -48.11 -3.41
N ALA F 20 -1.94 -47.67 -2.28
CA ALA F 20 -1.21 -47.74 -1.01
C ALA F 20 -0.99 -49.17 -0.56
N VAL F 21 -1.86 -50.10 -0.95
CA VAL F 21 -1.71 -51.50 -0.54
C VAL F 21 -0.47 -52.10 -1.20
N ALA F 22 -0.30 -51.88 -2.50
CA ALA F 22 0.91 -52.34 -3.19
C ALA F 22 2.14 -51.55 -2.78
N GLY F 23 1.96 -50.34 -2.24
CA GLY F 23 3.09 -49.56 -1.77
C GLY F 23 3.76 -50.13 -0.54
N VAL F 24 3.07 -51.01 0.19
CA VAL F 24 3.68 -51.66 1.34
C VAL F 24 4.81 -52.58 0.90
N ALA F 25 4.57 -53.36 -0.16
CA ALA F 25 5.62 -54.25 -0.68
C ALA F 25 6.74 -53.45 -1.33
N LEU F 26 6.43 -52.32 -1.94
CA LEU F 26 7.44 -51.50 -2.59
C LEU F 26 8.43 -50.92 -1.58
N HIS F 27 8.00 -50.71 -0.34
CA HIS F 27 8.88 -50.16 0.69
C HIS F 27 9.75 -51.20 1.35
N SER F 28 9.52 -52.49 1.10
CA SER F 28 10.22 -53.55 1.81
C SER F 28 11.38 -54.16 1.04
N SER F 29 11.29 -54.26 -0.28
CA SER F 29 12.34 -54.91 -1.06
C SER F 29 12.20 -54.51 -2.52
N VAL F 30 13.19 -54.93 -3.31
CA VAL F 30 13.17 -54.69 -4.76
C VAL F 30 12.07 -55.54 -5.39
N GLN F 31 11.23 -54.89 -6.19
CA GLN F 31 10.16 -55.57 -6.91
C GLN F 31 10.51 -55.64 -8.39
N SER F 32 9.78 -56.48 -9.11
CA SER F 32 9.95 -56.57 -10.55
C SER F 32 9.41 -55.31 -11.22
N CYS F 33 9.85 -55.09 -12.47
CA CYS F 33 9.42 -53.92 -13.21
C CYS F 33 7.95 -54.00 -13.58
N ASN F 34 7.40 -55.20 -13.71
CA ASN F 34 5.96 -55.33 -13.96
C ASN F 34 5.15 -54.95 -12.72
N PHE F 35 5.66 -55.30 -11.53
CA PHE F 35 5.03 -54.85 -10.29
C PHE F 35 5.04 -53.33 -10.18
N VAL F 36 6.17 -52.71 -10.52
CA VAL F 36 6.26 -51.26 -10.45
C VAL F 36 5.35 -50.62 -11.49
N ASN F 37 5.27 -51.22 -12.68
CA ASN F 37 4.40 -50.69 -13.73
C ASN F 37 2.93 -50.70 -13.31
N ASP F 38 2.48 -51.78 -12.69
CA ASP F 38 1.09 -51.87 -12.26
C ASP F 38 0.78 -50.90 -11.13
N TRP F 39 1.78 -50.55 -10.34
CA TRP F 39 1.58 -49.67 -9.18
C TRP F 39 1.37 -48.22 -9.57
N GLN F 40 2.04 -47.75 -10.63
CA GLN F 40 1.99 -46.35 -11.03
C GLN F 40 1.09 -46.11 -12.24
N LYS F 41 0.43 -47.16 -12.74
CA LYS F 41 -0.28 -47.08 -14.01
C LYS F 41 -1.42 -46.06 -13.97
N ASN F 42 -2.22 -46.07 -12.90
CA ASN F 42 -3.36 -45.16 -12.83
C ASN F 42 -2.93 -43.74 -12.53
N SER F 43 -1.87 -43.56 -11.74
CA SER F 43 -1.36 -42.23 -11.48
C SER F 43 -0.86 -41.57 -12.76
N THR F 44 -0.12 -42.33 -13.57
CA THR F 44 0.38 -41.79 -14.85
C THR F 44 -0.77 -41.47 -15.80
N ARG F 45 -1.80 -42.32 -15.82
CA ARG F 45 -2.96 -42.04 -16.67
C ARG F 45 -3.66 -40.76 -16.25
N LEU F 46 -3.81 -40.53 -14.94
CA LEU F 46 -4.49 -39.34 -14.46
C LEU F 46 -3.72 -38.07 -14.83
N TRP F 47 -2.41 -38.08 -14.66
CA TRP F 47 -1.59 -36.91 -14.93
C TRP F 47 -1.26 -36.73 -16.41
N ASN F 48 -1.87 -37.52 -17.28
CA ASN F 48 -1.76 -37.35 -18.72
C ASN F 48 -3.11 -37.07 -19.38
N SER F 49 -4.14 -36.77 -18.59
CA SER F 49 -5.50 -36.66 -19.13
C SER F 49 -6.19 -35.35 -18.78
N GLN F 50 -5.50 -34.38 -18.20
CA GLN F 50 -6.10 -33.08 -17.94
C GLN F 50 -6.18 -32.27 -19.23
N SER F 51 -7.28 -31.53 -19.38
CA SER F 51 -7.56 -30.83 -20.64
C SER F 51 -6.99 -29.41 -20.65
N SER F 52 -7.39 -28.59 -19.68
CA SER F 52 -6.95 -27.20 -19.65
C SER F 52 -7.07 -26.67 -18.23
N ILE F 53 -6.39 -25.55 -17.98
CA ILE F 53 -6.41 -24.94 -16.65
C ILE F 53 -7.78 -24.32 -16.39
N ASP F 54 -8.34 -24.62 -15.22
CA ASP F 54 -9.62 -24.05 -14.81
C ASP F 54 -9.48 -22.56 -14.61
N GLN F 55 -10.05 -21.77 -15.51
CA GLN F 55 -9.86 -20.32 -15.47
C GLN F 55 -10.61 -19.68 -14.31
N LYS F 56 -11.73 -20.28 -13.89
CA LYS F 56 -12.48 -19.73 -12.76
C LYS F 56 -11.66 -19.73 -11.49
N LEU F 57 -10.91 -20.81 -11.24
CA LEU F 57 -10.06 -20.87 -10.06
C LEU F 57 -8.73 -20.18 -10.27
N ALA F 58 -8.22 -20.17 -11.50
CA ALA F 58 -6.86 -19.65 -11.74
C ALA F 58 -6.81 -18.13 -11.63
N ASN F 59 -7.86 -17.43 -12.07
CA ASN F 59 -7.81 -15.98 -12.08
C ASN F 59 -7.96 -15.36 -10.69
N GLN F 60 -8.27 -16.17 -9.68
CA GLN F 60 -8.44 -15.70 -8.32
C GLN F 60 -7.17 -15.78 -7.49
N ILE F 61 -6.09 -16.35 -8.03
CA ILE F 61 -4.88 -16.56 -7.23
C ILE F 61 -4.19 -15.24 -6.98
N ASN F 62 -3.87 -14.96 -5.72
CA ASN F 62 -3.26 -13.70 -5.32
C ASN F 62 -1.74 -13.84 -5.15
N ASP F 63 -1.29 -14.77 -4.34
CA ASP F 63 0.14 -15.02 -4.14
C ASP F 63 0.59 -16.10 -5.11
N LEU F 64 1.52 -15.75 -5.99
CA LEU F 64 1.97 -16.65 -7.04
C LEU F 64 3.21 -17.45 -6.67
N ARG F 65 3.73 -17.28 -5.45
CA ARG F 65 5.00 -17.89 -5.08
C ARG F 65 4.93 -19.41 -5.12
N GLN F 66 3.90 -19.99 -4.49
CA GLN F 66 3.79 -21.44 -4.43
C GLN F 66 3.59 -22.05 -5.82
N THR F 67 2.80 -21.39 -6.66
CA THR F 67 2.58 -21.88 -8.02
C THR F 67 3.87 -21.84 -8.84
N VAL F 68 4.63 -20.75 -8.76
CA VAL F 68 5.85 -20.63 -9.54
C VAL F 68 6.89 -21.65 -9.08
N ILE F 69 6.97 -21.90 -7.77
CA ILE F 69 7.88 -22.91 -7.25
C ILE F 69 7.48 -24.30 -7.73
N TRP F 70 6.18 -24.60 -7.74
CA TRP F 70 5.71 -25.88 -8.23
C TRP F 70 6.03 -26.04 -9.72
N MET F 71 5.81 -24.99 -10.51
CA MET F 71 6.10 -25.04 -11.93
C MET F 71 7.60 -25.17 -12.20
N GLY F 72 8.43 -24.56 -11.35
CA GLY F 72 9.87 -24.71 -11.51
C GLY F 72 10.33 -26.13 -11.28
N ASP F 73 9.70 -26.83 -10.33
CA ASP F 73 10.02 -28.24 -10.12
C ASP F 73 9.60 -29.08 -11.32
N ARG F 74 8.44 -28.78 -11.90
CA ARG F 74 7.97 -29.53 -13.06
C ARG F 74 8.86 -29.29 -14.27
N LEU F 75 9.28 -28.04 -14.48
CA LEU F 75 10.17 -27.74 -15.60
C LEU F 75 11.52 -28.42 -15.44
N MET F 76 12.07 -28.43 -14.22
CA MET F 76 13.34 -29.10 -13.97
C MET F 76 13.22 -30.61 -14.22
N SER F 77 12.11 -31.20 -13.79
CA SER F 77 11.92 -32.63 -14.00
C SER F 77 11.79 -32.96 -15.48
N LEU F 78 11.07 -32.15 -16.25
CA LEU F 78 10.91 -32.42 -17.67
C LEU F 78 12.23 -32.27 -18.40
N GLU F 79 13.07 -31.30 -18.00
CA GLU F 79 14.38 -31.15 -18.60
C GLU F 79 15.25 -32.39 -18.34
N HIS F 80 15.17 -32.95 -17.14
CA HIS F 80 15.96 -34.13 -16.81
C HIS F 80 15.42 -35.37 -17.50
N ARG F 81 14.11 -35.46 -17.71
CA ARG F 81 13.54 -36.62 -18.38
C ARG F 81 13.94 -36.66 -19.86
N PHE F 82 14.09 -35.49 -20.48
CA PHE F 82 14.49 -35.41 -21.88
C PHE F 82 15.89 -35.97 -22.12
N GLN F 83 16.73 -35.98 -21.09
CA GLN F 83 18.11 -36.45 -21.19
C GLN F 83 18.28 -37.91 -20.81
N LEU F 84 17.25 -38.56 -20.27
CA LEU F 84 17.38 -39.93 -19.78
C LEU F 84 17.33 -40.94 -20.93
N GLN F 85 18.01 -42.06 -20.72
CA GLN F 85 17.98 -43.19 -21.64
C GLN F 85 17.12 -44.30 -21.04
N CYS F 86 16.11 -44.74 -21.78
CA CYS F 86 15.10 -45.63 -21.23
C CYS F 86 14.97 -46.88 -22.08
N ASP F 87 14.59 -47.98 -21.43
CA ASP F 87 14.32 -49.23 -22.14
C ASP F 87 13.12 -49.06 -23.05
N TRP F 88 13.19 -49.68 -24.24
CA TRP F 88 12.19 -49.45 -25.26
C TRP F 88 10.82 -50.00 -24.87
N ASN F 89 10.77 -51.07 -24.07
CA ASN F 89 9.53 -51.77 -23.84
C ASN F 89 8.63 -51.12 -22.80
N THR F 90 9.13 -50.20 -21.99
CA THR F 90 8.33 -49.50 -20.99
C THR F 90 8.32 -48.03 -21.32
N SER F 91 7.12 -47.46 -21.50
CA SER F 91 6.97 -46.06 -21.85
C SER F 91 6.28 -45.23 -20.77
N ASP F 92 5.57 -45.85 -19.84
CA ASP F 92 4.94 -45.11 -18.76
C ASP F 92 5.99 -44.44 -17.86
N PHE F 93 7.07 -45.15 -17.57
CA PHE F 93 8.17 -44.61 -16.79
C PHE F 93 9.48 -45.04 -17.44
N CYS F 94 10.59 -44.47 -16.96
CA CYS F 94 11.89 -44.65 -17.59
C CYS F 94 12.74 -45.62 -16.79
N ILE F 95 13.19 -46.69 -17.44
CA ILE F 95 14.13 -47.64 -16.85
C ILE F 95 15.50 -47.34 -17.45
N THR F 96 16.43 -46.91 -16.62
CA THR F 96 17.76 -46.55 -17.08
C THR F 96 18.66 -47.78 -17.18
N PRO F 97 19.73 -47.70 -17.98
CA PRO F 97 20.70 -48.81 -18.03
C PRO F 97 21.67 -48.86 -16.86
N GLN F 98 21.44 -48.09 -15.80
CA GLN F 98 22.33 -48.11 -14.64
C GLN F 98 21.96 -49.28 -13.72
N ILE F 99 22.95 -50.12 -13.42
CA ILE F 99 22.73 -51.32 -12.62
C ILE F 99 22.69 -50.94 -11.15
N TYR F 100 21.68 -51.46 -10.44
CA TYR F 100 21.60 -51.28 -9.00
C TYR F 100 22.67 -52.13 -8.32
N ASN F 101 23.42 -51.50 -7.40
CA ASN F 101 24.57 -52.14 -6.78
C ASN F 101 24.22 -52.84 -5.48
N GLU F 102 23.57 -52.13 -4.54
CA GLU F 102 23.18 -52.62 -3.23
C GLU F 102 24.37 -52.74 -2.27
N SER F 103 25.59 -52.56 -2.79
CA SER F 103 26.75 -52.37 -1.95
C SER F 103 27.09 -50.90 -1.76
N GLU F 104 26.62 -50.05 -2.65
CA GLU F 104 26.68 -48.61 -2.54
C GLU F 104 25.38 -48.01 -2.03
N HIS F 105 24.24 -48.56 -2.44
CA HIS F 105 22.91 -48.10 -2.02
C HIS F 105 22.21 -49.24 -1.32
N HIS F 106 22.30 -49.28 0.01
CA HIS F 106 21.53 -50.23 0.79
C HIS F 106 20.03 -49.92 0.66
N TRP F 107 19.21 -50.95 0.88
CA TRP F 107 17.78 -50.76 0.72
C TRP F 107 17.20 -49.78 1.73
N ASP F 108 17.84 -49.61 2.88
CA ASP F 108 17.33 -48.66 3.87
C ASP F 108 17.34 -47.24 3.32
N MET F 109 18.38 -46.88 2.55
CA MET F 109 18.42 -45.57 1.92
C MET F 109 17.30 -45.41 0.90
N VAL F 110 17.03 -46.45 0.11
CA VAL F 110 15.96 -46.40 -0.87
C VAL F 110 14.61 -46.27 -0.17
N ARG F 111 14.39 -47.03 0.90
CA ARG F 111 13.15 -46.94 1.65
C ARG F 111 12.95 -45.54 2.23
N ARG F 112 14.03 -44.92 2.71
CA ARG F 112 13.92 -43.57 3.24
C ARG F 112 13.59 -42.57 2.14
N HIS F 113 14.13 -42.78 0.94
CA HIS F 113 13.81 -41.91 -0.19
C HIS F 113 12.34 -42.05 -0.59
N LEU F 114 11.81 -43.27 -0.57
CA LEU F 114 10.39 -43.47 -0.90
C LEU F 114 9.47 -42.83 0.12
N GLN F 115 9.91 -42.72 1.38
CA GLN F 115 9.11 -42.09 2.42
C GLN F 115 9.15 -40.56 2.36
N GLY F 116 10.06 -39.98 1.57
CA GLY F 116 10.13 -38.54 1.43
C GLY F 116 11.04 -37.88 2.45
N ARG F 117 12.13 -38.53 2.79
CA ARG F 117 13.10 -38.01 3.74
C ARG F 117 14.30 -37.41 3.01
N GLU F 118 15.05 -36.57 3.71
CA GLU F 118 16.23 -35.94 3.14
C GLU F 118 17.38 -35.85 4.14
N ASP F 119 17.44 -36.77 5.09
CA ASP F 119 18.52 -36.78 6.07
C ASP F 119 19.78 -37.36 5.42
N ASN F 120 20.85 -37.53 6.21
CA ASN F 120 22.10 -38.04 5.66
C ASN F 120 22.12 -39.55 5.51
N LEU F 121 21.09 -40.25 5.97
CA LEU F 121 20.94 -41.68 5.74
C LEU F 121 20.08 -42.01 4.53
N THR F 122 19.59 -40.99 3.83
CA THR F 122 18.74 -41.17 2.67
C THR F 122 19.59 -41.27 1.40
N LEU F 123 19.01 -41.90 0.38
CA LEU F 123 19.60 -41.93 -0.94
C LEU F 123 19.92 -40.52 -1.43
N ASP F 124 21.14 -40.32 -1.93
CA ASP F 124 21.58 -39.03 -2.42
C ASP F 124 21.26 -38.94 -3.91
N ILE F 125 20.23 -38.17 -4.27
CA ILE F 125 19.73 -38.15 -5.63
C ILE F 125 20.72 -37.47 -6.56
N SER F 126 21.34 -36.37 -6.11
CA SER F 126 22.30 -35.67 -6.96
C SER F 126 23.50 -36.54 -7.29
N LYS F 127 24.01 -37.29 -6.31
CA LYS F 127 25.10 -38.20 -6.57
C LYS F 127 24.68 -39.31 -7.50
N LEU F 128 23.48 -39.86 -7.32
CA LEU F 128 22.99 -40.92 -8.19
C LEU F 128 22.81 -40.44 -9.63
N LYS F 129 22.27 -39.23 -9.80
CA LYS F 129 22.00 -38.73 -11.14
C LYS F 129 23.28 -38.45 -11.92
N GLU F 130 24.35 -38.02 -11.24
CA GLU F 130 25.64 -37.91 -11.91
C GLU F 130 26.13 -39.26 -12.39
N GLN F 131 25.98 -40.30 -11.56
CA GLN F 131 26.41 -41.64 -11.96
C GLN F 131 25.61 -42.13 -13.17
N ILE F 132 24.31 -41.90 -13.18
CA ILE F 132 23.47 -42.33 -14.29
C ILE F 132 23.80 -41.54 -15.55
N PHE F 133 24.12 -40.26 -15.40
CA PHE F 133 24.39 -39.41 -16.56
C PHE F 133 25.64 -39.86 -17.31
N GLU F 134 26.73 -40.15 -16.58
CA GLU F 134 27.98 -40.53 -17.22
C GLU F 134 28.10 -42.03 -17.45
N ALA F 135 26.99 -42.75 -17.44
CA ALA F 135 26.95 -44.14 -17.80
C ALA F 135 25.86 -44.48 -18.80
N SER F 136 25.09 -43.49 -19.24
CA SER F 136 23.97 -43.70 -20.16
C SER F 136 24.18 -42.97 -21.48
N LYS F 137 25.44 -42.82 -21.90
CA LYS F 137 25.73 -42.17 -23.16
C LYS F 137 25.26 -43.01 -24.33
N ALA F 138 24.82 -42.33 -25.39
CA ALA F 138 24.30 -43.04 -26.56
C ALA F 138 25.38 -43.86 -27.25
N HIS F 139 26.64 -43.49 -27.10
CA HIS F 139 27.73 -44.24 -27.71
C HIS F 139 28.16 -45.45 -26.88
N LEU F 140 27.52 -45.68 -25.73
CA LEU F 140 27.80 -46.86 -24.92
C LEU F 140 26.63 -47.82 -24.81
N ASN F 141 25.42 -47.41 -25.21
CA ASN F 141 24.23 -48.21 -24.92
C ASN F 141 23.34 -48.41 -26.15
N LEU F 142 23.38 -47.49 -27.11
CA LEU F 142 22.50 -47.59 -28.27
C LEU F 142 22.83 -48.82 -29.11
N VAL F 143 24.10 -49.09 -29.32
CA VAL F 143 24.51 -50.26 -30.09
C VAL F 143 24.34 -51.50 -29.23
N PRO F 144 23.65 -52.54 -29.69
CA PRO F 144 23.47 -53.75 -28.89
C PRO F 144 24.79 -54.44 -28.61
N GLY F 145 24.78 -55.30 -27.59
CA GLY F 145 26.00 -55.95 -27.14
C GLY F 145 26.55 -56.93 -28.17
N THR F 146 27.80 -57.33 -27.92
CA THR F 146 28.47 -58.26 -28.82
C THR F 146 27.78 -59.61 -28.86
N GLU F 147 27.35 -60.11 -27.69
CA GLU F 147 26.65 -61.39 -27.66
C GLU F 147 25.31 -61.32 -28.38
N ALA F 148 24.60 -60.20 -28.25
CA ALA F 148 23.32 -60.04 -28.94
C ALA F 148 23.51 -60.03 -30.46
N ILE F 149 24.57 -59.36 -30.94
CA ILE F 149 24.84 -59.34 -32.37
C ILE F 149 25.17 -60.74 -32.87
N ALA F 150 25.99 -61.47 -32.12
CA ALA F 150 26.35 -62.83 -32.53
C ALA F 150 25.20 -63.80 -32.31
N GLY F 151 24.30 -63.51 -31.37
CA GLY F 151 23.19 -64.41 -31.10
C GLY F 151 22.22 -64.53 -32.24
N VAL F 152 21.86 -63.40 -32.86
CA VAL F 152 20.89 -63.41 -33.94
C VAL F 152 21.53 -63.71 -35.30
N ALA F 153 22.84 -63.52 -35.44
CA ALA F 153 23.53 -63.74 -36.70
C ALA F 153 23.81 -65.22 -36.97
N ASP F 154 23.17 -66.12 -36.24
CA ASP F 154 23.35 -67.55 -36.51
C ASP F 154 22.81 -67.91 -37.88
N GLY F 155 21.66 -67.36 -38.25
CA GLY F 155 21.06 -67.64 -39.54
C GLY F 155 20.95 -66.40 -40.42
N GLN G 1 35.52 49.99 20.57
CA GLN G 1 34.14 49.54 20.69
C GLN G 1 33.40 49.71 19.36
N ILE G 2 32.30 48.99 19.21
CA ILE G 2 31.47 49.08 18.01
C ILE G 2 30.61 50.34 18.11
N GLN G 3 30.70 51.19 17.09
CA GLN G 3 29.93 52.42 17.05
C GLN G 3 29.44 52.65 15.62
N LEU G 4 28.17 53.00 15.49
CA LEU G 4 27.53 53.28 14.21
C LEU G 4 27.20 54.77 14.15
N VAL G 5 27.96 55.53 13.37
CA VAL G 5 27.77 56.96 13.22
C VAL G 5 26.92 57.22 11.99
N GLN G 6 25.87 58.01 12.15
CA GLN G 6 24.98 58.35 11.06
C GLN G 6 25.27 59.77 10.58
N SER G 7 24.58 60.16 9.51
CA SER G 7 24.71 61.52 8.99
C SER G 7 23.86 62.48 9.80
N GLY G 8 24.17 63.78 9.65
CA GLY G 8 23.43 64.81 10.32
C GLY G 8 22.05 65.00 9.72
N PRO G 9 21.20 65.78 10.41
CA PRO G 9 19.85 66.01 9.90
C PRO G 9 19.87 66.76 8.57
N GLU G 10 18.87 66.48 7.74
CA GLU G 10 18.77 67.07 6.42
C GLU G 10 17.34 67.52 6.16
N LEU G 11 17.21 68.58 5.37
CA LEU G 11 15.92 69.13 4.98
C LEU G 11 15.68 68.83 3.50
N LYS G 12 14.45 68.43 3.17
CA LYS G 12 14.11 68.03 1.82
C LYS G 12 12.69 68.44 1.50
N LYS G 13 12.27 68.17 0.27
CA LYS G 13 10.95 68.46 -0.24
C LYS G 13 10.43 67.24 -0.98
N PRO G 14 9.12 67.11 -1.15
CA PRO G 14 8.58 65.98 -1.93
C PRO G 14 9.10 66.01 -3.36
N GLY G 15 9.40 64.82 -3.88
CA GLY G 15 9.88 64.65 -5.23
C GLY G 15 11.39 64.51 -5.36
N GLU G 16 12.14 64.88 -4.32
CA GLU G 16 13.59 64.76 -4.35
C GLU G 16 14.00 63.39 -3.79
N THR G 17 15.31 63.23 -3.55
CA THR G 17 15.86 62.00 -3.01
C THR G 17 16.86 62.33 -1.91
N VAL G 18 17.01 61.40 -0.97
CA VAL G 18 17.90 61.57 0.18
C VAL G 18 18.89 60.41 0.20
N LYS G 19 20.15 60.73 0.52
CA LYS G 19 21.19 59.74 0.74
C LYS G 19 21.62 59.81 2.20
N ILE G 20 21.66 58.67 2.86
CA ILE G 20 21.99 58.57 4.28
C ILE G 20 23.20 57.66 4.43
N SER G 21 24.13 58.07 5.29
CA SER G 21 25.37 57.34 5.52
C SER G 21 25.39 56.76 6.93
N CYS G 22 25.96 55.56 7.05
CA CYS G 22 26.11 54.90 8.34
C CYS G 22 27.41 54.11 8.30
N LYS G 23 28.48 54.71 8.82
CA LYS G 23 29.79 54.08 8.81
C LYS G 23 29.98 53.24 10.07
N ALA G 24 30.39 51.99 9.90
CA ALA G 24 30.59 51.07 11.00
C ALA G 24 32.07 51.04 11.39
N SER G 25 32.33 51.16 12.69
CA SER G 25 33.69 51.16 13.21
C SER G 25 33.78 50.17 14.37
N GLY G 26 34.79 49.31 14.33
CA GLY G 26 35.06 48.40 15.43
C GLY G 26 34.86 46.93 15.14
N TYR G 27 34.51 46.56 13.91
CA TYR G 27 34.31 45.15 13.57
C TYR G 27 34.44 44.98 12.07
N THR G 28 34.57 43.73 11.65
CA THR G 28 34.65 43.40 10.23
C THR G 28 33.31 43.67 9.55
N PHE G 29 33.32 44.58 8.58
CA PHE G 29 32.08 44.97 7.92
C PHE G 29 31.46 43.82 7.12
N THR G 30 32.29 42.91 6.61
CA THR G 30 31.82 41.86 5.72
C THR G 30 31.17 40.69 6.44
N ILE G 31 31.34 40.56 7.76
CA ILE G 31 30.77 39.44 8.49
C ILE G 31 29.41 39.79 9.10
N TYR G 32 29.06 41.06 9.24
CA TYR G 32 27.83 41.49 9.87
C TYR G 32 26.99 42.27 8.87
N GLY G 33 25.71 41.90 8.76
CA GLY G 33 24.79 42.66 7.94
C GLY G 33 24.35 43.95 8.61
N MET G 34 23.86 44.87 7.79
CA MET G 34 23.40 46.17 8.25
C MET G 34 21.89 46.26 8.17
N ASN G 35 21.26 46.65 9.27
CA ASN G 35 19.81 46.78 9.34
C ASN G 35 19.42 48.24 9.34
N TRP G 36 18.25 48.52 8.75
CA TRP G 36 17.71 49.86 8.68
C TRP G 36 16.36 49.90 9.36
N LEU G 37 16.18 50.85 10.27
CA LEU G 37 15.01 50.95 11.12
C LEU G 37 14.42 52.34 11.03
N LYS G 38 13.10 52.42 10.98
CA LYS G 38 12.37 53.66 10.83
C LYS G 38 11.43 53.87 12.02
N GLN G 39 11.37 55.10 12.50
CA GLN G 39 10.52 55.45 13.64
C GLN G 39 9.85 56.79 13.38
N ALA G 40 8.57 56.76 13.05
CA ALA G 40 7.80 58.00 12.99
C ALA G 40 7.67 58.58 14.40
N PRO G 41 7.77 59.90 14.54
CA PRO G 41 7.70 60.50 15.89
C PRO G 41 6.37 60.19 16.57
N GLY G 42 6.44 59.85 17.84
CA GLY G 42 5.26 59.54 18.62
C GLY G 42 4.69 58.15 18.41
N LYS G 43 5.38 57.28 17.67
CA LYS G 43 4.88 55.95 17.37
C LYS G 43 6.00 54.93 17.57
N GLY G 44 5.68 53.66 17.32
CA GLY G 44 6.62 52.58 17.53
C GLY G 44 7.60 52.41 16.39
N LEU G 45 8.52 51.47 16.59
CA LEU G 45 9.58 51.19 15.63
C LEU G 45 9.11 50.20 14.57
N LYS G 46 9.61 50.38 13.35
CA LYS G 46 9.31 49.50 12.23
C LYS G 46 10.60 49.06 11.56
N TRP G 47 10.67 47.78 11.21
CA TRP G 47 11.84 47.21 10.55
C TRP G 47 11.68 47.30 9.04
N MET G 48 12.66 47.91 8.37
CA MET G 48 12.60 48.10 6.93
C MET G 48 13.25 46.95 6.16
N GLY G 49 14.41 46.50 6.61
CA GLY G 49 15.12 45.45 5.92
C GLY G 49 16.60 45.50 6.25
N TRP G 50 17.35 44.64 5.58
CA TRP G 50 18.79 44.56 5.79
C TRP G 50 19.48 44.33 4.46
N ILE G 51 20.79 44.57 4.46
CA ILE G 51 21.63 44.40 3.28
C ILE G 51 22.73 43.39 3.62
N ASN G 52 22.93 42.42 2.73
CA ASN G 52 23.96 41.41 2.90
C ASN G 52 25.31 42.03 2.56
N THR G 53 26.08 42.37 3.58
CA THR G 53 27.38 43.02 3.36
C THR G 53 28.40 42.10 2.73
N TYR G 54 28.14 40.79 2.67
CA TYR G 54 29.05 39.87 2.02
C TYR G 54 28.79 39.76 0.52
N THR G 55 27.54 39.95 0.09
CA THR G 55 27.18 39.84 -1.32
C THR G 55 26.53 41.09 -1.89
N GLY G 56 26.03 41.99 -1.05
CA GLY G 56 25.36 43.18 -1.52
C GLY G 56 23.87 43.03 -1.72
N GLU G 57 23.32 41.85 -1.53
CA GLU G 57 21.90 41.60 -1.83
C GLU G 57 21.02 42.31 -0.81
N PRO G 58 20.14 43.21 -1.23
CA PRO G 58 19.25 43.88 -0.28
C PRO G 58 17.91 43.19 -0.12
N THR G 59 17.39 43.26 1.10
CA THR G 59 16.10 42.68 1.44
C THR G 59 15.24 43.74 2.09
N TYR G 60 13.94 43.70 1.82
CA TYR G 60 13.01 44.72 2.30
C TYR G 60 11.78 44.06 2.90
N ALA G 61 11.15 44.77 3.84
CA ALA G 61 9.94 44.28 4.49
C ALA G 61 8.74 44.43 3.57
N ASP G 62 7.62 43.81 3.99
CA ASP G 62 6.43 43.81 3.15
C ASP G 62 5.84 45.21 2.98
N ASP G 63 6.06 46.09 3.95
CA ASP G 63 5.55 47.46 3.89
C ASP G 63 6.61 48.47 3.49
N PHE G 64 7.76 48.01 2.99
CA PHE G 64 8.83 48.92 2.55
C PHE G 64 9.39 48.53 1.20
N LYS G 65 8.69 47.69 0.44
CA LYS G 65 9.20 47.18 -0.82
C LYS G 65 9.12 48.20 -1.95
N GLY G 66 8.35 49.27 -1.77
CA GLY G 66 8.01 50.16 -2.87
C GLY G 66 9.15 50.97 -3.48
N ARG G 67 9.69 51.92 -2.73
CA ARG G 67 10.60 52.93 -3.27
C ARG G 67 11.81 53.10 -2.38
N PHE G 68 12.43 51.98 -1.98
CA PHE G 68 13.58 52.01 -1.10
C PHE G 68 14.72 51.21 -1.73
N ALA G 69 15.95 51.70 -1.54
CA ALA G 69 17.13 51.06 -2.10
C ALA G 69 18.22 50.99 -1.04
N PHE G 70 18.77 49.80 -0.85
CA PHE G 70 19.88 49.58 0.07
C PHE G 70 21.17 49.40 -0.72
N SER G 71 22.17 50.21 -0.41
CA SER G 71 23.49 50.11 -1.03
C SER G 71 24.54 50.33 0.05
N LEU G 72 25.75 49.85 -0.24
CA LEU G 72 26.84 49.95 0.73
C LEU G 72 28.15 50.19 0.01
N GLU G 73 29.10 50.76 0.75
CA GLU G 73 30.48 50.94 0.30
C GLU G 73 31.37 50.09 1.18
N THR G 74 31.86 48.97 0.63
CA THR G 74 32.64 48.03 1.44
C THR G 74 33.97 48.63 1.85
N SER G 75 34.61 49.41 0.96
CA SER G 75 35.93 49.95 1.26
C SER G 75 35.90 50.88 2.46
N ALA G 76 34.91 51.75 2.54
CA ALA G 76 34.78 52.68 3.65
C ALA G 76 33.86 52.19 4.76
N SER G 77 33.35 50.96 4.65
CA SER G 77 32.47 50.36 5.65
C SER G 77 31.26 51.23 5.93
N THR G 78 30.62 51.70 4.86
CA THR G 78 29.47 52.57 4.95
C THR G 78 28.33 52.01 4.11
N ALA G 79 27.12 52.07 4.65
CA ALA G 79 25.91 51.65 3.95
C ALA G 79 25.03 52.84 3.67
N TYR G 80 24.36 52.83 2.52
CA TYR G 80 23.53 53.95 2.08
C TYR G 80 22.08 53.50 1.96
N LEU G 81 21.18 54.26 2.57
CA LEU G 81 19.75 54.08 2.40
C LEU G 81 19.22 55.20 1.50
N GLN G 82 18.55 54.82 0.42
CA GLN G 82 18.06 55.76 -0.57
C GLN G 82 16.54 55.73 -0.60
N VAL G 83 15.93 56.89 -0.44
CA VAL G 83 14.48 57.05 -0.52
C VAL G 83 14.18 57.95 -1.71
N ASN G 84 13.33 57.46 -2.61
CA ASN G 84 13.03 58.14 -3.87
C ASN G 84 11.59 58.63 -3.86
N ASN G 85 11.38 59.84 -4.39
CA ASN G 85 10.06 60.46 -4.49
C ASN G 85 9.40 60.57 -3.11
N LEU G 86 10.04 61.39 -2.27
CA LEU G 86 9.64 61.55 -0.89
C LEU G 86 8.19 62.03 -0.78
N LYS G 87 7.48 61.51 0.21
CA LYS G 87 6.10 61.86 0.48
C LYS G 87 6.00 62.48 1.87
N ASN G 88 4.79 62.93 2.22
CA ASN G 88 4.55 63.50 3.54
C ASN G 88 4.50 62.46 4.65
N GLU G 89 4.43 61.18 4.29
CA GLU G 89 4.42 60.09 5.27
C GLU G 89 5.82 59.62 5.63
N ASP G 90 6.86 60.21 5.05
CA ASP G 90 8.23 59.80 5.27
C ASP G 90 8.93 60.59 6.38
N THR G 91 8.21 61.48 7.07
CA THR G 91 8.81 62.25 8.14
C THR G 91 9.06 61.37 9.36
N ALA G 92 10.28 60.84 9.48
CA ALA G 92 10.58 59.91 10.56
C ALA G 92 12.09 59.86 10.76
N THR G 93 12.48 59.37 11.94
CA THR G 93 13.87 59.11 12.23
C THR G 93 14.28 57.76 11.67
N TYR G 94 15.48 57.69 11.10
CA TYR G 94 15.98 56.48 10.46
C TYR G 94 17.21 55.99 11.21
N PHE G 95 17.17 54.71 11.62
CA PHE G 95 18.21 54.11 12.43
C PHE G 95 18.91 53.01 11.66
N CYS G 96 20.23 52.96 11.79
CA CYS G 96 21.02 51.83 11.33
C CYS G 96 21.54 51.08 12.55
N ALA G 97 21.32 49.77 12.57
CA ALA G 97 21.63 48.96 13.75
C ALA G 97 22.32 47.67 13.34
N LYS G 98 23.16 47.18 14.22
CA LYS G 98 23.82 45.88 14.07
C LYS G 98 23.06 44.85 14.90
N TYR G 99 22.59 43.79 14.25
CA TYR G 99 21.89 42.74 14.98
C TYR G 99 22.85 41.98 15.88
N TYR G 100 22.29 41.37 16.93
CA TYR G 100 23.03 40.39 17.70
C TYR G 100 23.00 39.07 16.93
N ASP G 101 24.17 38.55 16.59
CA ASP G 101 24.25 37.42 15.67
C ASP G 101 23.74 36.15 16.33
N GLY G 102 23.76 35.06 15.58
CA GLY G 102 23.38 33.76 16.09
C GLY G 102 22.03 33.31 15.60
N TYR G 103 21.46 32.35 16.32
CA TYR G 103 20.20 31.74 15.93
C TYR G 103 19.05 32.71 16.18
N TYR G 104 18.29 33.00 15.12
CA TYR G 104 17.19 33.97 15.16
C TYR G 104 17.64 35.29 15.80
N GLY G 105 18.80 35.78 15.35
CA GLY G 105 19.40 36.94 15.97
C GLY G 105 18.98 38.25 15.38
N TRP G 106 17.67 38.45 15.17
CA TRP G 106 17.15 39.70 14.66
C TRP G 106 16.74 40.62 15.80
N TYR G 107 17.68 40.82 16.72
CA TYR G 107 17.55 41.80 17.79
C TYR G 107 18.85 42.58 17.89
N PHE G 108 18.74 43.85 18.23
CA PHE G 108 19.78 44.83 17.94
C PHE G 108 20.34 45.39 19.24
N ASP G 109 21.65 45.28 19.41
CA ASP G 109 22.35 45.77 20.58
C ASP G 109 23.09 47.08 20.33
N VAL G 110 23.61 47.28 19.13
CA VAL G 110 24.30 48.50 18.75
C VAL G 110 23.43 49.23 17.74
N TRP G 111 23.11 50.49 18.04
CA TRP G 111 22.26 51.31 17.20
C TRP G 111 23.05 52.51 16.69
N GLY G 112 22.56 53.09 15.59
CA GLY G 112 23.09 54.34 15.12
C GLY G 112 22.65 55.51 15.99
N ALA G 113 23.34 56.64 15.83
CA ALA G 113 23.01 57.83 16.61
C ALA G 113 21.62 58.34 16.25
N GLY G 114 21.28 58.33 14.96
CA GLY G 114 19.98 58.81 14.52
C GLY G 114 20.08 59.82 13.39
N THR G 115 18.99 60.01 12.67
CA THR G 115 18.97 60.95 11.54
C THR G 115 17.52 61.41 11.36
N THR G 116 17.23 62.62 11.84
CA THR G 116 15.89 63.16 11.70
C THR G 116 15.66 63.62 10.26
N LEU G 117 14.47 63.34 9.74
CA LEU G 117 14.13 63.68 8.37
C LEU G 117 12.73 64.27 8.32
N THR G 118 12.58 65.37 7.59
CA THR G 118 11.28 65.97 7.32
C THR G 118 11.16 66.26 5.83
N VAL G 119 9.95 66.15 5.31
CA VAL G 119 9.71 66.35 3.89
C VAL G 119 8.41 67.12 3.68
N GLN H 1 -44.32 46.28 -9.22
CA GLN H 1 -43.38 45.89 -8.17
C GLN H 1 -43.84 44.61 -7.47
N ILE H 2 -42.92 43.99 -6.74
CA ILE H 2 -43.24 42.76 -6.02
C ILE H 2 -44.12 43.11 -4.82
N GLN H 3 -45.23 42.37 -4.68
CA GLN H 3 -46.17 42.56 -3.58
C GLN H 3 -46.29 41.27 -2.78
N LEU H 4 -46.31 41.40 -1.46
CA LEU H 4 -46.47 40.28 -0.55
C LEU H 4 -47.50 40.58 0.53
N VAL H 5 -48.66 41.06 0.09
CA VAL H 5 -49.72 41.42 1.04
C VAL H 5 -50.15 40.18 1.82
N GLN H 6 -50.55 40.40 3.07
CA GLN H 6 -50.99 39.34 3.96
C GLN H 6 -52.43 39.59 4.39
N SER H 7 -52.90 38.78 5.34
CA SER H 7 -54.24 38.90 5.88
C SER H 7 -54.21 39.73 7.17
N GLY H 8 -55.38 40.20 7.56
CA GLY H 8 -55.52 40.99 8.77
C GLY H 8 -55.38 40.15 10.01
N PRO H 9 -55.34 40.80 11.18
CA PRO H 9 -55.22 40.05 12.43
C PRO H 9 -56.43 39.17 12.69
N GLU H 10 -56.18 38.03 13.33
CA GLU H 10 -57.22 37.05 13.63
C GLU H 10 -57.22 36.78 15.14
N LEU H 11 -58.30 37.16 15.82
CA LEU H 11 -58.48 36.79 17.21
C LEU H 11 -58.71 35.29 17.32
N LYS H 12 -58.07 34.67 18.31
CA LYS H 12 -58.11 33.22 18.44
C LYS H 12 -58.02 32.83 19.90
N LYS H 13 -58.32 31.56 20.14
CA LYS H 13 -58.25 30.91 21.45
C LYS H 13 -57.48 29.60 21.30
N PRO H 14 -56.94 29.07 22.40
CA PRO H 14 -56.26 27.78 22.31
C PRO H 14 -57.21 26.68 21.86
N GLY H 15 -56.68 25.75 21.05
CA GLY H 15 -57.44 24.62 20.58
C GLY H 15 -57.99 24.75 19.17
N GLU H 16 -58.03 25.95 18.61
CA GLU H 16 -58.51 26.16 17.25
C GLU H 16 -57.32 26.18 16.28
N THR H 17 -57.60 26.55 15.03
CA THR H 17 -56.59 26.62 13.99
C THR H 17 -56.71 27.94 13.24
N VAL H 18 -55.60 28.40 12.68
CA VAL H 18 -55.53 29.65 11.95
C VAL H 18 -55.03 29.38 10.54
N LYS H 19 -55.67 30.00 9.56
CA LYS H 19 -55.24 29.98 8.17
C LYS H 19 -54.81 31.38 7.78
N ILE H 20 -53.60 31.51 7.24
CA ILE H 20 -53.02 32.80 6.86
C ILE H 20 -52.76 32.80 5.37
N SER H 21 -53.05 33.94 4.73
CA SER H 21 -52.90 34.10 3.30
C SER H 21 -51.79 35.09 3.00
N CYS H 22 -51.01 34.80 1.96
CA CYS H 22 -49.94 35.68 1.50
C CYS H 22 -49.87 35.56 -0.03
N LYS H 23 -50.54 36.47 -0.72
CA LYS H 23 -50.59 36.46 -2.17
C LYS H 23 -49.44 37.29 -2.74
N ALA H 24 -48.70 36.69 -3.67
CA ALA H 24 -47.55 37.34 -4.30
C ALA H 24 -47.97 37.96 -5.63
N SER H 25 -47.64 39.24 -5.81
CA SER H 25 -47.96 39.97 -7.03
C SER H 25 -46.71 40.62 -7.56
N GLY H 26 -46.44 40.46 -8.85
CA GLY H 26 -45.31 41.10 -9.51
C GLY H 26 -44.24 40.16 -10.03
N TYR H 27 -44.36 38.85 -9.84
CA TYR H 27 -43.37 37.92 -10.36
C TYR H 27 -44.01 36.56 -10.50
N THR H 28 -43.37 35.70 -11.28
CA THR H 28 -43.86 34.33 -11.46
C THR H 28 -43.65 33.53 -10.18
N PHE H 29 -44.73 32.88 -9.71
CA PHE H 29 -44.71 32.22 -8.41
C PHE H 29 -43.88 30.93 -8.42
N THR H 30 -43.64 30.35 -9.60
CA THR H 30 -43.06 29.01 -9.67
C THR H 30 -41.54 29.01 -9.55
N ILE H 31 -40.88 30.16 -9.71
CA ILE H 31 -39.43 30.19 -9.64
C ILE H 31 -38.91 30.61 -8.27
N TYR H 32 -39.74 31.25 -7.45
CA TYR H 32 -39.32 31.77 -6.15
C TYR H 32 -40.07 31.03 -5.04
N GLY H 33 -39.32 30.52 -4.07
CA GLY H 33 -39.94 29.93 -2.91
C GLY H 33 -40.48 30.96 -1.94
N MET H 34 -41.36 30.51 -1.05
CA MET H 34 -42.00 31.37 -0.07
C MET H 34 -41.47 31.04 1.32
N ASN H 35 -41.04 32.08 2.05
CA ASN H 35 -40.50 31.93 3.39
C ASN H 35 -41.49 32.46 4.41
N TRP H 36 -41.54 31.80 5.56
CA TRP H 36 -42.40 32.22 6.66
C TRP H 36 -41.54 32.53 7.87
N LEU H 37 -41.75 33.70 8.45
CA LEU H 37 -40.93 34.20 9.53
C LEU H 37 -41.82 34.62 10.70
N LYS H 38 -41.32 34.41 11.92
CA LYS H 38 -42.08 34.67 13.14
C LYS H 38 -41.35 35.68 14.00
N GLN H 39 -42.10 36.60 14.59
CA GLN H 39 -41.53 37.61 15.49
C GLN H 39 -42.46 37.80 16.68
N ALA H 40 -42.03 37.29 17.84
CA ALA H 40 -42.74 37.59 19.07
C ALA H 40 -42.55 39.06 19.43
N PRO H 41 -43.54 39.68 20.05
CA PRO H 41 -43.41 41.10 20.43
C PRO H 41 -42.29 41.30 21.43
N GLY H 42 -41.39 42.24 21.13
CA GLY H 42 -40.27 42.54 21.98
C GLY H 42 -39.10 41.58 21.86
N LYS H 43 -39.12 40.67 20.90
CA LYS H 43 -38.08 39.66 20.75
C LYS H 43 -37.56 39.67 19.32
N GLY H 44 -36.50 38.89 19.09
CA GLY H 44 -35.87 38.84 17.79
C GLY H 44 -36.61 37.96 16.79
N LEU H 45 -36.18 38.05 15.54
CA LEU H 45 -36.80 37.30 14.46
C LEU H 45 -36.32 35.86 14.45
N LYS H 46 -37.24 34.95 14.11
CA LYS H 46 -36.93 33.53 13.99
C LYS H 46 -37.45 33.01 12.66
N TRP H 47 -36.66 32.17 12.01
CA TRP H 47 -37.01 31.61 10.72
C TRP H 47 -37.71 30.27 10.91
N MET H 48 -38.89 30.13 10.30
CA MET H 48 -39.69 28.93 10.46
C MET H 48 -39.41 27.89 9.38
N GLY H 49 -39.34 28.31 8.13
CA GLY H 49 -39.11 27.40 7.04
C GLY H 49 -39.57 28.00 5.74
N TRP H 50 -39.58 27.17 4.71
CA TRP H 50 -39.99 27.61 3.39
C TRP H 50 -40.71 26.48 2.67
N ILE H 51 -41.40 26.85 1.59
CA ILE H 51 -42.15 25.90 0.77
C ILE H 51 -41.65 26.02 -0.67
N ASN H 52 -41.40 24.87 -1.30
CA ASN H 52 -40.93 24.83 -2.68
C ASN H 52 -42.14 25.03 -3.59
N THR H 53 -42.27 26.24 -4.14
CA THR H 53 -43.42 26.56 -4.98
C THR H 53 -43.40 25.83 -6.32
N TYR H 54 -42.29 25.20 -6.69
CA TYR H 54 -42.23 24.42 -7.93
C TYR H 54 -42.72 22.99 -7.73
N THR H 55 -42.53 22.43 -6.54
CA THR H 55 -42.95 21.06 -6.25
C THR H 55 -43.95 20.94 -5.11
N GLY H 56 -44.08 21.96 -4.27
CA GLY H 56 -44.96 21.90 -3.12
C GLY H 56 -44.33 21.37 -1.85
N GLU H 57 -43.07 20.94 -1.91
CA GLU H 57 -42.43 20.29 -0.77
C GLU H 57 -42.18 21.30 0.35
N PRO H 58 -42.72 21.10 1.54
CA PRO H 58 -42.47 22.02 2.65
C PRO H 58 -41.30 21.60 3.52
N THR H 59 -40.60 22.61 4.04
CA THR H 59 -39.46 22.41 4.92
C THR H 59 -39.65 23.27 6.16
N TYR H 60 -39.21 22.76 7.31
CA TYR H 60 -39.40 23.42 8.58
C TYR H 60 -38.10 23.43 9.38
N ALA H 61 -37.97 24.43 10.25
CA ALA H 61 -36.79 24.54 11.10
C ALA H 61 -36.87 23.54 12.24
N ASP H 62 -35.77 23.46 13.01
CA ASP H 62 -35.69 22.47 14.08
C ASP H 62 -36.67 22.75 15.22
N ASP H 63 -37.16 23.98 15.35
CA ASP H 63 -38.10 24.34 16.41
C ASP H 63 -39.50 24.64 15.88
N PHE H 64 -39.82 24.20 14.66
CA PHE H 64 -41.15 24.40 14.10
C PHE H 64 -41.66 23.14 13.39
N LYS H 65 -41.05 21.98 13.66
CA LYS H 65 -41.37 20.77 12.92
C LYS H 65 -42.69 20.15 13.35
N GLY H 66 -43.11 20.38 14.59
CA GLY H 66 -44.22 19.63 15.17
C GLY H 66 -45.60 19.90 14.60
N ARG H 67 -46.14 21.10 14.84
CA ARG H 67 -47.54 21.39 14.58
C ARG H 67 -47.70 22.52 13.57
N PHE H 68 -46.90 22.49 12.51
CA PHE H 68 -46.92 23.52 11.47
C PHE H 68 -47.08 22.89 10.10
N ALA H 69 -47.91 23.50 9.26
CA ALA H 69 -48.19 22.99 7.93
C ALA H 69 -48.04 24.12 6.92
N PHE H 70 -47.29 23.86 5.85
CA PHE H 70 -47.11 24.80 4.75
C PHE H 70 -47.88 24.30 3.54
N SER H 71 -48.69 25.18 2.96
CA SER H 71 -49.45 24.87 1.75
C SER H 71 -49.53 26.12 0.89
N LEU H 72 -49.84 25.92 -0.39
CA LEU H 72 -49.90 27.04 -1.31
C LEU H 72 -50.93 26.76 -2.40
N GLU H 73 -51.37 27.83 -3.05
CA GLU H 73 -52.25 27.77 -4.21
C GLU H 73 -51.51 28.39 -5.38
N THR H 74 -51.11 27.57 -6.35
CA THR H 74 -50.33 28.07 -7.47
C THR H 74 -51.15 28.97 -8.38
N SER H 75 -52.44 28.67 -8.55
CA SER H 75 -53.27 29.44 -9.47
C SER H 75 -53.39 30.90 -9.03
N ALA H 76 -53.61 31.13 -7.74
CA ALA H 76 -53.75 32.48 -7.21
C ALA H 76 -52.47 33.03 -6.61
N SER H 77 -51.37 32.29 -6.70
CA SER H 77 -50.06 32.72 -6.18
C SER H 77 -50.16 33.06 -4.69
N THR H 78 -50.82 32.19 -3.94
CA THR H 78 -51.04 32.39 -2.51
C THR H 78 -50.50 31.19 -1.75
N ALA H 79 -49.80 31.46 -0.65
CA ALA H 79 -49.29 30.43 0.24
C ALA H 79 -50.01 30.51 1.58
N TYR H 80 -50.25 29.35 2.19
CA TYR H 80 -50.98 29.26 3.45
C TYR H 80 -50.08 28.68 4.54
N LEU H 81 -50.04 29.34 5.68
CA LEU H 81 -49.41 28.83 6.88
C LEU H 81 -50.50 28.39 7.85
N GLN H 82 -50.43 27.13 8.28
CA GLN H 82 -51.44 26.53 9.15
C GLN H 82 -50.81 26.15 10.48
N VAL H 83 -51.39 26.64 11.56
CA VAL H 83 -50.94 26.34 12.92
C VAL H 83 -52.06 25.61 13.63
N ASN H 84 -51.76 24.43 14.18
CA ASN H 84 -52.77 23.58 14.80
C ASN H 84 -52.55 23.51 16.30
N ASN H 85 -53.65 23.48 17.05
CA ASN H 85 -53.64 23.40 18.51
C ASN H 85 -52.85 24.56 19.12
N LEU H 86 -53.40 25.76 18.90
CA LEU H 86 -52.75 26.98 19.32
C LEU H 86 -52.48 26.99 20.82
N LYS H 87 -51.31 27.48 21.20
CA LYS H 87 -50.90 27.62 22.58
C LYS H 87 -50.79 29.10 22.94
N ASN H 88 -50.38 29.37 24.17
CA ASN H 88 -50.21 30.74 24.64
C ASN H 88 -48.84 31.33 24.28
N GLU H 89 -47.94 30.52 23.73
CA GLU H 89 -46.62 30.97 23.33
C GLU H 89 -46.53 31.32 21.85
N ASP H 90 -47.65 31.27 21.13
CA ASP H 90 -47.67 31.57 19.70
C ASP H 90 -48.17 32.97 19.40
N THR H 91 -48.31 33.82 20.41
CA THR H 91 -48.73 35.21 20.19
C THR H 91 -47.56 35.98 19.56
N ALA H 92 -47.62 36.16 18.25
CA ALA H 92 -46.52 36.76 17.52
C ALA H 92 -47.01 37.23 16.16
N THR H 93 -46.22 38.11 15.55
CA THR H 93 -46.45 38.54 14.18
C THR H 93 -45.79 37.58 13.22
N TYR H 94 -46.49 37.24 12.15
CA TYR H 94 -46.01 36.26 11.17
C TYR H 94 -45.80 36.96 9.83
N PHE H 95 -44.60 36.81 9.28
CA PHE H 95 -44.20 37.45 8.04
C PHE H 95 -44.00 36.43 6.94
N CYS H 96 -44.38 36.79 5.73
CA CYS H 96 -44.01 36.05 4.52
C CYS H 96 -43.06 36.92 3.71
N ALA H 97 -41.88 36.38 3.39
CA ALA H 97 -40.84 37.15 2.73
C ALA H 97 -40.26 36.36 1.56
N LYS H 98 -39.87 37.09 0.52
CA LYS H 98 -39.15 36.53 -0.62
C LYS H 98 -37.66 36.69 -0.38
N TYR H 99 -36.93 35.58 -0.43
CA TYR H 99 -35.49 35.64 -0.29
C TYR H 99 -34.86 36.33 -1.50
N TYR H 100 -33.69 36.92 -1.28
CA TYR H 100 -32.85 37.33 -2.39
C TYR H 100 -32.14 36.09 -2.92
N ASP H 101 -32.44 35.72 -4.15
CA ASP H 101 -32.07 34.40 -4.65
C ASP H 101 -30.55 34.36 -4.90
N GLY H 102 -30.07 33.21 -5.34
CA GLY H 102 -28.67 33.04 -5.66
C GLY H 102 -27.93 32.15 -4.68
N TYR H 103 -26.61 32.29 -4.67
CA TYR H 103 -25.76 31.47 -3.82
C TYR H 103 -25.91 31.86 -2.36
N TYR H 104 -26.32 30.90 -1.53
CA TYR H 104 -26.61 31.14 -0.12
C TYR H 104 -27.53 32.34 0.07
N GLY H 105 -28.58 32.39 -0.74
CA GLY H 105 -29.44 33.56 -0.78
C GLY H 105 -30.59 33.51 0.20
N TRP H 106 -30.32 33.13 1.45
CA TRP H 106 -31.35 33.09 2.48
C TRP H 106 -31.40 34.41 3.26
N TYR H 107 -31.47 35.50 2.50
CA TYR H 107 -31.69 36.82 3.04
C TYR H 107 -32.78 37.50 2.22
N PHE H 108 -33.59 38.30 2.89
CA PHE H 108 -34.91 38.69 2.40
C PHE H 108 -34.97 40.18 2.14
N ASP H 109 -35.31 40.54 0.90
CA ASP H 109 -35.42 41.94 0.49
C ASP H 109 -36.86 42.42 0.44
N VAL H 110 -37.81 41.55 0.09
CA VAL H 110 -39.22 41.87 0.06
C VAL H 110 -39.90 41.12 1.20
N TRP H 111 -40.61 41.86 2.05
CA TRP H 111 -41.28 41.29 3.21
C TRP H 111 -42.78 41.49 3.07
N GLY H 112 -43.54 40.66 3.80
CA GLY H 112 -44.97 40.84 3.88
C GLY H 112 -45.34 42.02 4.77
N ALA H 113 -46.60 42.44 4.63
CA ALA H 113 -47.09 43.56 5.45
C ALA H 113 -47.11 43.18 6.93
N GLY H 114 -47.54 41.96 7.24
CA GLY H 114 -47.60 41.51 8.62
C GLY H 114 -48.96 40.96 8.99
N THR H 115 -49.01 40.18 10.08
CA THR H 115 -50.27 39.59 10.54
C THR H 115 -50.12 39.36 12.04
N THR H 116 -50.71 40.25 12.83
CA THR H 116 -50.65 40.11 14.29
C THR H 116 -51.59 39.02 14.75
N LEU H 117 -51.09 38.14 15.62
CA LEU H 117 -51.86 37.01 16.13
C LEU H 117 -51.75 36.95 17.64
N THR H 118 -52.88 36.75 18.30
CA THR H 118 -52.94 36.57 19.74
C THR H 118 -53.82 35.37 20.05
N VAL H 119 -53.36 34.50 20.95
CA VAL H 119 -54.13 33.32 21.34
C VAL H 119 -54.21 33.22 22.85
N GLN I 1 -22.65 2.44 60.58
CA GLN I 1 -22.27 3.36 59.53
C GLN I 1 -20.74 3.38 59.36
N ILE I 2 -20.29 3.90 58.23
CA ILE I 2 -18.86 3.98 57.94
C ILE I 2 -18.22 5.03 58.85
N GLN I 3 -17.14 4.64 59.52
CA GLN I 3 -16.44 5.51 60.45
C GLN I 3 -14.98 5.64 60.03
N LEU I 4 -14.46 6.86 60.08
CA LEU I 4 -13.07 7.17 59.72
C LEU I 4 -12.41 8.01 60.80
N VAL I 5 -12.54 7.56 62.05
CA VAL I 5 -11.98 8.30 63.17
C VAL I 5 -10.46 8.34 63.05
N GLN I 6 -9.90 9.55 63.11
CA GLN I 6 -8.45 9.75 63.05
C GLN I 6 -7.89 9.87 64.46
N SER I 7 -6.61 10.23 64.54
CA SER I 7 -5.94 10.44 65.81
C SER I 7 -6.08 11.90 66.25
N GLY I 8 -5.77 12.15 67.53
CA GLY I 8 -5.83 13.48 68.08
C GLY I 8 -4.69 14.35 67.60
N PRO I 9 -4.78 15.65 67.88
CA PRO I 9 -3.72 16.57 67.45
C PRO I 9 -2.41 16.29 68.16
N GLU I 10 -1.31 16.60 67.48
CA GLU I 10 0.03 16.37 68.00
C GLU I 10 0.91 17.57 67.72
N LEU I 11 1.87 17.79 68.61
CA LEU I 11 2.85 18.87 68.50
C LEU I 11 4.20 18.30 68.12
N LYS I 12 4.88 18.98 67.19
CA LYS I 12 6.14 18.47 66.67
C LYS I 12 7.08 19.63 66.38
N LYS I 13 8.31 19.29 66.02
CA LYS I 13 9.38 20.22 65.68
C LYS I 13 10.05 19.76 64.40
N PRO I 14 10.70 20.67 63.68
CA PRO I 14 11.38 20.28 62.44
C PRO I 14 12.43 19.19 62.68
N GLY I 15 12.52 18.27 61.71
CA GLY I 15 13.46 17.17 61.79
C GLY I 15 12.95 15.92 62.46
N GLU I 16 11.76 15.97 63.05
CA GLU I 16 11.18 14.80 63.69
C GLU I 16 10.29 14.03 62.70
N THR I 17 9.51 13.08 63.22
CA THR I 17 8.62 12.27 62.41
C THR I 17 7.28 12.12 63.12
N VAL I 18 6.22 11.95 62.31
CA VAL I 18 4.86 11.78 62.81
C VAL I 18 4.28 10.52 62.19
N LYS I 19 3.53 9.76 62.99
CA LYS I 19 2.84 8.56 62.53
C LYS I 19 1.35 8.73 62.84
N ILE I 20 0.60 9.16 61.84
CA ILE I 20 -0.84 9.40 61.98
C ILE I 20 -1.59 8.08 61.78
N SER I 21 -2.73 7.97 62.43
CA SER I 21 -3.56 6.77 62.35
C SER I 21 -4.97 7.14 61.93
N CYS I 22 -5.61 6.22 61.19
CA CYS I 22 -6.97 6.41 60.72
C CYS I 22 -7.62 5.03 60.60
N LYS I 23 -8.40 4.65 61.60
CA LYS I 23 -9.06 3.35 61.61
C LYS I 23 -10.41 3.45 60.92
N ALA I 24 -10.70 2.48 60.05
CA ALA I 24 -11.95 2.44 59.31
C ALA I 24 -12.89 1.42 59.95
N SER I 25 -14.12 1.85 60.23
CA SER I 25 -15.13 0.99 60.84
C SER I 25 -16.41 1.07 60.01
N GLY I 26 -16.98 -0.08 59.68
CA GLY I 26 -18.25 -0.15 58.99
C GLY I 26 -18.20 -0.74 57.60
N TYR I 27 -17.06 -1.22 57.11
CA TYR I 27 -16.98 -1.84 55.79
C TYR I 27 -15.74 -2.70 55.71
N THR I 28 -15.64 -3.46 54.63
CA THR I 28 -14.48 -4.31 54.40
C THR I 28 -13.28 -3.46 54.00
N PHE I 29 -12.23 -3.48 54.82
CA PHE I 29 -11.06 -2.65 54.58
C PHE I 29 -10.31 -3.05 53.32
N THR I 30 -10.47 -4.29 52.87
CA THR I 30 -9.67 -4.80 51.76
C THR I 30 -10.26 -4.51 50.38
N ILE I 31 -11.48 -3.97 50.32
CA ILE I 31 -12.10 -3.67 49.04
C ILE I 31 -12.12 -2.18 48.72
N TYR I 32 -11.92 -1.32 49.71
CA TYR I 32 -11.89 0.12 49.50
C TYR I 32 -10.49 0.64 49.81
N GLY I 33 -9.94 1.44 48.90
CA GLY I 33 -8.68 2.10 49.16
C GLY I 33 -8.83 3.27 50.11
N MET I 34 -7.70 3.69 50.67
CA MET I 34 -7.66 4.79 51.62
C MET I 34 -6.92 5.98 51.00
N ASN I 35 -7.59 7.13 50.99
CA ASN I 35 -7.00 8.35 50.45
C ASN I 35 -6.57 9.27 51.59
N TRP I 36 -5.46 9.98 51.37
CA TRP I 36 -4.96 10.93 52.34
C TRP I 36 -4.99 12.32 51.71
N LEU I 37 -5.58 13.27 52.43
CA LEU I 37 -5.85 14.60 51.92
C LEU I 37 -5.25 15.64 52.87
N LYS I 38 -4.70 16.71 52.30
CA LYS I 38 -4.02 17.75 53.05
C LYS I 38 -4.67 19.10 52.77
N GLN I 39 -4.81 19.91 53.82
CA GLN I 39 -5.42 21.23 53.70
C GLN I 39 -4.65 22.20 54.60
N ALA I 40 -3.83 23.05 53.99
CA ALA I 40 -3.22 24.15 54.72
C ALA I 40 -4.30 25.14 55.14
N PRO I 41 -4.21 25.69 56.34
CA PRO I 41 -5.27 26.62 56.80
C PRO I 41 -5.37 27.84 55.89
N GLY I 42 -6.60 28.23 55.60
CA GLY I 42 -6.88 29.36 54.75
C GLY I 42 -6.74 29.12 53.26
N LYS I 43 -6.47 27.89 52.84
CA LYS I 43 -6.26 27.56 51.43
C LYS I 43 -7.11 26.35 51.06
N GLY I 44 -7.06 25.98 49.77
CA GLY I 44 -7.86 24.88 49.27
C GLY I 44 -7.26 23.52 49.59
N LEU I 45 -8.06 22.49 49.30
CA LEU I 45 -7.67 21.11 49.56
C LEU I 45 -6.71 20.60 48.51
N LYS I 46 -5.80 19.73 48.93
CA LYS I 46 -4.84 19.09 48.03
C LYS I 46 -4.87 17.58 48.26
N TRP I 47 -4.80 16.83 47.17
CA TRP I 47 -4.84 15.38 47.22
C TRP I 47 -3.41 14.84 47.20
N MET I 48 -3.08 14.03 48.20
CA MET I 48 -1.72 13.51 48.35
C MET I 48 -1.55 12.17 47.63
N GLY I 49 -2.46 11.24 47.85
CA GLY I 49 -2.37 9.93 47.22
C GLY I 49 -3.26 8.95 47.94
N TRP I 50 -3.14 7.69 47.54
CA TRP I 50 -3.92 6.61 48.12
C TRP I 50 -3.05 5.37 48.25
N ILE I 51 -3.53 4.44 49.08
CA ILE I 51 -2.84 3.17 49.31
C ILE I 51 -3.79 2.04 48.91
N ASN I 52 -3.29 1.13 48.07
CA ASN I 52 -4.06 -0.03 47.65
C ASN I 52 -4.17 -1.00 48.82
N THR I 53 -5.31 -1.01 49.50
CA THR I 53 -5.47 -1.85 50.68
C THR I 53 -5.51 -3.33 50.35
N TYR I 54 -5.62 -3.71 49.08
CA TYR I 54 -5.59 -5.11 48.69
C TYR I 54 -4.16 -5.62 48.52
N THR I 55 -3.26 -4.78 48.01
CA THR I 55 -1.88 -5.18 47.79
C THR I 55 -0.88 -4.43 48.65
N GLY I 56 -1.26 -3.28 49.21
CA GLY I 56 -0.35 -2.46 49.99
C GLY I 56 0.42 -1.44 49.20
N GLU I 57 0.25 -1.40 47.88
CA GLU I 57 1.05 -0.52 47.03
C GLU I 57 0.63 0.92 47.22
N PRO I 58 1.52 1.82 47.63
CA PRO I 58 1.15 3.23 47.80
C PRO I 58 1.44 4.06 46.56
N THR I 59 0.58 5.06 46.34
CA THR I 59 0.72 5.98 45.23
C THR I 59 0.70 7.41 45.77
N TYR I 60 1.44 8.29 45.11
CA TYR I 60 1.61 9.66 45.56
C TYR I 60 1.45 10.63 44.39
N ALA I 61 1.04 11.85 44.72
CA ALA I 61 0.87 12.88 43.72
C ALA I 61 2.22 13.45 43.30
N ASP I 62 2.20 14.25 42.23
CA ASP I 62 3.44 14.79 41.69
C ASP I 62 4.11 15.75 42.67
N ASP I 63 3.35 16.40 43.54
CA ASP I 63 3.90 17.34 44.52
C ASP I 63 4.01 16.75 45.91
N PHE I 64 3.85 15.43 46.06
CA PHE I 64 3.96 14.76 47.35
C PHE I 64 4.83 13.52 47.28
N LYS I 65 5.64 13.39 46.22
CA LYS I 65 6.45 12.19 46.02
C LYS I 65 7.70 12.17 46.90
N GLY I 66 8.08 13.30 47.47
CA GLY I 66 9.37 13.44 48.12
C GLY I 66 9.61 12.64 49.38
N ARG I 67 8.90 12.98 50.47
CA ARG I 67 9.22 12.47 51.79
C ARG I 67 7.97 11.99 52.50
N PHE I 68 7.16 11.18 51.82
CA PHE I 68 5.92 10.68 52.37
C PHE I 68 5.86 9.17 52.22
N ALA I 69 5.18 8.51 53.17
CA ALA I 69 5.09 7.07 53.18
C ALA I 69 3.70 6.65 53.66
N PHE I 70 3.06 5.79 52.90
CA PHE I 70 1.76 5.23 53.26
C PHE I 70 1.93 3.79 53.72
N SER I 71 1.27 3.44 54.83
CA SER I 71 1.29 2.08 55.34
C SER I 71 -0.06 1.80 56.00
N LEU I 72 -0.37 0.52 56.15
CA LEU I 72 -1.67 0.12 56.67
C LEU I 72 -1.50 -1.09 57.59
N GLU I 73 -2.46 -1.24 58.49
CA GLU I 73 -2.59 -2.43 59.34
C GLU I 73 -3.90 -3.11 58.98
N THR I 74 -3.83 -4.20 58.22
CA THR I 74 -5.03 -4.85 57.73
C THR I 74 -5.86 -5.43 58.87
N SER I 75 -5.20 -6.02 59.87
CA SER I 75 -5.92 -6.67 60.95
C SER I 75 -6.79 -5.68 61.72
N ALA I 76 -6.26 -4.49 62.02
CA ALA I 76 -6.99 -3.47 62.76
C ALA I 76 -7.68 -2.46 61.86
N SER I 77 -7.60 -2.65 60.52
CA SER I 77 -8.23 -1.75 59.55
C SER I 77 -7.78 -0.31 59.77
N THR I 78 -6.48 -0.12 59.95
CA THR I 78 -5.90 1.18 60.21
C THR I 78 -4.81 1.47 59.18
N ALA I 79 -4.83 2.69 58.64
CA ALA I 79 -3.83 3.15 57.71
C ALA I 79 -2.96 4.21 58.38
N TYR I 80 -1.66 4.20 58.04
CA TYR I 80 -0.68 5.08 58.67
C TYR I 80 -0.06 5.99 57.62
N LEU I 81 -0.09 7.28 57.90
CA LEU I 81 0.62 8.28 57.08
C LEU I 81 1.86 8.73 57.86
N GLN I 82 3.02 8.63 57.21
CA GLN I 82 4.30 8.97 57.83
C GLN I 82 4.95 10.10 57.07
N VAL I 83 5.34 11.16 57.78
CA VAL I 83 6.04 12.29 57.21
C VAL I 83 7.40 12.38 57.88
N ASN I 84 8.45 12.42 57.07
CA ASN I 84 9.83 12.42 57.56
C ASN I 84 10.48 13.76 57.31
N ASN I 85 11.32 14.20 58.26
CA ASN I 85 12.05 15.45 58.17
C ASN I 85 11.08 16.63 58.01
N LEU I 86 10.31 16.84 59.06
CA LEU I 86 9.26 17.85 59.06
C LEU I 86 9.82 19.24 58.77
N LYS I 87 9.08 20.00 57.98
CA LYS I 87 9.43 21.37 57.64
C LYS I 87 8.34 22.31 58.13
N ASN I 88 8.52 23.61 57.86
CA ASN I 88 7.55 24.62 58.25
C ASN I 88 6.41 24.77 57.26
N GLU I 89 6.51 24.15 56.09
CA GLU I 89 5.45 24.19 55.09
C GLU I 89 4.46 23.05 55.25
N ASP I 90 4.61 22.20 56.26
CA ASP I 90 3.73 21.07 56.49
C ASP I 90 2.70 21.32 57.59
N THR I 91 2.54 22.58 58.02
CA THR I 91 1.53 22.92 59.02
C THR I 91 0.15 22.93 58.36
N ALA I 92 -0.57 21.81 58.49
CA ALA I 92 -1.84 21.66 57.81
C ALA I 92 -2.64 20.55 58.48
N THR I 93 -3.93 20.54 58.20
CA THR I 93 -4.82 19.46 58.63
C THR I 93 -4.75 18.32 57.63
N TYR I 94 -4.69 17.10 58.15
CA TYR I 94 -4.57 15.89 57.33
C TYR I 94 -5.83 15.06 57.45
N PHE I 95 -6.42 14.73 56.31
CA PHE I 95 -7.69 14.00 56.25
C PHE I 95 -7.48 12.63 55.62
N CYS I 96 -8.20 11.64 56.15
CA CYS I 96 -8.33 10.34 55.50
C CYS I 96 -9.77 10.19 55.03
N ALA I 97 -9.95 9.86 53.75
CA ALA I 97 -11.27 9.85 53.13
C ALA I 97 -11.45 8.60 52.29
N LYS I 98 -12.65 8.04 52.33
CA LYS I 98 -13.06 6.95 51.46
C LYS I 98 -13.68 7.54 50.20
N TYR I 99 -13.17 7.13 49.04
CA TYR I 99 -13.75 7.60 47.80
C TYR I 99 -15.13 6.98 47.57
N TYR I 100 -15.93 7.66 46.75
CA TYR I 100 -17.14 7.05 46.22
C TYR I 100 -16.73 6.15 45.06
N ASP I 101 -16.85 4.84 45.25
CA ASP I 101 -16.25 3.89 44.32
C ASP I 101 -16.96 3.94 42.98
N GLY I 102 -16.36 3.30 41.99
CA GLY I 102 -16.95 3.20 40.67
C GLY I 102 -16.10 3.80 39.56
N TYR I 103 -16.73 4.13 38.44
CA TYR I 103 -16.03 4.67 37.29
C TYR I 103 -15.59 6.10 37.58
N TYR I 104 -14.29 6.35 37.51
CA TYR I 104 -13.69 7.64 37.86
C TYR I 104 -14.18 8.11 39.23
N GLY I 105 -14.20 7.18 40.18
CA GLY I 105 -14.79 7.46 41.48
C GLY I 105 -13.83 8.09 42.47
N TRP I 106 -13.05 9.06 42.02
CA TRP I 106 -12.11 9.76 42.90
C TRP I 106 -12.75 11.00 43.53
N TYR I 107 -13.93 10.80 44.10
CA TYR I 107 -14.61 11.82 44.90
C TYR I 107 -15.08 11.17 46.18
N PHE I 108 -15.10 11.96 47.26
CA PHE I 108 -15.07 11.43 48.61
C PHE I 108 -16.36 11.82 49.34
N ASP I 109 -17.06 10.80 49.84
CA ASP I 109 -18.30 11.00 50.59
C ASP I 109 -18.10 10.88 52.09
N VAL I 110 -17.20 10.01 52.53
CA VAL I 110 -16.89 9.83 53.95
C VAL I 110 -15.49 10.40 54.19
N TRP I 111 -15.38 11.30 55.15
CA TRP I 111 -14.12 11.94 55.49
C TRP I 111 -13.74 11.60 56.93
N GLY I 112 -12.45 11.72 57.22
CA GLY I 112 -11.99 11.59 58.58
C GLY I 112 -12.33 12.81 59.41
N ALA I 113 -12.23 12.65 60.73
CA ALA I 113 -12.51 13.76 61.63
C ALA I 113 -11.50 14.89 61.45
N GLY I 114 -10.24 14.55 61.29
CA GLY I 114 -9.20 15.55 61.10
C GLY I 114 -8.05 15.39 62.07
N THR I 115 -6.89 15.98 61.74
CA THR I 115 -5.71 15.89 62.59
C THR I 115 -4.88 17.15 62.35
N THR I 116 -5.01 18.12 63.24
CA THR I 116 -4.25 19.36 63.11
C THR I 116 -2.79 19.13 63.44
N LEU I 117 -1.91 19.69 62.61
CA LEU I 117 -0.48 19.51 62.75
C LEU I 117 0.23 20.84 62.55
N THR I 118 1.15 21.16 63.45
CA THR I 118 2.00 22.33 63.33
C THR I 118 3.44 21.93 63.61
N VAL I 119 4.38 22.52 62.87
CA VAL I 119 5.79 22.21 63.03
C VAL I 119 6.63 23.48 62.98
N ILE J 1 2.98 38.17 12.81
CA ILE J 1 2.86 38.12 14.26
C ILE J 1 2.65 39.53 14.81
N VAL J 2 1.53 39.73 15.49
CA VAL J 2 1.21 41.01 16.12
C VAL J 2 1.47 40.89 17.61
N LEU J 3 1.95 41.97 18.21
CA LEU J 3 2.29 42.00 19.63
C LEU J 3 1.42 43.04 20.34
N THR J 4 0.82 42.63 21.45
CA THR J 4 0.03 43.53 22.29
C THR J 4 0.73 43.68 23.64
N GLN J 5 1.14 44.90 23.96
CA GLN J 5 1.91 45.19 25.16
C GLN J 5 1.05 45.99 26.12
N SER J 6 0.94 45.52 27.36
CA SER J 6 0.11 46.15 28.36
C SER J 6 0.91 46.38 29.64
N PRO J 7 0.62 47.46 30.37
CA PRO J 7 -0.37 48.51 30.09
C PRO J 7 0.16 49.54 29.09
N ALA J 8 -0.71 50.33 28.48
CA ALA J 8 -0.25 51.37 27.57
C ALA J 8 0.58 52.42 28.30
N SER J 9 0.17 52.79 29.51
CA SER J 9 0.92 53.70 30.35
C SER J 9 0.81 53.26 31.79
N LEU J 10 1.95 53.09 32.46
CA LEU J 10 2.00 52.61 33.83
C LEU J 10 2.56 53.71 34.73
N ALA J 11 1.88 53.95 35.86
CA ALA J 11 2.28 54.97 36.82
C ALA J 11 2.68 54.27 38.12
N VAL J 12 3.97 54.25 38.40
CA VAL J 12 4.52 53.61 39.58
C VAL J 12 5.44 54.59 40.30
N THR J 13 5.35 54.61 41.63
CA THR J 13 6.19 55.48 42.44
C THR J 13 7.52 54.81 42.73
N LEU J 14 8.45 55.60 43.27
CA LEU J 14 9.79 55.11 43.54
C LEU J 14 9.76 54.03 44.63
N GLY J 15 10.62 53.03 44.47
CA GLY J 15 10.72 51.97 45.45
C GLY J 15 9.65 50.91 45.35
N GLN J 16 8.91 50.86 44.24
CA GLN J 16 7.81 49.91 44.08
C GLN J 16 8.00 49.13 42.79
N ARG J 17 7.48 47.90 42.78
CA ARG J 17 7.61 47.03 41.63
C ARG J 17 6.79 47.55 40.45
N ALA J 18 7.35 47.41 39.24
CA ALA J 18 6.67 47.78 38.01
C ALA J 18 6.67 46.56 37.08
N THR J 19 5.50 46.24 36.53
CA THR J 19 5.32 45.04 35.71
C THR J 19 4.69 45.43 34.38
N ILE J 20 5.33 45.00 33.29
CA ILE J 20 4.83 45.23 31.94
C ILE J 20 4.57 43.88 31.30
N SER J 21 3.39 43.73 30.69
CA SER J 21 2.97 42.47 30.09
C SER J 21 2.92 42.62 28.57
N CYS J 22 3.52 41.65 27.87
CA CYS J 22 3.52 41.63 26.42
C CYS J 22 3.00 40.27 25.94
N ARG J 23 2.18 40.30 24.90
CA ARG J 23 1.60 39.09 24.32
C ARG J 23 1.96 39.02 22.84
N GLY J 24 1.63 37.89 22.23
CA GLY J 24 1.88 37.69 20.81
C GLY J 24 0.81 36.81 20.21
N SER J 25 0.56 37.04 18.91
CA SER J 25 -0.42 36.23 18.20
C SER J 25 0.08 34.82 17.92
N GLU J 26 1.39 34.60 18.00
CA GLU J 26 1.96 33.28 17.75
C GLU J 26 3.15 33.07 18.69
N SER J 27 3.49 31.80 18.89
CA SER J 27 4.61 31.46 19.76
C SER J 27 5.94 31.88 19.13
N VAL J 28 6.92 32.16 19.99
CA VAL J 28 8.24 32.59 19.53
C VAL J 28 9.32 31.72 20.16
N ASP J 29 8.98 30.48 20.50
CA ASP J 29 9.91 29.54 21.10
C ASP J 29 10.47 28.63 20.01
N SER J 30 11.79 28.49 19.97
CA SER J 30 12.46 27.70 18.93
C SER J 30 13.66 26.99 19.52
N TYR J 31 13.61 25.66 19.54
CA TYR J 31 14.76 24.81 19.88
C TYR J 31 15.36 25.16 21.24
N GLY J 32 14.49 25.34 22.22
CA GLY J 32 14.93 25.64 23.57
C GLY J 32 15.19 27.10 23.87
N ASN J 33 14.84 28.01 22.97
CA ASN J 33 15.01 29.45 23.19
C ASN J 33 13.69 30.16 22.90
N SER J 34 13.35 31.13 23.76
CA SER J 34 12.21 32.00 23.54
C SER J 34 12.72 33.36 23.08
N PHE J 35 12.33 33.76 21.88
CA PHE J 35 12.90 34.94 21.24
C PHE J 35 11.99 36.15 21.45
N MET J 36 12.00 36.65 22.68
CA MET J 36 11.34 37.88 23.06
C MET J 36 12.35 38.79 23.74
N HIS J 37 12.34 40.07 23.38
CA HIS J 37 13.37 40.99 23.80
C HIS J 37 12.74 42.28 24.30
N TRP J 38 13.38 42.90 25.29
CA TRP J 38 12.90 44.14 25.89
C TRP J 38 13.90 45.25 25.65
N TYR J 39 13.40 46.40 25.18
CA TYR J 39 14.23 47.57 24.92
C TYR J 39 13.78 48.73 25.81
N GLN J 40 14.70 49.66 26.02
CA GLN J 40 14.41 50.91 26.70
C GLN J 40 14.82 52.06 25.79
N GLN J 41 13.95 53.06 25.65
CA GLN J 41 14.24 54.23 24.83
C GLN J 41 13.88 55.49 25.62
N LYS J 42 14.88 56.32 25.87
CA LYS J 42 14.70 57.64 26.44
C LYS J 42 14.56 58.67 25.33
N PRO J 43 13.82 59.76 25.54
CA PRO J 43 13.54 60.69 24.45
C PRO J 43 14.82 61.29 23.86
N GLY J 44 14.85 61.39 22.54
CA GLY J 44 16.01 61.89 21.83
C GLY J 44 17.17 60.93 21.71
N GLN J 45 16.98 59.67 22.08
CA GLN J 45 18.06 58.69 22.08
C GLN J 45 17.61 57.40 21.40
N PRO J 46 18.55 56.64 20.83
CA PRO J 46 18.19 55.33 20.28
C PRO J 46 17.84 54.37 21.39
N PRO J 47 17.03 53.34 21.11
CA PRO J 47 16.72 52.36 22.14
C PRO J 47 17.96 51.57 22.55
N LYS J 48 17.97 51.14 23.81
CA LYS J 48 19.00 50.25 24.33
C LYS J 48 18.34 48.95 24.74
N LEU J 49 18.89 47.84 24.27
CA LEU J 49 18.33 46.53 24.58
C LEU J 49 18.58 46.19 26.05
N LEU J 50 17.52 45.80 26.75
CA LEU J 50 17.59 45.51 28.18
C LEU J 50 17.69 44.02 28.46
N ILE J 51 16.71 43.24 28.00
CA ILE J 51 16.66 41.81 28.22
C ILE J 51 16.51 41.15 26.86
N TYR J 52 17.42 40.23 26.53
CA TYR J 52 17.36 39.51 25.27
C TYR J 52 17.03 38.05 25.52
N ARG J 53 16.22 37.48 24.62
CA ARG J 53 15.76 36.09 24.71
C ARG J 53 15.01 35.83 26.01
N ALA J 54 14.32 36.88 26.50
CA ALA J 54 13.27 36.82 27.50
C ALA J 54 13.76 36.52 28.92
N SER J 55 15.03 36.15 29.08
CA SER J 55 15.53 35.83 30.41
C SER J 55 16.92 36.35 30.71
N ASN J 56 17.62 36.97 29.76
CA ASN J 56 19.03 37.28 29.90
C ASN J 56 19.23 38.78 30.07
N LEU J 57 19.99 39.15 31.10
CA LEU J 57 20.30 40.55 31.34
C LEU J 57 21.48 40.97 30.46
N GLU J 58 21.28 42.04 29.70
CA GLU J 58 22.32 42.55 28.83
C GLU J 58 23.49 43.10 29.64
N SER J 59 24.70 42.95 29.09
CA SER J 59 25.88 43.46 29.75
C SER J 59 25.82 44.98 29.86
N GLY J 60 26.14 45.50 31.05
CA GLY J 60 26.09 46.91 31.31
C GLY J 60 24.78 47.40 31.91
N ILE J 61 23.71 46.62 31.77
CA ILE J 61 22.44 46.98 32.39
C ILE J 61 22.53 46.74 33.89
N PRO J 62 22.06 47.65 34.74
CA PRO J 62 22.10 47.42 36.19
C PRO J 62 21.23 46.24 36.58
N ALA J 63 21.59 45.64 37.72
CA ALA J 63 20.96 44.40 38.18
C ALA J 63 19.51 44.57 38.57
N ARG J 64 19.02 45.82 38.68
CA ARG J 64 17.62 46.03 39.02
C ARG J 64 16.69 45.43 37.96
N PHE J 65 17.03 45.61 36.69
CA PHE J 65 16.22 45.05 35.62
C PHE J 65 16.34 43.52 35.59
N SER J 66 15.22 42.85 35.37
CA SER J 66 15.18 41.40 35.32
C SER J 66 13.99 40.98 34.47
N GLY J 67 14.18 39.93 33.67
CA GLY J 67 13.14 39.49 32.76
C GLY J 67 12.66 38.08 33.02
N SER J 68 11.44 37.78 32.56
CA SER J 68 10.88 36.45 32.69
C SER J 68 9.77 36.31 31.66
N GLY J 69 9.44 35.06 31.34
CA GLY J 69 8.40 34.81 30.36
C GLY J 69 8.31 33.39 29.86
N SER J 70 7.08 32.92 29.69
CA SER J 70 6.80 31.59 29.18
C SER J 70 6.42 31.68 27.71
N ARG J 71 5.93 30.58 27.15
CA ARG J 71 5.45 30.57 25.77
C ARG J 71 4.35 31.61 25.58
N THR J 72 4.62 32.58 24.71
CA THR J 72 3.64 33.56 24.23
C THR J 72 3.29 34.59 25.32
N ASP J 73 3.79 34.40 26.53
CA ASP J 73 3.54 35.32 27.64
C ASP J 73 4.89 35.74 28.23
N PHE J 74 5.13 37.04 28.28
CA PHE J 74 6.40 37.57 28.76
C PHE J 74 6.14 38.81 29.62
N THR J 75 7.06 39.08 30.54
CA THR J 75 6.92 40.19 31.46
C THR J 75 8.28 40.82 31.73
N LEU J 76 8.24 42.09 32.12
CA LEU J 76 9.42 42.84 32.53
C LEU J 76 9.20 43.39 33.93
N THR J 77 10.22 43.29 34.77
CA THR J 77 10.11 43.64 36.18
C THR J 77 11.18 44.67 36.55
N ILE J 78 10.76 45.72 37.26
CA ILE J 78 11.67 46.72 37.81
C ILE J 78 11.25 46.92 39.26
N ASN J 79 11.97 46.29 40.19
CA ASN J 79 11.60 46.40 41.60
C ASN J 79 12.00 47.76 42.18
N PRO J 80 13.30 48.14 42.17
CA PRO J 80 13.66 49.44 42.76
C PRO J 80 13.59 50.59 41.75
N VAL J 81 12.38 51.06 41.49
CA VAL J 81 12.16 52.10 40.49
C VAL J 81 12.83 53.39 40.94
N GLU J 82 13.63 53.98 40.05
CA GLU J 82 14.30 55.25 40.30
C GLU J 82 13.72 56.31 39.36
N ALA J 83 14.32 57.51 39.40
CA ALA J 83 13.88 58.62 38.56
C ALA J 83 14.46 58.57 37.16
N ASP J 84 15.45 57.72 36.90
CA ASP J 84 16.03 57.58 35.57
C ASP J 84 15.37 56.49 34.75
N ASP J 85 14.34 55.84 35.27
CA ASP J 85 13.59 54.83 34.55
C ASP J 85 12.42 55.41 33.77
N VAL J 86 12.27 56.73 33.77
CA VAL J 86 11.17 57.38 33.06
C VAL J 86 11.46 57.32 31.57
N ALA J 87 10.85 56.36 30.89
CA ALA J 87 11.07 56.14 29.46
C ALA J 87 9.98 55.19 28.98
N THR J 88 10.07 54.82 27.69
CA THR J 88 9.15 53.89 27.08
C THR J 88 9.86 52.55 26.85
N TYR J 89 9.15 51.46 27.15
CA TYR J 89 9.71 50.12 27.04
C TYR J 89 8.92 49.34 25.98
N TYR J 90 9.66 48.70 25.08
CA TYR J 90 9.07 47.94 23.98
C TYR J 90 9.48 46.48 24.06
N CYS J 91 8.52 45.59 23.80
CA CYS J 91 8.80 44.18 23.64
C CYS J 91 8.95 43.87 22.16
N GLN J 92 10.04 43.20 21.80
CA GLN J 92 10.36 42.97 20.40
C GLN J 92 10.38 41.47 20.10
N GLN J 93 10.02 41.16 18.86
CA GLN J 93 9.90 39.80 18.36
C GLN J 93 10.93 39.60 17.26
N SER J 94 11.75 38.56 17.36
CA SER J 94 12.84 38.33 16.43
C SER J 94 12.75 36.96 15.76
N TYR J 95 11.55 36.39 15.74
CA TYR J 95 11.35 35.06 15.21
C TYR J 95 10.80 35.03 13.78
N GLU J 96 10.23 36.15 13.30
CA GLU J 96 9.58 36.14 11.99
C GLU J 96 9.67 37.51 11.34
N ASP J 97 9.92 37.50 10.03
CA ASP J 97 9.90 38.71 9.22
C ASP J 97 8.51 39.36 9.34
N PRO J 98 8.43 40.67 9.67
CA PRO J 98 9.47 41.69 9.80
C PRO J 98 10.02 41.95 11.20
N TYR J 99 9.92 41.00 12.13
CA TYR J 99 10.49 41.16 13.47
C TYR J 99 9.92 42.41 14.15
N THR J 100 8.60 42.40 14.33
CA THR J 100 7.90 43.59 14.78
C THR J 100 8.28 43.97 16.21
N PHE J 101 8.27 45.28 16.46
CA PHE J 101 8.50 45.82 17.79
C PHE J 101 7.18 45.89 18.55
N GLY J 102 7.19 46.52 19.72
CA GLY J 102 6.00 46.72 20.51
C GLY J 102 5.45 48.13 20.35
N GLY J 103 4.18 48.29 20.70
CA GLY J 103 3.57 49.61 20.61
C GLY J 103 4.21 50.61 21.56
N GLY J 104 4.41 50.20 22.80
CA GLY J 104 5.05 51.05 23.80
C GLY J 104 4.35 50.93 25.14
N THR J 105 5.02 51.45 26.17
CA THR J 105 4.47 51.46 27.52
C THR J 105 5.14 52.60 28.28
N LYS J 106 4.36 53.63 28.63
CA LYS J 106 4.91 54.78 29.33
C LYS J 106 5.03 54.48 30.82
N LEU J 107 6.16 54.90 31.40
CA LEU J 107 6.42 54.68 32.81
C LEU J 107 7.47 55.65 33.32
N ILE K 1 -25.12 27.99 14.46
CA ILE K 1 -24.40 29.25 14.53
C ILE K 1 -25.16 30.24 15.39
N VAL K 2 -24.51 30.74 16.44
CA VAL K 2 -25.09 31.72 17.35
C VAL K 2 -24.48 33.07 17.05
N LEU K 3 -25.34 34.10 16.98
CA LEU K 3 -24.91 35.46 16.65
C LEU K 3 -25.05 36.36 17.87
N THR K 4 -23.97 37.05 18.21
CA THR K 4 -23.97 38.01 19.31
C THR K 4 -23.73 39.40 18.74
N GLN K 5 -24.69 40.29 18.92
CA GLN K 5 -24.65 41.64 18.36
C GLN K 5 -24.54 42.65 19.50
N SER K 6 -23.52 43.50 19.42
CA SER K 6 -23.26 44.50 20.45
C SER K 6 -23.13 45.88 19.82
N PRO K 7 -23.51 46.93 20.55
CA PRO K 7 -24.11 46.94 21.90
C PRO K 7 -25.60 46.64 21.86
N ALA K 8 -26.19 46.28 23.00
CA ALA K 8 -27.63 46.04 23.05
C ALA K 8 -28.41 47.32 22.76
N SER K 9 -27.93 48.45 23.27
CA SER K 9 -28.54 49.75 23.00
C SER K 9 -27.44 50.79 22.87
N LEU K 10 -27.42 51.50 21.74
CA LEU K 10 -26.41 52.51 21.46
C LEU K 10 -27.05 53.89 21.49
N ALA K 11 -26.44 54.80 22.25
CA ALA K 11 -26.93 56.17 22.40
C ALA K 11 -25.98 57.10 21.66
N VAL K 12 -26.43 57.59 20.50
CA VAL K 12 -25.62 58.46 19.65
C VAL K 12 -26.41 59.73 19.34
N THR K 13 -25.72 60.86 19.28
CA THR K 13 -26.35 62.13 18.97
C THR K 13 -26.27 62.40 17.47
N LEU K 14 -27.07 63.37 17.02
CA LEU K 14 -27.16 63.68 15.60
C LEU K 14 -25.83 64.22 15.08
N GLY K 15 -25.48 63.81 13.87
CA GLY K 15 -24.25 64.27 13.25
C GLY K 15 -23.00 63.57 13.70
N GLN K 16 -23.11 62.43 14.37
CA GLN K 16 -21.97 61.70 14.89
C GLN K 16 -22.01 60.25 14.42
N ARG K 17 -20.83 59.65 14.33
CA ARG K 17 -20.71 58.27 13.85
C ARG K 17 -21.32 57.29 14.85
N ALA K 18 -21.88 56.20 14.32
CA ALA K 18 -22.44 55.12 15.12
C ALA K 18 -21.91 53.79 14.59
N THR K 19 -21.53 52.90 15.50
CA THR K 19 -20.92 51.63 15.15
C THR K 19 -21.61 50.49 15.88
N ILE K 20 -22.04 49.49 15.14
CA ILE K 20 -22.67 48.28 15.69
C ILE K 20 -21.83 47.08 15.32
N SER K 21 -21.56 46.23 16.30
CA SER K 21 -20.69 45.07 16.11
C SER K 21 -21.50 43.79 16.24
N CYS K 22 -21.29 42.85 15.32
CA CYS K 22 -21.92 41.54 15.33
C CYS K 22 -20.85 40.47 15.19
N ARG K 23 -20.99 39.39 15.96
CA ARG K 23 -20.05 38.29 15.91
C ARG K 23 -20.81 36.97 15.90
N GLY K 24 -20.26 35.99 15.19
CA GLY K 24 -20.83 34.66 15.14
C GLY K 24 -19.88 33.59 15.62
N SER K 25 -20.42 32.46 16.10
CA SER K 25 -19.56 31.38 16.56
C SER K 25 -18.78 30.76 15.42
N GLU K 26 -19.40 30.63 14.25
CA GLU K 26 -18.77 30.02 13.09
C GLU K 26 -18.65 31.04 11.97
N SER K 27 -17.71 30.78 11.06
CA SER K 27 -17.49 31.66 9.92
C SER K 27 -18.64 31.53 8.92
N VAL K 28 -18.85 32.60 8.14
CA VAL K 28 -19.92 32.63 7.16
C VAL K 28 -19.37 33.00 5.79
N ASP K 29 -18.10 32.66 5.54
CA ASP K 29 -17.45 32.95 4.26
C ASP K 29 -17.52 31.72 3.37
N SER K 30 -17.91 31.93 2.11
CA SER K 30 -18.04 30.82 1.17
C SER K 30 -17.67 31.29 -0.23
N TYR K 31 -16.59 30.72 -0.77
CA TYR K 31 -16.21 30.89 -2.18
C TYR K 31 -16.07 32.36 -2.57
N GLY K 32 -15.45 33.15 -1.69
CA GLY K 32 -15.22 34.55 -1.97
C GLY K 32 -16.35 35.49 -1.58
N ASN K 33 -17.29 35.04 -0.76
CA ASN K 33 -18.39 35.88 -0.29
C ASN K 33 -18.57 35.69 1.20
N SER K 34 -18.85 36.78 1.90
CA SER K 34 -19.17 36.76 3.32
C SER K 34 -20.67 36.99 3.48
N PHE K 35 -21.37 36.01 4.02
CA PHE K 35 -22.83 36.03 4.05
C PHE K 35 -23.32 36.53 5.41
N MET K 36 -23.08 37.83 5.64
CA MET K 36 -23.61 38.55 6.78
C MET K 36 -24.40 39.75 6.27
N HIS K 37 -25.57 39.97 6.83
CA HIS K 37 -26.51 40.96 6.31
C HIS K 37 -27.06 41.81 7.44
N TRP K 38 -27.32 43.08 7.15
CA TRP K 38 -27.81 44.04 8.13
C TRP K 38 -29.22 44.48 7.75
N TYR K 39 -30.13 44.42 8.72
CA TYR K 39 -31.51 44.85 8.54
C TYR K 39 -31.82 46.02 9.46
N GLN K 40 -32.81 46.81 9.05
CA GLN K 40 -33.33 47.88 9.88
C GLN K 40 -34.85 47.71 10.00
N GLN K 41 -35.36 47.78 11.23
CA GLN K 41 -36.77 47.64 11.49
C GLN K 41 -37.25 48.77 12.39
N LYS K 42 -38.25 49.50 11.93
CA LYS K 42 -38.94 50.51 12.72
C LYS K 42 -40.18 49.91 13.36
N PRO K 43 -40.61 50.41 14.53
CA PRO K 43 -41.73 49.77 15.23
C PRO K 43 -43.00 49.75 14.39
N GLY K 44 -43.67 48.60 14.42
CA GLY K 44 -44.88 48.40 13.65
C GLY K 44 -44.66 48.18 12.16
N GLN K 45 -43.42 47.93 11.74
CA GLN K 45 -43.09 47.79 10.34
C GLN K 45 -42.23 46.55 10.10
N PRO K 46 -42.30 45.97 8.90
CA PRO K 46 -41.40 44.86 8.59
C PRO K 46 -39.97 45.34 8.51
N PRO K 47 -39.00 44.45 8.75
CA PRO K 47 -37.60 44.84 8.63
C PRO K 47 -37.24 45.21 7.20
N LYS K 48 -36.29 46.13 7.07
CA LYS K 48 -35.77 46.55 5.78
C LYS K 48 -34.31 46.16 5.69
N LEU K 49 -33.94 45.45 4.62
CA LEU K 49 -32.57 45.02 4.44
C LEU K 49 -31.70 46.21 4.02
N LEU K 50 -30.63 46.45 4.77
CA LEU K 50 -29.76 47.60 4.54
C LEU K 50 -28.51 47.23 3.76
N ILE K 51 -27.71 46.31 4.30
CA ILE K 51 -26.47 45.87 3.69
C ILE K 51 -26.52 44.36 3.55
N TYR K 52 -26.30 43.86 2.34
CA TYR K 52 -26.29 42.43 2.08
C TYR K 52 -24.89 41.98 1.71
N ARG K 53 -24.51 40.79 2.18
CA ARG K 53 -23.18 40.22 1.96
C ARG K 53 -22.08 41.12 2.51
N ALA K 54 -22.40 41.86 3.57
CA ALA K 54 -21.47 42.53 4.47
C ALA K 54 -20.79 43.76 3.88
N SER K 55 -20.93 44.00 2.58
CA SER K 55 -20.29 45.17 1.99
C SER K 55 -21.11 45.86 0.91
N ASN K 56 -22.33 45.43 0.63
CA ASN K 56 -23.09 45.94 -0.51
C ASN K 56 -24.27 46.76 -0.02
N LEU K 57 -24.40 47.98 -0.55
CA LEU K 57 -25.51 48.84 -0.20
C LEU K 57 -26.73 48.48 -1.04
N GLU K 58 -27.85 48.21 -0.36
CA GLU K 58 -29.08 47.85 -1.05
C GLU K 58 -29.63 49.04 -1.83
N SER K 59 -30.24 48.75 -2.97
CA SER K 59 -30.83 49.80 -3.80
C SER K 59 -31.96 50.49 -3.05
N GLY K 60 -31.98 51.81 -3.10
CA GLY K 60 -32.95 52.62 -2.41
C GLY K 60 -32.51 53.09 -1.03
N ILE K 61 -31.51 52.45 -0.45
CA ILE K 61 -30.96 52.90 0.83
C ILE K 61 -30.11 54.14 0.60
N PRO K 62 -30.24 55.18 1.43
CA PRO K 62 -29.40 56.37 1.25
C PRO K 62 -27.93 56.05 1.45
N ALA K 63 -27.07 56.84 0.80
CA ALA K 63 -25.64 56.59 0.79
C ALA K 63 -24.98 56.75 2.16
N ARG K 64 -25.69 57.31 3.14
CA ARG K 64 -25.14 57.44 4.48
C ARG K 64 -24.83 56.08 5.09
N PHE K 65 -25.72 55.11 4.87
CA PHE K 65 -25.48 53.76 5.36
C PHE K 65 -24.35 53.10 4.60
N SER K 66 -23.48 52.40 5.32
CA SER K 66 -22.35 51.72 4.73
C SER K 66 -21.94 50.57 5.65
N GLY K 67 -21.49 49.48 5.04
CA GLY K 67 -21.16 48.28 5.78
C GLY K 67 -19.74 47.82 5.49
N SER K 68 -19.20 47.06 6.44
CA SER K 68 -17.87 46.49 6.31
C SER K 68 -17.77 45.32 7.28
N GLY K 69 -16.79 44.46 7.04
CA GLY K 69 -16.57 43.33 7.93
C GLY K 69 -15.73 42.22 7.35
N SER K 70 -14.84 41.67 8.18
CA SER K 70 -13.97 40.57 7.80
C SER K 70 -14.64 39.24 8.16
N ARG K 71 -13.86 38.16 8.14
CA ARG K 71 -14.38 36.86 8.56
C ARG K 71 -14.77 36.91 10.03
N THR K 72 -16.03 36.54 10.31
CA THR K 72 -16.55 36.33 11.66
C THR K 72 -16.73 37.65 12.42
N ASP K 73 -16.27 38.76 11.83
CA ASP K 73 -16.41 40.08 12.45
C ASP K 73 -16.98 41.04 11.43
N PHE K 74 -18.09 41.70 11.77
CA PHE K 74 -18.75 42.62 10.86
C PHE K 74 -19.23 43.84 11.64
N THR K 75 -19.34 44.97 10.94
CA THR K 75 -19.72 46.23 11.55
C THR K 75 -20.67 46.99 10.65
N LEU K 76 -21.45 47.86 11.26
CA LEU K 76 -22.34 48.79 10.57
C LEU K 76 -22.00 50.21 10.97
N THR K 77 -22.00 51.13 9.99
CA THR K 77 -21.56 52.49 10.21
C THR K 77 -22.58 53.48 9.67
N ILE K 78 -22.90 54.50 10.46
CA ILE K 78 -23.77 55.60 10.06
C ILE K 78 -23.09 56.87 10.53
N ASN K 79 -22.49 57.62 9.60
CA ASN K 79 -21.83 58.87 10.00
C ASN K 79 -22.86 59.97 10.25
N PRO K 80 -23.68 60.37 9.24
CA PRO K 80 -24.65 61.47 9.48
C PRO K 80 -26.00 60.97 10.00
N VAL K 81 -26.04 60.67 11.30
CA VAL K 81 -27.25 60.17 11.93
C VAL K 81 -28.38 61.18 11.72
N GLU K 82 -29.51 60.71 11.23
CA GLU K 82 -30.66 61.54 10.90
C GLU K 82 -31.87 61.13 11.73
N ALA K 83 -33.00 61.75 11.43
CA ALA K 83 -34.22 61.51 12.22
C ALA K 83 -34.76 60.11 12.00
N ASP K 84 -34.78 59.64 10.75
CA ASP K 84 -35.35 58.34 10.43
C ASP K 84 -34.40 57.19 10.74
N ASP K 85 -33.18 57.49 11.19
CA ASP K 85 -32.20 56.45 11.47
C ASP K 85 -32.34 55.82 12.85
N VAL K 86 -33.31 56.25 13.65
CA VAL K 86 -33.53 55.66 14.96
C VAL K 86 -34.46 54.46 14.80
N ALA K 87 -33.93 53.27 15.08
CA ALA K 87 -34.65 52.01 14.93
C ALA K 87 -33.79 50.92 15.55
N THR K 88 -34.23 49.68 15.41
CA THR K 88 -33.48 48.52 15.86
C THR K 88 -32.82 47.84 14.66
N TYR K 89 -31.56 47.47 14.81
CA TYR K 89 -30.77 46.89 13.74
C TYR K 89 -30.37 45.47 14.10
N TYR K 90 -30.56 44.54 13.16
CA TYR K 90 -30.25 43.14 13.37
C TYR K 90 -29.24 42.67 12.33
N CYS K 91 -28.37 41.76 12.76
CA CYS K 91 -27.43 41.09 11.86
C CYS K 91 -27.92 39.65 11.63
N GLN K 92 -28.00 39.25 10.37
CA GLN K 92 -28.49 37.93 10.01
C GLN K 92 -27.46 37.23 9.14
N GLN K 93 -27.34 35.92 9.32
CA GLN K 93 -26.44 35.09 8.53
C GLN K 93 -27.25 34.18 7.62
N SER K 94 -26.76 33.99 6.39
CA SER K 94 -27.42 33.14 5.40
C SER K 94 -26.69 31.83 5.17
N TYR K 95 -25.61 31.57 5.90
CA TYR K 95 -24.75 30.44 5.59
C TYR K 95 -25.37 29.11 6.02
N GLU K 96 -25.98 29.06 7.19
CA GLU K 96 -26.43 27.80 7.77
C GLU K 96 -27.86 27.91 8.29
N ASP K 97 -28.60 26.81 8.17
CA ASP K 97 -29.93 26.73 8.73
C ASP K 97 -29.86 26.86 10.25
N PRO K 98 -30.80 27.57 10.89
CA PRO K 98 -31.99 28.22 10.33
C PRO K 98 -31.78 29.68 9.94
N TYR K 99 -30.57 30.09 9.56
CA TYR K 99 -30.30 31.45 9.11
C TYR K 99 -30.68 32.46 10.19
N THR K 100 -29.97 32.36 11.32
CA THR K 100 -30.32 33.10 12.52
C THR K 100 -30.24 34.60 12.31
N PHE K 101 -31.23 35.32 12.86
CA PHE K 101 -31.24 36.78 12.86
C PHE K 101 -30.43 37.29 14.04
N GLY K 102 -30.44 38.61 14.25
CA GLY K 102 -29.76 39.22 15.36
C GLY K 102 -30.69 39.49 16.53
N GLY K 103 -30.10 39.60 17.72
CA GLY K 103 -30.89 39.91 18.89
C GLY K 103 -31.52 41.28 18.83
N GLY K 104 -30.75 42.28 18.46
CA GLY K 104 -31.23 43.64 18.33
C GLY K 104 -30.21 44.65 18.85
N THR K 105 -30.40 45.90 18.43
CA THR K 105 -29.54 46.99 18.88
C THR K 105 -30.33 48.29 18.74
N LYS K 106 -30.67 48.90 19.87
CA LYS K 106 -31.48 50.11 19.85
C LYS K 106 -30.64 51.34 19.52
N LEU K 107 -31.19 52.22 18.70
CA LEU K 107 -30.49 53.44 18.29
C LEU K 107 -31.47 54.43 17.66
N ILE L 1 -5.02 19.69 35.04
CA ILE L 1 -6.27 20.41 34.89
C ILE L 1 -6.44 21.41 36.04
N VAL L 2 -6.47 22.69 35.68
CA VAL L 2 -6.69 23.76 36.64
C VAL L 2 -8.16 24.12 36.68
N LEU L 3 -8.68 24.36 37.88
CA LEU L 3 -10.07 24.72 38.09
C LEU L 3 -10.15 26.15 38.60
N THR L 4 -10.95 26.97 37.93
CA THR L 4 -11.17 28.36 38.33
C THR L 4 -12.63 28.49 38.77
N GLN L 5 -12.84 28.70 40.07
CA GLN L 5 -14.17 28.79 40.64
C GLN L 5 -14.49 30.24 40.96
N SER L 6 -15.60 30.73 40.43
CA SER L 6 -16.00 32.12 40.59
C SER L 6 -17.41 32.20 41.14
N PRO L 7 -17.74 33.23 41.92
CA PRO L 7 -16.86 34.31 42.40
C PRO L 7 -16.02 33.89 43.60
N ALA L 8 -15.00 34.65 43.96
CA ALA L 8 -14.22 34.32 45.16
C ALA L 8 -15.07 34.42 46.41
N SER L 9 -15.93 35.42 46.49
CA SER L 9 -16.86 35.56 47.60
C SER L 9 -18.18 36.10 47.07
N LEU L 10 -19.28 35.45 47.45
CA LEU L 10 -20.62 35.84 47.02
C LEU L 10 -21.42 36.31 48.21
N ALA L 11 -22.06 37.47 48.07
CA ALA L 11 -22.87 38.07 49.13
C ALA L 11 -24.33 38.01 48.69
N VAL L 12 -25.08 37.09 49.29
CA VAL L 12 -26.49 36.88 48.96
C VAL L 12 -27.32 36.96 50.24
N THR L 13 -28.43 37.67 50.17
CA THR L 13 -29.33 37.77 51.31
C THR L 13 -30.25 36.56 51.37
N LEU L 14 -30.91 36.39 52.51
CA LEU L 14 -31.76 35.24 52.73
C LEU L 14 -32.97 35.28 51.81
N GLY L 15 -33.37 34.09 51.34
CA GLY L 15 -34.51 33.98 50.45
C GLY L 15 -34.25 34.32 49.00
N GLN L 16 -32.98 34.41 48.60
CA GLN L 16 -32.62 34.77 47.23
C GLN L 16 -31.67 33.73 46.65
N ARG L 17 -31.68 33.62 45.33
CA ARG L 17 -30.86 32.63 44.64
C ARG L 17 -29.39 33.00 44.72
N ALA L 18 -28.55 31.96 44.77
CA ALA L 18 -27.10 32.11 44.77
C ALA L 18 -26.50 31.17 43.73
N THR L 19 -25.56 31.68 42.93
CA THR L 19 -24.99 30.93 41.83
C THR L 19 -23.47 30.99 41.89
N ILE L 20 -22.83 29.83 41.82
CA ILE L 20 -21.38 29.71 41.82
C ILE L 20 -20.95 29.06 40.52
N SER L 21 -19.94 29.63 39.87
CA SER L 21 -19.46 29.16 38.58
C SER L 21 -18.09 28.52 38.75
N CYS L 22 -17.90 27.36 38.13
CA CYS L 22 -16.62 26.66 38.12
C CYS L 22 -16.24 26.32 36.69
N ARG L 23 -14.97 26.48 36.37
CA ARG L 23 -14.45 26.21 35.04
C ARG L 23 -13.29 25.22 35.14
N GLY L 24 -12.85 24.75 33.98
CA GLY L 24 -11.72 23.84 33.91
C GLY L 24 -10.95 24.02 32.63
N SER L 25 -9.65 23.72 32.67
CA SER L 25 -8.84 23.82 31.48
C SER L 25 -9.20 22.74 30.46
N GLU L 26 -9.58 21.56 30.94
CA GLU L 26 -9.92 20.44 30.08
C GLU L 26 -11.29 19.89 30.47
N SER L 27 -11.91 19.19 29.54
CA SER L 27 -13.22 18.59 29.78
C SER L 27 -13.10 17.43 30.76
N VAL L 28 -14.20 17.16 31.45
CA VAL L 28 -14.24 16.10 32.46
C VAL L 28 -15.41 15.16 32.17
N ASP L 29 -15.81 15.05 30.91
CA ASP L 29 -16.90 14.17 30.51
C ASP L 29 -16.33 12.86 29.99
N SER L 30 -16.92 11.75 30.43
CA SER L 30 -16.44 10.43 30.04
C SER L 30 -17.60 9.45 29.97
N TYR L 31 -17.86 8.92 28.77
CA TYR L 31 -18.79 7.82 28.57
C TYR L 31 -20.18 8.11 29.14
N GLY L 32 -20.68 9.32 28.88
CA GLY L 32 -22.00 9.71 29.34
C GLY L 32 -22.08 10.25 30.75
N ASN L 33 -20.95 10.50 31.40
CA ASN L 33 -20.93 11.10 32.73
C ASN L 33 -19.97 12.27 32.75
N SER L 34 -20.38 13.34 33.43
CA SER L 34 -19.51 14.50 33.67
C SER L 34 -19.04 14.46 35.11
N PHE L 35 -17.73 14.39 35.30
CA PHE L 35 -17.15 14.15 36.63
C PHE L 35 -16.71 15.48 37.24
N MET L 36 -17.68 16.24 37.71
CA MET L 36 -17.47 17.46 38.47
C MET L 36 -18.36 17.40 39.71
N HIS L 37 -17.80 17.73 40.87
CA HIS L 37 -18.48 17.52 42.14
C HIS L 37 -18.36 18.78 42.99
N TRP L 38 -19.40 19.02 43.80
CA TRP L 38 -19.48 20.20 44.66
C TRP L 38 -19.47 19.77 46.11
N TYR L 39 -18.61 20.41 46.91
CA TYR L 39 -18.49 20.12 48.33
C TYR L 39 -18.87 21.34 49.15
N GLN L 40 -19.22 21.11 50.41
CA GLN L 40 -19.47 22.16 51.38
C GLN L 40 -18.59 21.92 52.60
N GLN L 41 -17.91 22.97 53.06
CA GLN L 41 -17.06 22.86 54.24
C GLN L 41 -17.34 24.04 55.18
N LYS L 42 -17.57 23.73 56.44
CA LYS L 42 -17.71 24.71 57.51
C LYS L 42 -16.47 24.70 58.39
N PRO L 43 -16.12 25.83 59.02
CA PRO L 43 -14.87 25.90 59.77
C PRO L 43 -14.82 24.87 60.89
N GLY L 44 -13.65 24.23 61.02
CA GLY L 44 -13.47 23.20 62.01
C GLY L 44 -14.09 21.86 61.67
N GLN L 45 -14.58 21.68 60.46
CA GLN L 45 -15.28 20.46 60.08
C GLN L 45 -14.77 19.96 58.74
N PRO L 46 -14.82 18.64 58.51
CA PRO L 46 -14.44 18.12 57.19
C PRO L 46 -15.48 18.51 56.15
N PRO L 47 -15.09 18.58 54.88
CA PRO L 47 -16.06 18.88 53.83
C PRO L 47 -17.09 17.78 53.70
N LYS L 48 -18.30 18.18 53.30
CA LYS L 48 -19.38 17.24 52.99
C LYS L 48 -19.72 17.38 51.51
N LEU L 49 -19.83 16.25 50.82
CA LEU L 49 -20.10 16.27 49.39
C LEU L 49 -21.55 16.62 49.14
N LEU L 50 -21.77 17.67 48.33
CA LEU L 50 -23.12 18.16 48.06
C LEU L 50 -23.72 17.54 46.81
N ILE L 51 -23.07 17.78 45.66
CA ILE L 51 -23.52 17.28 44.37
C ILE L 51 -22.38 16.51 43.74
N TYR L 52 -22.66 15.27 43.33
CA TYR L 52 -21.66 14.44 42.67
C TYR L 52 -22.06 14.20 41.22
N ARG L 53 -21.04 14.17 40.35
CA ARG L 53 -21.23 14.00 38.90
C ARG L 53 -22.08 15.12 38.30
N ALA L 54 -21.97 16.31 38.90
CA ALA L 54 -22.44 17.58 38.34
C ALA L 54 -23.96 17.73 38.33
N SER L 55 -24.70 16.65 38.64
CA SER L 55 -26.15 16.75 38.61
C SER L 55 -26.87 16.06 39.75
N ASN L 56 -26.21 15.20 40.53
CA ASN L 56 -26.89 14.29 41.44
C ASN L 56 -26.86 14.83 42.86
N LEU L 57 -28.02 14.83 43.50
CA LEU L 57 -28.11 15.26 44.89
C LEU L 57 -27.70 14.13 45.81
N GLU L 58 -26.73 14.41 46.69
CA GLU L 58 -26.26 13.40 47.64
C GLU L 58 -27.35 13.08 48.66
N SER L 59 -27.41 11.82 49.08
CA SER L 59 -28.37 11.41 50.08
C SER L 59 -28.13 12.13 51.39
N GLY L 60 -29.21 12.63 52.00
CA GLY L 60 -29.12 13.39 53.23
C GLY L 60 -29.02 14.89 53.06
N ILE L 61 -28.63 15.35 51.87
CA ILE L 61 -28.58 16.79 51.60
C ILE L 61 -30.01 17.31 51.47
N PRO L 62 -30.34 18.46 52.06
CA PRO L 62 -31.69 19.01 51.89
C PRO L 62 -31.98 19.36 50.44
N ALA L 63 -33.27 19.37 50.10
CA ALA L 63 -33.70 19.56 48.72
C ALA L 63 -33.39 20.95 48.19
N ARG L 64 -33.00 21.90 49.05
CA ARG L 64 -32.65 23.23 48.57
C ARG L 64 -31.49 23.19 47.59
N PHE L 65 -30.48 22.40 47.88
CA PHE L 65 -29.32 22.31 47.00
C PHE L 65 -29.67 21.56 45.72
N SER L 66 -29.17 22.06 44.60
CA SER L 66 -29.39 21.43 43.30
C SER L 66 -28.24 21.82 42.38
N GLY L 67 -27.83 20.89 41.53
CA GLY L 67 -26.69 21.11 40.67
C GLY L 67 -27.01 21.01 39.19
N SER L 68 -26.18 21.64 38.36
CA SER L 68 -26.35 21.59 36.92
C SER L 68 -25.02 21.95 36.28
N GLY L 69 -24.85 21.51 35.04
CA GLY L 69 -23.63 21.80 34.32
C GLY L 69 -23.45 21.05 33.03
N SER L 70 -22.58 21.57 32.17
CA SER L 70 -22.33 21.00 30.85
C SER L 70 -20.84 20.74 30.69
N ARG L 71 -20.40 20.43 29.47
CA ARG L 71 -18.98 20.24 29.20
C ARG L 71 -18.19 21.47 29.63
N THR L 72 -17.32 21.29 30.62
CA THR L 72 -16.32 22.27 31.05
C THR L 72 -16.96 23.45 31.78
N ASP L 73 -18.29 23.51 31.83
CA ASP L 73 -19.00 24.57 32.52
C ASP L 73 -19.99 23.96 33.50
N PHE L 74 -19.90 24.35 34.76
CA PHE L 74 -20.76 23.80 35.81
C PHE L 74 -21.14 24.91 36.77
N THR L 75 -22.31 24.76 37.40
CA THR L 75 -22.84 25.76 38.32
C THR L 75 -23.50 25.07 39.51
N LEU L 76 -23.58 25.81 40.61
CA LEU L 76 -24.27 25.38 41.82
C LEU L 76 -25.32 26.43 42.17
N THR L 77 -26.50 25.96 42.57
CA THR L 77 -27.65 26.84 42.79
C THR L 77 -28.30 26.55 44.14
N ILE L 78 -28.60 27.61 44.89
CA ILE L 78 -29.34 27.52 46.14
C ILE L 78 -30.41 28.61 46.09
N ASN L 79 -31.67 28.23 45.89
CA ASN L 79 -32.72 29.24 45.83
C ASN L 79 -33.08 29.76 47.22
N PRO L 80 -33.53 28.90 48.17
CA PRO L 80 -33.89 29.42 49.50
C PRO L 80 -32.71 29.43 50.47
N VAL L 81 -31.85 30.44 50.33
CA VAL L 81 -30.66 30.53 51.17
C VAL L 81 -31.06 30.58 52.64
N GLU L 82 -30.45 29.70 53.43
CA GLU L 82 -30.74 29.58 54.85
C GLU L 82 -29.52 29.97 55.68
N ALA L 83 -29.67 29.87 57.00
CA ALA L 83 -28.60 30.28 57.90
C ALA L 83 -27.39 29.36 57.81
N ASP L 84 -27.62 28.05 57.72
CA ASP L 84 -26.52 27.09 57.71
C ASP L 84 -25.75 27.07 56.40
N ASP L 85 -26.04 27.97 55.47
CA ASP L 85 -25.34 28.03 54.20
C ASP L 85 -24.09 28.90 54.25
N VAL L 86 -23.79 29.53 55.39
CA VAL L 86 -22.59 30.34 55.52
C VAL L 86 -21.40 29.39 55.64
N ALA L 87 -20.71 29.17 54.54
CA ALA L 87 -19.60 28.22 54.45
C ALA L 87 -18.89 28.46 53.13
N THR L 88 -17.90 27.61 52.84
CA THR L 88 -17.15 27.69 51.59
C THR L 88 -17.48 26.48 50.73
N TYR L 89 -17.59 26.71 49.42
CA TYR L 89 -17.95 25.68 48.46
C TYR L 89 -16.82 25.49 47.47
N TYR L 90 -16.46 24.23 47.22
CA TYR L 90 -15.38 23.88 46.31
C TYR L 90 -15.90 22.96 45.21
N CYS L 91 -15.38 23.15 44.00
CA CYS L 91 -15.65 22.25 42.88
C CYS L 91 -14.42 21.38 42.64
N GLN L 92 -14.64 20.07 42.58
CA GLN L 92 -13.55 19.11 42.45
C GLN L 92 -13.77 18.25 41.22
N GLN L 93 -12.68 17.88 40.55
CA GLN L 93 -12.72 17.01 39.39
C GLN L 93 -12.13 15.65 39.74
N SER L 94 -12.78 14.60 39.25
CA SER L 94 -12.35 13.22 39.50
C SER L 94 -11.76 12.57 38.26
N TYR L 95 -11.54 13.34 37.19
CA TYR L 95 -11.17 12.75 35.91
C TYR L 95 -9.68 12.51 35.80
N GLU L 96 -8.85 13.41 36.34
CA GLU L 96 -7.41 13.36 36.14
C GLU L 96 -6.66 13.57 37.44
N ASP L 97 -5.55 12.86 37.58
CA ASP L 97 -4.64 13.08 38.70
C ASP L 97 -4.04 14.49 38.61
N PRO L 98 -3.84 15.18 39.74
CA PRO L 98 -3.98 14.77 41.14
C PRO L 98 -5.38 15.02 41.71
N TYR L 99 -6.37 15.11 40.82
CA TYR L 99 -7.78 15.17 41.20
C TYR L 99 -8.06 16.43 42.03
N THR L 100 -7.80 17.57 41.40
CA THR L 100 -7.72 18.84 42.10
C THR L 100 -9.07 19.29 42.63
N PHE L 101 -9.04 19.97 43.77
CA PHE L 101 -10.21 20.62 44.34
C PHE L 101 -10.32 22.05 43.81
N GLY L 102 -11.34 22.77 44.27
CA GLY L 102 -11.48 24.16 43.91
C GLY L 102 -10.80 25.09 44.88
N GLY L 103 -10.55 26.31 44.42
CA GLY L 103 -9.92 27.30 45.29
C GLY L 103 -10.79 27.66 46.48
N GLY L 104 -12.06 27.93 46.22
CA GLY L 104 -13.01 28.28 47.27
C GLY L 104 -13.95 29.37 46.82
N THR L 105 -15.06 29.51 47.55
CA THR L 105 -16.04 30.56 47.28
C THR L 105 -16.79 30.84 48.57
N LYS L 106 -16.55 32.00 49.17
CA LYS L 106 -17.20 32.37 50.40
C LYS L 106 -18.63 32.82 50.13
N LEU L 107 -19.54 32.44 51.02
CA LEU L 107 -20.95 32.79 50.88
C LEU L 107 -21.67 32.61 52.21
C1 NAG M . 28.35 -13.32 8.60
C2 NAG M . 28.55 -13.62 10.09
C3 NAG M . 29.80 -12.92 10.62
C4 NAG M . 31.01 -13.22 9.75
C5 NAG M . 30.67 -12.98 8.27
C6 NAG M . 31.76 -13.43 7.33
C7 NAG M . 26.51 -14.07 11.40
C8 NAG M . 25.39 -13.41 12.18
N2 NAG M . 27.40 -13.22 10.86
O3 NAG M . 29.97 -13.32 11.94
O4 NAG M . 32.06 -12.35 10.15
O5 NAG M . 29.52 -13.69 7.92
O6 NAG M . 32.69 -12.39 7.16
O7 NAG M . 26.57 -15.28 11.30
C1 NAG M . 32.98 -12.99 11.06
C2 NAG M . 34.37 -12.38 10.86
C3 NAG M . 35.34 -12.95 11.89
C4 NAG M . 34.78 -12.77 13.30
C5 NAG M . 33.38 -13.39 13.36
C6 NAG M . 32.72 -13.24 14.71
C7 NAG M . 35.24 -11.68 8.66
C8 NAG M . 35.13 -10.25 9.14
N2 NAG M . 34.87 -12.62 9.53
O3 NAG M . 36.57 -12.29 11.72
O4 NAG M . 35.67 -13.42 14.17
O5 NAG M . 32.56 -12.78 12.38
O6 NAG M . 31.42 -13.76 14.67
O7 NAG M . 35.66 -11.92 7.54
C1 BMA M . 36.40 -12.42 14.93
C2 BMA M . 36.48 -12.92 16.37
C3 BMA M . 37.25 -11.90 17.24
C4 BMA M . 38.29 -11.05 16.47
C5 BMA M . 38.74 -11.66 15.14
C6 BMA M . 39.86 -12.68 15.29
O2 BMA M . 37.08 -14.20 16.36
O3 BMA M . 37.82 -12.63 18.30
O4 BMA M . 37.67 -9.79 16.26
O5 BMA M . 37.69 -12.24 14.38
O6 BMA M . 41.04 -12.00 15.64
C1 MAN M . 38.14 -11.71 19.36
C2 MAN M . 39.22 -12.39 20.23
C3 MAN M . 38.63 -13.63 20.89
C4 MAN M . 37.40 -13.25 21.71
C5 MAN M . 36.40 -12.53 20.80
C6 MAN M . 35.23 -11.98 21.59
O2 MAN M . 39.64 -11.42 21.18
O3 MAN M . 39.65 -14.21 21.68
O4 MAN M . 36.88 -14.43 22.25
O5 MAN M . 37.01 -11.44 20.14
O6 MAN M . 35.44 -10.61 21.82
C1 MAN M . 41.92 -11.94 14.50
C2 MAN M . 42.45 -13.36 14.26
C3 MAN M . 43.37 -13.79 15.40
C4 MAN M . 44.47 -12.76 15.63
C5 MAN M . 43.82 -11.38 15.84
C6 MAN M . 44.86 -10.28 15.96
O2 MAN M . 43.13 -13.33 13.03
O3 MAN M . 43.89 -15.05 15.08
O4 MAN M . 45.21 -13.17 16.75
O5 MAN M . 42.98 -11.07 14.73
O6 MAN M . 44.21 -9.09 16.31
C1 NAG N . 13.18 26.05 7.57
C2 NAG N . 12.67 24.87 6.73
C3 NAG N . 11.43 25.33 5.97
C4 NAG N . 10.40 25.99 6.87
C5 NAG N . 11.07 27.03 7.79
C6 NAG N . 10.13 27.63 8.82
C7 NAG N . 14.16 23.14 5.78
C8 NAG N . 13.63 22.20 6.84
N2 NAG N . 13.66 24.39 5.81
O3 NAG N . 10.91 24.21 5.30
O4 NAG N . 9.46 26.61 6.03
O5 NAG N . 12.16 26.45 8.46
O6 NAG N . 9.46 26.60 9.51
O7 NAG N . 15.00 22.78 4.97
C1 NAG N . 8.22 25.89 6.05
C2 NAG N . 7.09 26.93 5.91
C3 NAG N . 5.74 26.23 5.79
C4 NAG N . 5.77 25.13 4.72
C5 NAG N . 6.97 24.20 4.97
C6 NAG N . 7.13 23.12 3.93
C7 NAG N . 7.54 29.11 6.98
C8 NAG N . 8.08 29.57 5.66
N2 NAG N . 7.09 27.84 7.02
O3 NAG N . 4.77 27.20 5.48
O4 NAG N . 4.55 24.45 4.78
O5 NAG N . 8.15 24.97 4.99
O6 NAG N . 7.33 23.70 2.67
O7 NAG N . 7.52 29.85 7.95
C1 NAG O . 25.59 13.17 24.90
C2 NAG O . 25.46 13.04 26.43
C3 NAG O . 26.83 13.20 27.10
C4 NAG O . 27.85 12.27 26.46
C5 NAG O . 27.90 12.60 24.96
C6 NAG O . 28.92 11.82 24.16
C7 NAG O . 23.31 13.77 27.40
C8 NAG O . 22.88 12.32 27.37
N2 NAG O . 24.54 14.02 26.94
O3 NAG O . 26.67 12.95 28.47
O4 NAG O . 29.08 12.49 27.11
O5 NAG O . 26.62 12.33 24.42
O6 NAG O . 28.65 10.44 24.27
O7 NAG O . 22.57 14.64 27.83
C1 NAG O . 29.54 11.21 27.62
C2 NAG O . 31.08 11.24 27.72
C3 NAG O . 31.57 9.93 28.30
C4 NAG O . 30.83 9.56 29.58
C5 NAG O . 29.32 9.65 29.36
C6 NAG O . 28.49 9.36 30.59
C7 NAG O . 32.26 12.65 26.08
C8 NAG O . 32.81 12.67 24.67
N2 NAG O . 31.66 11.50 26.44
O3 NAG O . 32.96 10.04 28.52
O4 NAG O . 31.22 8.25 29.93
O5 NAG O . 29.01 10.95 28.90
O6 NAG O . 28.87 10.20 31.64
O7 NAG O . 32.36 13.63 26.82
C1 NAG P . 28.53 5.65 23.29
C2 NAG P . 28.25 4.15 23.14
C3 NAG P . 27.28 3.67 24.24
C4 NAG P . 27.67 4.16 25.63
C5 NAG P . 27.89 5.68 25.58
C6 NAG P . 28.33 6.30 26.88
C7 NAG P . 28.09 2.86 21.05
C8 NAG P . 27.31 2.73 19.76
N2 NAG P . 27.67 3.85 21.87
O3 NAG P . 27.22 2.28 24.17
O4 NAG P . 26.59 3.83 26.48
O5 NAG P . 28.90 5.94 24.62
O6 NAG P . 28.69 7.65 26.67
O7 NAG P . 29.04 2.14 21.29
C1 NAG P . 27.07 3.05 27.59
C2 NAG P . 25.87 2.72 28.48
C3 NAG P . 26.32 1.86 29.67
C4 NAG P . 27.08 0.63 29.16
C5 NAG P . 28.21 1.08 28.23
C6 NAG P . 29.01 -0.06 27.66
C7 NAG P . 25.69 4.90 29.70
C8 NAG P . 24.71 6.03 29.97
N2 NAG P . 25.19 3.92 28.92
O3 NAG P . 25.18 1.51 30.41
O4 NAG P . 27.57 -0.05 30.29
O5 NAG P . 27.66 1.84 27.18
O6 NAG P . 28.16 -0.97 27.01
O7 NAG P . 26.82 4.93 30.15
C1 NAG Q . 44.82 -15.38 -19.19
C2 NAG Q . 45.41 -16.79 -18.97
C3 NAG Q . 46.81 -16.67 -18.36
C4 NAG Q . 47.68 -15.76 -19.24
C5 NAG Q . 46.95 -14.44 -19.50
C6 NAG Q . 47.69 -13.50 -20.43
C7 NAG Q . 43.95 -17.73 -17.03
C8 NAG Q . 44.20 -16.61 -16.06
N2 NAG Q . 44.53 -17.71 -18.27
O3 NAG Q . 47.34 -17.95 -18.24
O4 NAG Q . 48.90 -15.55 -18.57
O5 NAG Q . 45.68 -14.70 -20.06
O6 NAG Q . 47.64 -14.00 -21.75
O7 NAG Q . 43.24 -18.65 -16.69
C1 NAG Q . 49.96 -16.24 -19.26
C2 NAG Q . 51.30 -15.52 -19.02
C3 NAG Q . 52.47 -16.32 -19.62
C4 NAG Q . 52.42 -17.77 -19.19
C5 NAG Q . 51.03 -18.34 -19.47
C6 NAG Q . 50.85 -19.79 -19.06
C7 NAG Q . 51.18 -13.46 -20.57
C8 NAG Q . 50.98 -14.22 -21.87
N2 NAG Q . 51.30 -14.12 -19.39
O3 NAG Q . 53.67 -15.70 -19.22
O4 NAG Q . 53.42 -18.46 -19.90
O5 NAG Q . 50.06 -17.57 -18.80
O6 NAG Q . 49.49 -20.12 -19.10
O7 NAG Q . 51.22 -12.23 -20.62
C1 NAG R . 2.93 7.71 -31.38
C2 NAG R . 3.80 8.92 -31.73
C3 NAG R . 3.01 9.95 -32.54
C4 NAG R . 2.27 9.30 -33.71
C5 NAG R . 1.47 8.11 -33.18
C6 NAG R . 0.70 7.35 -34.25
C7 NAG R . 5.58 9.47 -30.08
C8 NAG R . 6.53 8.64 -30.92
N2 NAG R . 4.32 9.54 -30.53
O3 NAG R . 3.90 10.95 -32.95
O4 NAG R . 1.40 10.26 -34.25
O5 NAG R . 2.34 7.21 -32.54
O6 NAG R . 1.59 6.94 -35.25
O7 NAG R . 5.96 10.02 -29.07
C1 NAG R . 1.95 10.86 -35.45
C2 NAG R . 0.80 11.20 -36.38
C3 NAG R . 1.29 12.03 -37.57
C4 NAG R . 2.16 13.20 -37.13
C5 NAG R . 3.28 12.66 -36.23
C6 NAG R . 4.24 13.68 -35.70
C7 NAG R . -1.15 9.73 -36.75
C8 NAG R . -1.99 10.78 -36.07
N2 NAG R . 0.16 10.01 -36.85
O3 NAG R . 0.16 12.48 -38.29
O4 NAG R . 2.67 13.76 -38.31
O5 NAG R . 2.67 12.02 -35.12
O6 NAG R . 3.63 14.43 -34.67
O7 NAG R . -1.65 8.69 -37.16
C1 BMA R . 2.29 15.15 -38.40
C2 BMA R . 3.54 15.92 -38.81
C3 BMA R . 3.22 17.43 -38.90
C4 BMA R . 1.72 17.76 -39.15
C5 BMA R . 0.96 16.63 -39.85
C6 BMA R . 1.14 16.68 -41.36
O2 BMA R . 3.99 15.38 -40.03
O3 BMA R . 4.06 17.96 -39.88
O4 BMA R . 1.16 18.05 -37.88
O5 BMA R . 1.26 15.34 -39.36
O6 BMA R . 1.02 15.36 -41.86
C1 MAN R . 5.37 18.20 -39.32
C2 MAN R . 5.57 19.71 -39.22
C3 MAN R . 5.49 20.31 -40.62
C4 MAN R . 6.53 19.64 -41.54
C5 MAN R . 6.39 18.11 -41.47
C6 MAN R . 7.57 17.43 -42.15
O2 MAN R . 6.84 19.91 -38.64
O3 MAN R . 5.71 21.69 -40.50
O4 MAN R . 6.28 20.13 -42.84
O5 MAN R . 6.37 17.66 -40.14
O6 MAN R . 7.15 16.19 -42.68
C1 MAN R . -0.15 15.27 -42.70
C2 MAN R . -0.48 13.79 -42.89
C3 MAN R . 0.63 13.12 -43.71
C4 MAN R . 0.85 13.86 -45.02
C5 MAN R . 1.14 15.34 -44.73
C6 MAN R . 1.23 16.16 -46.00
O2 MAN R . -1.72 13.73 -43.54
O3 MAN R . 0.26 11.77 -43.92
O4 MAN R . 1.94 13.24 -45.67
O5 MAN R . 0.09 15.89 -43.94
O6 MAN R . 0.67 15.43 -47.06
C1 NAG S . -22.15 20.18 -0.12
C2 NAG S . -21.24 18.94 -0.07
C3 NAG S . -21.28 18.32 1.32
C4 NAG S . -20.99 19.38 2.39
C5 NAG S . -21.96 20.54 2.22
C6 NAG S . -21.78 21.65 3.23
C7 NAG S . -20.92 17.67 -2.16
C8 NAG S . -21.55 16.63 -3.05
N2 NAG S . -21.64 17.97 -1.07
O3 NAG S . -20.35 17.26 1.34
O4 NAG S . -21.03 18.80 3.68
O5 NAG S . -21.81 21.07 0.92
O6 NAG S . -22.76 22.64 3.04
O7 NAG S . -19.84 18.16 -2.42
C1 NAG S . -22.28 18.11 3.92
C2 NAG S . -21.98 16.87 4.78
C3 NAG S . -23.28 16.10 5.00
C4 NAG S . -24.33 17.01 5.62
C5 NAG S . -24.47 18.28 4.76
C6 NAG S . -25.46 19.28 5.31
C7 NAG S . -19.74 15.85 4.73
C8 NAG S . -18.84 14.95 3.92
N2 NAG S . -20.96 16.04 4.19
O3 NAG S . -22.99 15.00 5.81
O4 NAG S . -25.53 16.29 5.68
O5 NAG S . -23.21 18.90 4.61
O6 NAG S . -25.04 19.72 6.58
O7 NAG S . -19.38 16.35 5.77
C1 NAG T . -9.17 32.67 -17.22
C2 NAG T . -8.28 33.92 -17.18
C3 NAG T . -8.63 34.87 -18.31
C4 NAG T . -8.64 34.13 -19.65
C5 NAG T . -9.63 32.98 -19.53
C6 NAG T . -9.79 32.16 -20.79
C7 NAG T . -7.48 34.68 -14.95
C8 NAG T . -6.17 33.97 -15.25
N2 NAG T . -8.42 34.60 -15.91
O3 NAG T . -7.70 35.92 -18.29
O4 NAG T . -8.98 35.06 -20.65
O5 NAG T . -9.17 32.11 -18.51
O6 NAG T . -8.56 31.57 -21.14
O7 NAG T . -7.65 35.26 -13.90
C1 NAG T . -7.92 35.07 -21.63
C2 NAG T . -8.51 35.48 -22.99
C3 NAG T . -7.39 35.53 -24.03
C4 NAG T . -6.22 36.36 -23.54
C5 NAG T . -5.80 35.90 -22.14
C6 NAG T . -4.66 36.71 -21.54
C7 NAG T . -10.85 34.85 -23.41
C8 NAG T . -11.75 33.72 -23.88
N2 NAG T . -9.54 34.56 -23.40
O3 NAG T . -7.94 36.04 -25.22
O4 NAG T . -5.17 36.19 -24.47
O5 NAG T . -6.91 35.99 -21.29
O6 NAG T . -4.98 38.09 -21.56
O7 NAG T . -11.32 35.93 -23.07
C1 NAG U . -5.16 28.69 -23.18
C2 NAG U . -3.94 27.87 -23.63
C3 NAG U . -2.66 28.42 -22.99
C4 NAG U . -2.53 29.94 -23.11
C5 NAG U . -3.83 30.57 -22.61
C6 NAG U . -3.86 32.09 -22.70
C7 NAG U . -3.89 25.45 -24.09
C8 NAG U . -4.09 24.09 -23.45
N2 NAG U . -4.07 26.49 -23.25
O3 NAG U . -1.56 27.76 -23.57
O4 NAG U . -1.44 30.32 -22.33
O5 NAG U . -4.90 30.07 -23.38
O6 NAG U . -5.16 32.55 -22.40
O7 NAG U . -3.60 25.58 -25.26
C1 NAG U . -0.49 31.06 -23.13
C2 NAG U . 0.62 31.57 -22.20
C3 NAG U . 1.67 32.32 -23.02
C4 NAG U . 2.16 31.46 -24.17
C5 NAG U . 0.96 30.97 -24.99
C6 NAG U . 1.32 30.09 -26.16
C7 NAG U . -0.58 33.56 -21.25
C8 NAG U . -1.02 34.17 -19.95
N2 NAG U . 0.08 32.38 -21.14
O3 NAG U . 2.71 32.68 -22.15
O4 NAG U . 3.02 32.25 -24.95
O5 NAG U . 0.09 30.26 -24.13
O6 NAG U . 1.95 28.92 -25.70
O7 NAG U . -0.81 34.12 -22.32
C1 NAG V . -15.05 -14.43 -46.61
C2 NAG V . -14.07 -14.71 -47.76
C3 NAG V . -14.46 -13.86 -48.99
C4 NAG V . -15.93 -14.08 -49.35
C5 NAG V . -16.80 -13.89 -48.09
C6 NAG V . -18.27 -14.16 -48.31
C7 NAG V . -11.85 -13.66 -46.94
C8 NAG V . -12.38 -12.26 -46.73
N2 NAG V . -12.67 -14.64 -47.40
O3 NAG V . -13.60 -14.22 -50.04
O4 NAG V . -16.28 -13.16 -50.34
O5 NAG V . -16.35 -14.75 -47.07
O6 NAG V . -18.47 -15.55 -48.50
O7 NAG V . -10.67 -13.87 -46.72
C1 NAG V . -16.46 -13.87 -51.60
C2 NAG V . -17.43 -13.07 -52.49
C3 NAG V . -17.55 -13.70 -53.88
C4 NAG V . -16.17 -13.95 -54.48
C5 NAG V . -15.31 -14.73 -53.47
C6 NAG V . -13.91 -15.01 -53.95
C7 NAG V . -19.75 -13.60 -51.46
C8 NAG V . -19.68 -15.09 -51.61
N2 NAG V . -18.73 -12.80 -51.88
O3 NAG V . -18.32 -12.85 -54.69
O4 NAG V . -16.34 -14.66 -55.68
O5 NAG V . -15.23 -13.99 -52.27
O6 NAG V . -13.12 -15.44 -52.88
O7 NAG V . -20.76 -13.10 -50.97
C1 NAG W . -21.87 -23.95 1.27
C2 NAG W . -23.35 -23.57 1.07
C3 NAG W . -24.17 -24.03 2.26
C4 NAG W . -23.94 -25.50 2.59
C5 NAG W . -22.44 -25.79 2.66
C6 NAG W . -22.09 -27.24 2.80
C7 NAG W . -23.75 -21.54 -0.29
C8 NAG W . -23.85 -20.04 -0.22
N2 NAG W . -23.48 -22.15 0.89
O3 NAG W . -25.51 -23.74 1.96
O4 NAG W . -24.55 -25.78 3.83
O5 NAG W . -21.81 -25.34 1.48
O6 NAG W . -22.19 -27.63 4.15
O7 NAG W . -23.90 -22.15 -1.33
C1 NAG W . -25.85 -26.37 3.68
C2 NAG W . -26.11 -27.28 4.87
C3 NAG W . -27.53 -27.83 4.83
C4 NAG W . -28.54 -26.70 4.69
C5 NAG W . -28.16 -25.85 3.47
C6 NAG W . -29.07 -24.67 3.23
C7 NAG W . -24.37 -28.68 5.97
C8 NAG W . -24.53 -27.81 7.18
N2 NAG W . -25.15 -28.37 4.91
O3 NAG W . -27.75 -28.58 5.99
O4 NAG W . -29.80 -27.31 4.58
O5 NAG W . -26.84 -25.37 3.63
O6 NAG W . -28.59 -23.91 2.14
O7 NAG W . -23.57 -29.60 5.95
C1 BMA W . -30.69 -26.74 5.55
C2 BMA W . -32.12 -26.88 5.02
C3 BMA W . -33.08 -26.15 5.97
C4 BMA W . -32.58 -26.02 7.42
C5 BMA W . -31.54 -27.08 7.82
C6 BMA W . -32.18 -28.37 8.35
O2 BMA W . -32.40 -28.26 4.91
O3 BMA W . -34.34 -26.78 5.86
O4 BMA W . -32.05 -24.72 7.55
O5 BMA W . -30.60 -27.39 6.80
O6 BMA W . -31.21 -29.38 8.26
C1 MAN W . -34.95 -26.41 4.61
C2 MAN W . -36.33 -25.81 4.91
C3 MAN W . -37.04 -25.46 3.60
C4 MAN W . -37.05 -26.64 2.62
C5 MAN W . -35.68 -27.32 2.51
C6 MAN W . -34.69 -26.53 1.68
O2 MAN W . -36.12 -24.68 5.71
O3 MAN W . -36.42 -24.31 3.07
O4 MAN W . -38.03 -27.54 3.07
O5 MAN W . -35.10 -27.53 3.80
O6 MAN W . -33.62 -27.37 1.30
C1 MAN W . -31.85 -30.67 8.44
C2 MAN W . -32.85 -30.86 7.30
C3 MAN W . -33.58 -32.19 7.48
C4 MAN W . -34.19 -32.31 8.87
C5 MAN W . -33.21 -31.89 9.99
C6 MAN W . -32.17 -32.95 10.27
O2 MAN W . -32.12 -30.81 6.10
O3 MAN W . -32.66 -33.22 7.19
O4 MAN W . -35.35 -31.51 8.88
O5 MAN W . -32.54 -30.69 9.66
O6 MAN W . -32.68 -34.22 9.93
C1 NAG X . -6.82 3.75 28.80
C2 NAG X . -6.17 3.27 27.50
C3 NAG X . -4.94 4.12 27.20
C4 NAG X . -5.27 5.61 27.26
C5 NAG X . -5.94 5.92 28.60
C6 NAG X . -6.33 7.37 28.77
C7 NAG X . -6.30 0.90 26.80
C8 NAG X . -5.77 -0.48 27.08
N2 NAG X . -5.80 1.88 27.59
O3 NAG X . -4.43 3.74 25.94
O4 NAG X . -4.05 6.31 27.11
O5 NAG X . -7.10 5.12 28.72
O6 NAG X . -6.93 7.56 30.03
O7 NAG X . -7.13 1.11 25.92
C1 NAG X . -4.10 7.10 25.89
C2 NAG X . -2.66 7.55 25.60
C3 NAG X . -2.65 8.38 24.31
C4 NAG X . -3.31 7.60 23.18
C5 NAG X . -4.70 7.14 23.62
C6 NAG X . -5.44 6.32 22.57
C7 NAG X . -1.30 7.79 27.64
C8 NAG X . -0.89 8.76 28.71
N2 NAG X . -2.14 8.30 26.71
O3 NAG X . -1.32 8.71 24.02
O4 NAG X . -3.39 8.46 22.06
O5 NAG X . -4.58 6.36 24.80
O6 NAG X . -5.66 7.11 21.43
O7 NAG X . -0.91 6.64 27.62
C1 NAG Y . -30.01 -3.30 23.24
C2 NAG Y . -31.34 -2.59 22.99
C3 NAG Y . -32.46 -3.29 23.77
C4 NAG Y . -32.46 -4.78 23.47
C5 NAG Y . -31.07 -5.33 23.83
C6 NAG Y . -30.92 -6.83 23.65
C7 NAG Y . -31.21 -0.16 22.54
C8 NAG Y . -31.23 -0.49 21.06
N2 NAG Y . -31.27 -1.21 23.39
O3 NAG Y . -33.68 -2.68 23.43
O4 NAG Y . -33.50 -5.37 24.22
O5 NAG Y . -30.13 -4.69 23.01
O6 NAG Y . -31.22 -7.16 22.31
O7 NAG Y . -31.15 0.99 22.92
C1 NAG Y . -34.39 -6.03 23.30
C2 NAG Y . -35.13 -7.17 24.03
C3 NAG Y . -36.11 -7.84 23.07
C4 NAG Y . -37.00 -6.81 22.37
C5 NAG Y . -36.13 -5.71 21.76
C6 NAG Y . -36.92 -4.61 21.07
C7 NAG Y . -33.89 -8.26 25.85
C8 NAG Y . -32.89 -9.35 26.17
N2 NAG Y . -34.20 -8.13 24.56
O3 NAG Y . -36.86 -8.77 23.80
O4 NAG Y . -37.73 -7.51 21.37
O5 NAG Y . -35.35 -5.13 22.78
O6 NAG Y . -37.88 -4.08 21.97
O7 NAG Y . -34.38 -7.57 26.74
C1 NAG Z . -31.18 -9.49 17.92
C2 NAG Z . -31.24 -9.96 16.47
C3 NAG Z . -31.92 -8.92 15.58
C4 NAG Z . -33.23 -8.39 16.18
C5 NAG Z . -32.95 -7.94 17.61
C6 NAG Z . -34.16 -7.40 18.35
C7 NAG Z . -29.50 -11.31 15.33
C8 NAG Z . -28.08 -11.29 14.84
N2 NAG Z . -29.92 -10.18 15.93
O3 NAG Z . -32.13 -9.50 14.32
O4 NAG Z . -33.62 -7.31 15.37
O5 NAG Z . -32.46 -9.05 18.32
O6 NAG Z . -33.82 -7.13 19.69
O7 NAG Z . -30.22 -12.30 15.18
C1 NAG Z . -34.96 -7.51 14.89
C2 NAG Z . -35.36 -6.29 14.04
C3 NAG Z . -36.77 -6.47 13.50
C4 NAG Z . -36.88 -7.81 12.76
C5 NAG Z . -36.40 -8.93 13.67
C6 NAG Z . -36.44 -10.30 13.03
C7 NAG Z . -35.89 -4.69 15.89
C8 NAG Z . -35.52 -3.33 16.43
N2 NAG Z . -35.22 -5.06 14.78
O3 NAG Z . -37.06 -5.38 12.66
O4 NAG Z . -38.22 -7.97 12.39
O5 NAG Z . -35.08 -8.67 14.10
O6 NAG Z . -35.70 -10.29 11.84
O7 NAG Z . -36.75 -5.37 16.43
C1 NAG AA . -4.14 -50.35 7.56
C2 NAG AA . -4.90 -51.27 6.58
C3 NAG AA . -5.99 -52.04 7.33
C4 NAG AA . -5.36 -52.79 8.51
C5 NAG AA . -4.52 -51.82 9.35
C6 NAG AA . -3.79 -52.47 10.50
C7 NAG AA . -6.21 -49.60 5.09
C8 NAG AA . -6.93 -48.89 6.21
N2 NAG AA . -5.36 -50.62 5.36
O3 NAG AA . -6.62 -52.90 6.43
O4 NAG AA . -6.41 -53.35 9.27
O5 NAG AA . -3.56 -51.18 8.54
O6 NAG AA . -2.75 -53.29 10.01
O7 NAG AA . -6.44 -49.24 3.94
C1 NAG AA . -6.41 -54.78 9.10
C2 NAG AA . -7.07 -55.43 10.33
C3 NAG AA . -7.22 -56.95 10.14
C4 NAG AA . -7.87 -57.25 8.79
C5 NAG AA . -7.11 -56.53 7.68
C6 NAG AA . -7.67 -56.76 6.30
C7 NAG AA . -5.25 -55.27 12.17
C8 NAG AA . -4.18 -56.02 11.40
N2 NAG AA . -6.48 -55.07 11.60
O3 NAG AA . -7.97 -57.46 11.21
O4 NAG AA . -7.85 -58.65 8.62
O5 NAG AA . -7.12 -55.15 7.94
O6 NAG AA . -7.11 -55.83 5.40
O7 NAG AA . -5.00 -54.85 13.28
C1 NAG BA . 35.62 -31.94 -16.60
C2 NAG BA . 36.95 -31.22 -16.90
C3 NAG BA . 38.10 -32.21 -16.90
C4 NAG BA . 38.08 -33.17 -15.70
C5 NAG BA . 36.67 -33.70 -15.45
C6 NAG BA . 36.55 -34.51 -14.17
C7 NAG BA . 36.41 -29.30 -18.37
C8 NAG BA . 36.48 -28.82 -19.80
N2 NAG BA . 36.89 -30.53 -18.16
O3 NAG BA . 39.29 -31.48 -16.96
O4 NAG BA . 38.94 -34.22 -16.05
O5 NAG BA . 35.76 -32.63 -15.37
O6 NAG BA . 35.22 -34.95 -13.99
O7 NAG BA . 35.93 -28.60 -17.49
C1 NAG BA . 40.05 -34.33 -15.13
C2 NAG BA . 40.48 -35.80 -15.08
C3 NAG BA . 41.74 -35.97 -14.23
C4 NAG BA . 42.82 -35.01 -14.72
C5 NAG BA . 42.26 -33.59 -14.71
C6 NAG BA . 43.25 -32.54 -15.18
C7 NAG BA . 38.78 -37.60 -15.24
C8 NAG BA . 39.22 -37.79 -16.67
N2 NAG BA . 39.43 -36.63 -14.56
O3 NAG BA . 42.14 -37.30 -14.33
O4 NAG BA . 43.93 -35.15 -13.85
O5 NAG BA . 41.13 -33.53 -15.55
O6 NAG BA . 43.66 -32.85 -16.49
O7 NAG BA . 37.89 -38.28 -14.75
C1 BMA BA . 45.03 -35.72 -14.59
C2 BMA BA . 46.30 -34.99 -14.16
C3 BMA BA . 47.52 -35.54 -14.95
C4 BMA BA . 47.36 -36.97 -15.46
C5 BMA BA . 46.33 -37.81 -14.70
C6 BMA BA . 46.90 -38.51 -13.47
O2 BMA BA . 46.44 -35.12 -12.77
O3 BMA BA . 48.64 -35.36 -14.12
O4 BMA BA . 47.01 -36.86 -16.82
O5 BMA BA . 45.15 -37.10 -14.33
O6 BMA BA . 45.86 -39.27 -12.88
C1 NAG CA . 30.32 -42.52 -31.62
C2 NAG CA . 31.25 -42.99 -32.75
C3 NAG CA . 32.44 -43.76 -32.19
C4 NAG CA . 33.10 -42.98 -31.06
C5 NAG CA . 32.05 -42.58 -30.03
C6 NAG CA . 32.58 -41.80 -28.85
C7 NAG CA . 30.23 -43.45 -34.95
C8 NAG CA . 30.78 -42.11 -35.38
N2 NAG CA . 30.50 -43.79 -33.68
O3 NAG CA . 33.32 -44.00 -33.25
O4 NAG CA . 34.09 -43.82 -30.49
O5 NAG CA . 31.06 -41.81 -30.67
O6 NAG CA . 33.23 -40.64 -29.31
O7 NAG CA . 29.60 -44.16 -35.72
C1 NAG CA . 35.39 -43.26 -30.80
C2 NAG CA . 36.36 -43.64 -29.67
C3 NAG CA . 37.75 -43.13 -30.00
C4 NAG CA . 38.19 -43.54 -31.40
C5 NAG CA . 37.09 -43.18 -32.42
C6 NAG CA . 37.41 -43.62 -33.83
C7 NAG CA . 35.39 -43.82 -27.41
C8 NAG CA . 35.01 -43.01 -26.19
N2 NAG CA . 35.91 -43.10 -28.42
O3 NAG CA . 38.63 -43.62 -29.02
O4 NAG CA . 39.38 -42.83 -31.68
O5 NAG CA . 35.88 -43.78 -32.01
O6 NAG CA . 37.76 -44.99 -33.83
O7 NAG CA . 35.23 -45.03 -27.45
C1 BMA CA . 40.47 -43.75 -31.82
C2 BMA CA . 41.68 -42.94 -32.25
C3 BMA CA . 42.92 -43.85 -32.39
C4 BMA CA . 42.86 -45.16 -31.56
C5 BMA CA . 41.94 -45.08 -30.34
C6 BMA CA . 42.62 -44.46 -29.12
O2 BMA CA . 41.87 -41.91 -31.31
O3 BMA CA . 44.04 -43.06 -32.08
O4 BMA CA . 42.45 -46.18 -32.45
O5 BMA CA . 40.71 -44.41 -30.59
O6 BMA CA . 43.68 -45.30 -28.75
C1 NAG DA . 25.79 -20.79 -49.34
C2 NAG DA . 24.86 -21.59 -50.27
C3 NAG DA . 24.82 -20.96 -51.66
C4 NAG DA . 24.67 -19.45 -51.65
C5 NAG DA . 25.68 -18.85 -50.66
C6 NAG DA . 25.62 -17.34 -50.50
C7 NAG DA . 24.56 -24.07 -50.30
C8 NAG DA . 23.08 -23.87 -50.08
N2 NAG DA . 25.31 -22.95 -50.38
O3 NAG DA . 23.76 -21.58 -52.37
O4 NAG DA . 24.94 -19.02 -52.96
O5 NAG DA . 25.46 -19.44 -49.40
O6 NAG DA . 24.50 -17.00 -49.72
O7 NAG DA . 25.03 -25.20 -50.42
C1 NAG DA . 23.83 -18.25 -53.46
C2 NAG DA . 24.39 -17.27 -54.52
C3 NAG DA . 23.24 -16.45 -55.11
C4 NAG DA . 22.14 -17.36 -55.61
C5 NAG DA . 21.72 -18.32 -54.50
C6 NAG DA . 20.64 -19.31 -54.88
C7 NAG DA . 26.72 -16.60 -54.23
C8 NAG DA . 27.64 -15.61 -53.55
N2 NAG DA . 25.41 -16.44 -53.98
O3 NAG DA . 23.79 -15.63 -56.12
O4 NAG DA . 21.06 -16.55 -56.03
O5 NAG DA . 22.85 -19.05 -54.05
O6 NAG DA . 21.13 -20.19 -55.85
O7 NAG DA . 27.16 -17.49 -54.94
C1 BMA DA . 21.03 -16.48 -57.47
C2 BMA DA . 19.97 -17.48 -57.95
C3 BMA DA . 19.89 -17.45 -59.50
C4 BMA DA . 20.30 -16.11 -60.14
C5 BMA DA . 20.24 -14.90 -59.20
C6 BMA DA . 18.86 -14.27 -59.12
O2 BMA DA . 18.76 -17.18 -57.33
O3 BMA DA . 18.57 -17.83 -59.83
O4 BMA DA . 21.62 -16.31 -60.64
O5 BMA DA . 20.72 -15.17 -57.89
O6 BMA DA . 18.90 -13.31 -58.08
C1 FUC DA . 24.16 -15.61 -49.99
C2 FUC DA . 22.65 -15.51 -50.21
C3 FUC DA . 21.91 -15.90 -48.94
C4 FUC DA . 22.36 -15.00 -47.78
C5 FUC DA . 23.88 -15.09 -47.66
C6 FUC DA . 24.46 -14.15 -46.64
O2 FUC DA . 22.30 -16.32 -51.30
O3 FUC DA . 20.53 -15.80 -49.21
O4 FUC DA . 21.90 -13.70 -48.02
O5 FUC DA . 24.51 -14.80 -48.90
C1 NAG EA . 2.81 -21.03 -46.03
C2 NAG EA . 1.55 -20.72 -46.84
C3 NAG EA . 1.83 -20.90 -48.33
C4 NAG EA . 3.13 -20.22 -48.78
C5 NAG EA . 4.26 -20.50 -47.78
C6 NAG EA . 5.53 -19.72 -48.07
C7 NAG EA . -0.42 -21.35 -45.45
C8 NAG EA . -1.48 -22.41 -45.30
N2 NAG EA . 0.45 -21.58 -46.47
O3 NAG EA . 0.72 -20.42 -49.04
O4 NAG EA . 3.42 -20.77 -50.04
O5 NAG EA . 3.85 -20.20 -46.47
O6 NAG EA . 6.52 -20.05 -47.13
O7 NAG EA . -0.35 -20.39 -44.71
C1 NAG EA . 3.51 -19.76 -51.06
C2 NAG EA . 4.43 -20.31 -52.16
C3 NAG EA . 4.48 -19.35 -53.36
C4 NAG EA . 3.07 -19.00 -53.81
C5 NAG EA . 2.27 -18.48 -52.61
C6 NAG EA . 0.85 -18.10 -52.94
C7 NAG EA . 6.33 -21.72 -51.46
C8 NAG EA . 5.47 -22.92 -51.79
N2 NAG EA . 5.76 -20.53 -51.67
O3 NAG EA . 5.22 -19.97 -54.36
O4 NAG EA . 3.19 -18.02 -54.82
O5 NAG EA . 2.26 -19.47 -51.61
O6 NAG EA . 0.21 -19.21 -53.55
O7 NAG EA . 7.48 -21.86 -51.04
C1 BMA EA . 2.76 -18.58 -56.08
C2 BMA EA . 1.51 -17.84 -56.53
C3 BMA EA . 0.97 -18.46 -57.84
C4 BMA EA . 2.05 -19.14 -58.72
C5 BMA EA . 3.47 -18.66 -58.44
C6 BMA EA . 3.85 -17.40 -59.23
O2 BMA EA . 1.83 -16.47 -56.65
O3 BMA EA . 0.28 -17.44 -58.52
O4 BMA EA . 1.91 -20.52 -58.49
O5 BMA EA . 3.77 -18.46 -57.07
O6 BMA EA . 5.04 -16.89 -58.68
C1 NAG FA . 6.33 -39.84 -45.85
C2 NAG FA . 5.85 -40.88 -46.86
C3 NAG FA . 6.19 -40.47 -48.29
C4 NAG FA . 5.79 -39.02 -48.56
C5 NAG FA . 6.35 -38.12 -47.46
C6 NAG FA . 6.03 -36.65 -47.60
C7 NAG FA . 5.76 -43.25 -46.13
C8 NAG FA . 4.27 -43.06 -46.02
N2 NAG FA . 6.44 -42.15 -46.55
O3 NAG FA . 5.54 -41.35 -49.15
O4 NAG FA . 6.31 -38.68 -49.83
O5 NAG FA . 5.84 -38.57 -46.22
O6 NAG FA . 4.63 -36.48 -47.64
O7 NAG FA . 6.30 -44.31 -45.88
C1 NAG FA . 5.21 -38.41 -50.71
C2 NAG FA . 5.66 -37.37 -51.75
C3 NAG FA . 4.51 -37.09 -52.73
C4 NAG FA . 3.92 -38.38 -53.29
C5 NAG FA . 3.64 -39.39 -52.16
C6 NAG FA . 3.17 -40.74 -52.65
C7 NAG FA . 7.35 -35.73 -50.98
C8 NAG FA . 7.51 -34.41 -50.27
N2 NAG FA . 6.08 -36.15 -51.11
O3 NAG FA . 4.99 -36.25 -53.74
O4 NAG FA . 2.72 -38.01 -53.93
O5 NAG FA . 4.82 -39.57 -51.40
O6 NAG FA . 4.03 -41.21 -53.65
O7 NAG FA . 8.31 -36.36 -51.40
C1 BMA FA . 2.82 -38.31 -55.34
C2 BMA FA . 1.51 -37.83 -55.98
C3 BMA FA . 1.52 -38.13 -57.49
C4 BMA FA . 2.93 -38.21 -58.12
C5 BMA FA . 4.01 -37.47 -57.33
C6 BMA FA . 4.09 -35.99 -57.67
O2 BMA FA . 1.35 -36.48 -55.68
O3 BMA FA . 0.71 -37.14 -58.09
O4 BMA FA . 3.24 -39.59 -58.24
O5 BMA FA . 3.92 -37.64 -55.93
O6 BMA FA . 4.47 -35.87 -59.02
C1 NAG GA . -17.09 -47.27 -31.71
C2 NAG GA . -16.52 -48.60 -31.21
C3 NAG GA . -17.65 -49.58 -30.88
C4 NAG GA . -18.78 -48.95 -30.07
C5 NAG GA . -19.20 -47.62 -30.71
C6 NAG GA . -20.27 -46.85 -29.97
C7 NAG GA . -14.46 -49.74 -32.03
C8 NAG GA . -13.94 -49.74 -30.61
N2 NAG GA . -15.67 -49.19 -32.22
O3 NAG GA . -17.08 -50.66 -30.21
O4 NAG GA . -19.83 -49.89 -30.09
O5 NAG GA . -18.06 -46.80 -30.81
O6 NAG GA . -19.73 -46.28 -28.80
O7 NAG GA . -13.81 -50.22 -32.95
C1 NAG GA . -20.24 -50.22 -28.75
C2 NAG GA . -21.72 -50.62 -28.78
C3 NAG GA . -22.18 -51.01 -27.38
C4 NAG GA . -21.25 -52.08 -26.80
C5 NAG GA . -19.80 -51.58 -26.87
C6 NAG GA . -18.78 -52.55 -26.34
C7 NAG GA . -23.08 -49.61 -30.55
C8 NAG GA . -23.90 -48.40 -30.92
N2 NAG GA . -22.52 -49.57 -29.32
O3 NAG GA . -23.51 -51.45 -27.48
O4 NAG GA . -21.65 -52.31 -25.47
O5 NAG GA . -19.48 -51.28 -28.22
O6 NAG GA . -18.79 -53.73 -27.11
O7 NAG GA . -22.95 -50.54 -31.31
C1 BMA GA . -22.37 -53.57 -25.40
C2 BMA GA . -21.39 -54.63 -24.93
C3 BMA GA . -22.10 -56.00 -24.82
C4 BMA GA . -23.62 -55.92 -24.55
C5 BMA GA . -24.08 -54.60 -23.95
C6 BMA GA . -23.96 -54.55 -22.42
O2 BMA GA . -20.82 -54.22 -23.72
O3 BMA GA . -21.42 -56.74 -23.83
O4 BMA GA . -24.24 -56.14 -25.81
O5 BMA GA . -23.45 -53.44 -24.50
O6 BMA GA . -24.19 -53.22 -22.01
C1 FUC GA . -20.80 -46.01 -27.87
C2 FUC GA . -20.36 -46.47 -26.48
C3 FUC GA . -19.16 -45.65 -26.01
C4 FUC GA . -19.52 -44.15 -26.03
C5 FUC GA . -20.03 -43.79 -27.42
C6 FUC GA . -20.54 -42.36 -27.51
O2 FUC GA . -20.08 -47.84 -26.52
O3 FUC GA . -18.81 -46.12 -24.73
O4 FUC GA . -20.47 -43.91 -25.02
O5 FUC GA . -21.10 -44.64 -27.82
C1 NAG HA . -6.05 -48.98 -11.41
C2 NAG HA . -6.17 -49.80 -10.13
C3 NAG HA . -6.83 -51.15 -10.45
C4 NAG HA . -8.08 -51.01 -11.31
C5 NAG HA . -7.87 -50.03 -12.46
C6 NAG HA . -9.12 -49.71 -13.25
C7 NAG HA . -4.27 -49.23 -8.65
C8 NAG HA . -2.91 -49.71 -8.18
N2 NAG HA . -4.88 -50.04 -9.53
O3 NAG HA . -7.10 -51.79 -9.23
O4 NAG HA . -8.34 -52.31 -11.81
O5 NAG HA . -7.33 -48.82 -11.96
O6 NAG HA . -8.83 -48.80 -14.27
O7 NAG HA . -4.74 -48.17 -8.26
C1 NAG HA . -9.63 -52.79 -11.40
C2 NAG HA . -10.12 -53.78 -12.46
C3 NAG HA . -11.44 -54.41 -12.03
C4 NAG HA . -11.33 -54.99 -10.62
C5 NAG HA . -10.79 -53.93 -9.67
C6 NAG HA . -10.58 -54.43 -8.26
C7 NAG HA . -9.53 -53.39 -14.83
C8 NAG HA . -8.46 -54.43 -14.66
N2 NAG HA . -10.28 -53.14 -13.74
O3 NAG HA . -11.79 -55.38 -12.98
O4 NAG HA . -12.62 -55.42 -10.24
O5 NAG HA . -9.54 -53.45 -10.15
O6 NAG HA . -9.70 -55.52 -8.27
O7 NAG HA . -9.70 -52.82 -15.90
C1 BMA HA . -12.64 -56.88 -10.17
C2 BMA HA . -12.93 -57.26 -8.73
C3 BMA HA . -12.91 -58.81 -8.60
C4 BMA HA . -13.29 -59.56 -9.88
C5 BMA HA . -14.09 -58.73 -10.90
C6 BMA HA . -15.59 -58.74 -10.64
O2 BMA HA . -14.15 -56.69 -8.35
O3 BMA HA . -13.74 -59.13 -7.50
O4 BMA HA . -12.08 -60.02 -10.45
O5 BMA HA . -13.64 -57.39 -11.04
O6 BMA HA . -16.05 -60.06 -10.81
C1 NAG IA . 7.35 -56.05 -23.04
C2 NAG IA . 7.90 -57.48 -23.06
C3 NAG IA . 6.75 -58.49 -23.17
C4 NAG IA . 5.67 -58.19 -22.14
C5 NAG IA . 5.24 -56.72 -22.24
C6 NAG IA . 4.18 -56.31 -21.25
C7 NAG IA . 10.15 -57.85 -23.99
C8 NAG IA . 10.63 -57.92 -22.56
N2 NAG IA . 8.83 -57.64 -24.14
O3 NAG IA . 7.30 -59.77 -23.00
O4 NAG IA . 4.59 -59.06 -22.42
O5 NAG IA . 6.38 -55.93 -22.03
O6 NAG IA . 4.63 -56.56 -19.94
O7 NAG IA . 10.93 -57.97 -24.93
C1 NAG IA . 4.43 -59.97 -21.32
C2 NAG IA . 2.96 -60.39 -21.22
C3 NAG IA . 2.79 -61.36 -20.06
C4 NAG IA . 3.79 -62.51 -20.12
C5 NAG IA . 5.21 -61.98 -20.38
C6 NAG IA . 6.23 -63.08 -20.60
C7 NAG IA . 1.31 -58.70 -21.96
C8 NAG IA . 0.53 -57.50 -21.51
N2 NAG IA . 2.12 -59.24 -21.03
O3 NAG IA . 1.47 -61.82 -20.07
O4 NAG IA . 3.72 -63.17 -18.88
O5 NAG IA . 5.20 -61.14 -21.51
O6 NAG IA . 5.76 -63.98 -21.57
O7 NAG IA . 1.20 -59.15 -23.10
C1 BMA IA . 3.26 -64.52 -19.07
C2 BMA IA . 3.13 -65.15 -17.68
C3 BMA IA . 2.65 -66.61 -17.80
C4 BMA IA . 1.85 -66.92 -19.07
C5 BMA IA . 1.20 -65.70 -19.73
C6 BMA IA . -0.16 -65.35 -19.12
O2 BMA IA . 2.27 -64.34 -16.92
O3 BMA IA . 1.93 -66.88 -16.62
O4 BMA IA . 2.75 -67.54 -19.97
O5 BMA IA . 2.02 -64.54 -19.75
O6 BMA IA . -1.04 -66.42 -19.36
C1 NAG JA . 29.34 -51.39 -5.69
C2 NAG JA . 30.38 -51.41 -6.81
C3 NAG JA . 31.78 -51.74 -6.25
C4 NAG JA . 32.12 -50.97 -4.98
C5 NAG JA . 30.95 -51.07 -3.99
C6 NAG JA . 31.13 -50.30 -2.70
C7 NAG JA . 30.06 -52.25 -9.13
C8 NAG JA . 30.47 -50.89 -9.64
N2 NAG JA . 30.04 -52.40 -7.79
O3 NAG JA . 32.71 -51.48 -7.27
O4 NAG JA . 33.27 -51.60 -4.47
O5 NAG JA . 29.80 -50.58 -4.64
O6 NAG JA . 30.99 -48.91 -2.95
O7 NAG JA . 29.74 -53.14 -9.91
C1 NAG JA . 34.33 -50.64 -4.27
C2 NAG JA . 35.24 -51.15 -3.14
C3 NAG JA . 36.38 -50.16 -2.93
C4 NAG JA . 37.11 -49.92 -4.24
C5 NAG JA . 36.10 -49.48 -5.30
C6 NAG JA . 36.70 -49.23 -6.67
C7 NAG JA . 34.05 -52.54 -1.51
C8 NAG JA . 33.28 -52.54 -0.22
N2 NAG JA . 34.48 -51.34 -1.93
O3 NAG JA . 37.22 -50.70 -1.93
O4 NAG JA . 38.09 -48.91 -4.00
O5 NAG JA . 35.10 -50.48 -5.43
O6 NAG JA . 37.21 -50.43 -7.19
O7 NAG JA . 34.28 -53.59 -2.12
C1 BMA JA . 39.39 -49.52 -3.94
C2 BMA JA . 40.06 -49.34 -5.30
C3 BMA JA . 41.48 -49.95 -5.29
C4 BMA JA . 42.15 -49.99 -3.89
C5 BMA JA . 41.57 -48.99 -2.89
C6 BMA JA . 42.17 -47.59 -3.00
O2 BMA JA . 40.05 -47.98 -5.63
O3 BMA JA . 42.24 -49.24 -6.23
O4 BMA JA . 42.02 -51.31 -3.42
O5 BMA JA . 40.15 -48.89 -2.91
O6 BMA JA . 41.41 -46.73 -2.18
C1 FUC JA . 31.64 -48.19 -1.87
C2 FUC JA . 32.48 -47.07 -2.49
C3 FUC JA . 31.58 -46.07 -3.23
C4 FUC JA . 30.54 -45.52 -2.25
C5 FUC JA . 29.78 -46.68 -1.61
C6 FUC JA . 28.82 -46.26 -0.53
O2 FUC JA . 33.44 -47.65 -3.34
O3 FUC JA . 32.41 -45.08 -3.78
O4 FUC JA . 31.19 -44.70 -1.32
O5 FUC JA . 30.69 -47.61 -1.01
C1 NAG KA . 36.95 -29.72 -43.01
C2 NAG KA . 37.86 -29.24 -44.15
C3 NAG KA . 39.31 -29.64 -43.87
C4 NAG KA . 39.73 -29.20 -42.47
C5 NAG KA . 38.72 -29.70 -41.45
C6 NAG KA . 39.03 -29.31 -40.02
C7 NAG KA . 36.64 -29.16 -46.29
C8 NAG KA . 36.31 -29.95 -47.54
N2 NAG KA . 37.42 -29.80 -45.40
O3 NAG KA . 40.11 -29.07 -44.87
O4 NAG KA . 41.02 -29.73 -42.23
O5 NAG KA . 37.43 -29.20 -41.79
O6 NAG KA . 39.30 -27.93 -39.95
O7 NAG KA . 36.22 -28.02 -46.14
C1 NAG LA . -11.91 -43.23 -46.46
C2 NAG LA . -12.44 -41.84 -46.10
C3 NAG LA . -13.97 -41.80 -46.19
C4 NAG LA . -14.44 -42.36 -47.53
C5 NAG LA . -13.86 -43.76 -47.72
C6 NAG LA . -14.29 -44.44 -48.99
C7 NAG LA . -11.43 -40.30 -44.44
C8 NAG LA . -11.21 -39.32 -45.58
N2 NAG LA . -12.02 -41.46 -44.79
O3 NAG LA . -14.38 -40.49 -45.98
O4 NAG LA . -15.85 -42.37 -47.49
O5 NAG LA . -12.45 -43.65 -47.70
O6 NAG LA . -13.91 -43.66 -50.10
O7 NAG LA . -11.09 -40.04 -43.30
C1 NAG MA . 16.83 -61.15 -8.55
C2 NAG MA . 17.34 -61.89 -7.32
C3 NAG MA . 16.57 -63.21 -7.16
C4 NAG MA . 15.07 -62.92 -7.12
C5 NAG MA . 14.68 -62.09 -8.36
C6 NAG MA . 13.21 -61.72 -8.41
C7 NAG MA . 19.68 -61.58 -6.58
C8 NAG MA . 19.14 -60.66 -5.51
N2 NAG MA . 18.76 -62.13 -7.40
O3 NAG MA . 17.02 -63.83 -5.99
O4 NAG MA . 14.42 -64.17 -7.09
O5 NAG MA . 15.46 -60.91 -8.40
O6 NAG MA . 12.43 -62.88 -8.58
O7 NAG MA . 20.88 -61.80 -6.68
C1 NAG NA . 24.60 -2.06 -38.69
C2 NAG NA . 25.05 -1.95 -40.16
C3 NAG NA . 25.96 -0.73 -40.34
C4 NAG NA . 25.25 0.52 -39.81
C5 NAG NA . 24.80 0.28 -38.36
C6 NAG NA . 24.06 1.45 -37.76
C7 NAG NA . 25.21 -4.12 -41.35
C8 NAG NA . 23.79 -3.91 -41.80
N2 NAG NA . 25.74 -3.15 -40.58
O3 NAG NA . 26.27 -0.63 -41.70
O4 NAG NA . 26.17 1.58 -39.90
O5 NAG NA . 23.97 -0.86 -38.32
O6 NAG NA . 24.92 2.55 -37.63
O7 NAG NA . 25.83 -5.11 -41.69
C1 NAG OA . -26.44 -30.14 -22.36
C2 NAG OA . -27.40 -31.28 -22.72
C3 NAG OA . -28.81 -30.72 -22.94
C4 NAG OA . -29.24 -29.89 -21.73
C5 NAG OA . -28.18 -28.82 -21.45
C6 NAG OA . -28.50 -27.97 -20.25
C7 NAG OA . -26.37 -33.20 -23.91
C8 NAG OA . -26.16 -33.84 -22.56
N2 NAG OA . -26.96 -31.99 -23.89
O3 NAG OA . -29.66 -31.81 -23.16
O4 NAG OA . -30.49 -29.33 -22.03
O5 NAG OA . -26.93 -29.45 -21.24
O6 NAG OA . -29.63 -27.17 -20.51
O7 NAG OA . -26.01 -33.76 -24.93
C1 NAG PA . 24.06 -37.76 10.22
C2 NAG PA . 25.20 -38.73 10.56
C3 NAG PA . 25.22 -39.00 12.05
C4 NAG PA . 25.26 -37.68 12.83
C5 NAG PA . 24.12 -36.77 12.36
C6 NAG PA . 24.10 -35.42 13.04
C7 NAG PA . 25.81 -40.31 8.75
C8 NAG PA . 26.83 -39.30 8.30
N2 NAG PA . 25.08 -39.96 9.83
O3 NAG PA . 26.32 -39.82 12.33
O4 NAG PA . 25.16 -37.99 14.20
O5 NAG PA . 24.21 -36.58 10.97
O6 NAG PA . 23.80 -35.56 14.40
O7 NAG PA . 25.67 -41.37 8.17
#